data_4ZO8
#
_entry.id   4ZO8
#
_cell.length_a   89.580
_cell.length_b   94.730
_cell.length_c   215.112
_cell.angle_alpha   90.000
_cell.angle_beta   96.290
_cell.angle_gamma   90.000
#
_symmetry.space_group_name_H-M   'I 1 2 1'
#
loop_
_entity.id
_entity.type
_entity.pdbx_description
1 polymer 'Lin1840 protein'
2 branched beta-D-glucopyranose-(1-2)-beta-D-glucopyranose
3 non-polymer 'MAGNESIUM ION'
4 water water
#
_entity_poly.entity_id   1
_entity_poly.type   'polypeptide(L)'
_entity_poly.pdbx_seq_one_letter_code
;MEQEKVQELVSQMTLDEKIAQCLQLSPFLFKGTNKNAELTGPLLQEMKLTDAHTENAGSVLGSSSALDMIGIQEAYLKTN
RLGIPLVFMADVIHGYKTVFPIPLALGCSFDRETVRVMAEVSALEATADGHHVTFSPMLDLVRDPRWGRVMESTGEDPFL
NSELGKAMVDGYQGDASKLNENLEQMAACVKHFAAYGAAEAGLEYNTVNMSTRELYQNYLPAYNAAIQAGAKLVMTAFNV
VDGIPATMNKWLNRDVLRGEMEFDGVLISAWGAVAEVINHGTARNPKEAAQFSMEAGVDLEMMTTCYIHELKGLIEEGKL
SENLLDEAVLRMLNLKNDLGLFEDPYRGLKNNDRTKDILTDESRGKARAAGVESAVLLENKSRLLPLAKEAKIALVGPLA
TSPDILGGWNVYGEEKDGINVETGLREVFETVEVVSTEYTELSEEDKVAVKAAVQNMDVVVLALGEKNEWGGEAGSLATI
RLPEAQYQLAKFVQTLGKPVVITLFNGRPLEVKELAESSDALLELWFPGTEAGRVTADLLSGASNPSGKLSMSFPQTTGQ
IPVYYNHLRTGRPQTPENKGERYVSHYLDIPNEPFYPFGYGKSYSEFELKTSSLPKELNLGESLHVEVTIKNISDIAGKE
VIQVYLQDVTASISRPVKELKAFEKVALQAGEEKTVTFELTSEAFSFYNHQLEKVQEPGLHRVFVGTSSEDVDVFEVEVG
GYVLEHHHHHH
;
_entity_poly.pdbx_strand_id   A,B
#
loop_
_chem_comp.id
_chem_comp.type
_chem_comp.name
_chem_comp.formula
BGC D-saccharide, beta linking beta-D-glucopyranose 'C6 H12 O6'
MG non-polymer 'MAGNESIUM ION' 'Mg 2'
#
# COMPACT_ATOMS: atom_id res chain seq x y z
N MET A 1 14.51 5.33 -46.91
CA MET A 1 14.33 6.42 -47.91
C MET A 1 14.36 7.78 -47.25
N GLU A 2 14.47 8.82 -48.06
CA GLU A 2 14.62 10.17 -47.54
C GLU A 2 13.32 10.72 -46.92
N GLN A 3 13.50 11.60 -45.94
CA GLN A 3 12.41 12.16 -45.16
C GLN A 3 11.31 12.75 -46.01
N GLU A 4 11.71 13.54 -47.01
CA GLU A 4 10.74 14.17 -47.92
C GLU A 4 9.77 13.13 -48.48
N LYS A 5 10.32 11.98 -48.84
CA LYS A 5 9.49 10.88 -49.36
C LYS A 5 8.54 10.31 -48.30
N VAL A 6 8.98 10.26 -47.04
CA VAL A 6 8.11 9.83 -45.95
C VAL A 6 6.93 10.83 -45.79
N GLN A 7 7.22 12.13 -45.74
CA GLN A 7 6.14 13.14 -45.61
C GLN A 7 5.19 13.07 -46.81
N GLU A 8 5.76 12.92 -47.99
CA GLU A 8 5.01 12.71 -49.23
C GLU A 8 3.93 11.64 -49.03
N LEU A 9 4.32 10.49 -48.47
CA LEU A 9 3.36 9.39 -48.21
C LEU A 9 2.17 9.82 -47.36
N VAL A 10 2.46 10.60 -46.32
CA VAL A 10 1.42 11.06 -45.42
C VAL A 10 0.40 11.91 -46.18
N SER A 11 0.89 12.89 -46.95
CA SER A 11 0.04 13.72 -47.81
C SER A 11 -0.77 12.92 -48.80
N GLN A 12 -0.19 11.83 -49.31
CA GLN A 12 -0.86 11.03 -50.36
C GLN A 12 -1.93 10.09 -49.80
N MET A 13 -1.85 9.77 -48.50
CA MET A 13 -2.80 8.85 -47.87
C MET A 13 -4.17 9.49 -47.73
N THR A 14 -5.21 8.69 -47.84
CA THR A 14 -6.53 9.15 -47.54
C THR A 14 -6.75 9.08 -46.05
N LEU A 15 -7.77 9.80 -45.59
CA LEU A 15 -8.17 9.76 -44.19
C LEU A 15 -8.35 8.32 -43.68
N ASP A 16 -9.11 7.51 -44.40
CA ASP A 16 -9.34 6.13 -43.96
C ASP A 16 -8.03 5.34 -43.89
N GLU A 17 -7.11 5.64 -44.80
CA GLU A 17 -5.75 5.01 -44.78
C GLU A 17 -4.92 5.40 -43.55
N LYS A 18 -4.94 6.69 -43.22
CA LYS A 18 -4.30 7.22 -42.02
C LYS A 18 -4.82 6.63 -40.71
N ILE A 19 -6.14 6.48 -40.61
CA ILE A 19 -6.82 5.93 -39.44
C ILE A 19 -6.38 4.48 -39.23
N ALA A 20 -6.37 3.68 -40.30
CA ALA A 20 -6.06 2.26 -40.20
C ALA A 20 -4.55 1.99 -39.95
N GLN A 21 -3.71 2.92 -40.38
CA GLN A 21 -2.27 2.89 -40.03
C GLN A 21 -2.03 2.89 -38.50
N CYS A 22 -2.99 3.41 -37.76
CA CYS A 22 -2.93 3.45 -36.30
C CYS A 22 -3.57 2.23 -35.62
N LEU A 23 -3.73 1.12 -36.33
CA LEU A 23 -4.34 -0.08 -35.77
C LEU A 23 -3.34 -1.22 -35.81
N GLN A 24 -3.23 -1.98 -34.72
CA GLN A 24 -2.42 -3.25 -34.71
C GLN A 24 -3.31 -4.48 -34.51
N LEU A 25 -3.03 -5.53 -35.29
CA LEU A 25 -3.85 -6.73 -35.26
C LEU A 25 -3.04 -7.98 -35.18
N SER A 26 -3.69 -9.05 -34.68
CA SER A 26 -3.07 -10.35 -34.64
C SER A 26 -2.87 -10.89 -36.04
N PRO A 27 -1.91 -11.83 -36.24
CA PRO A 27 -1.51 -12.18 -37.62
C PRO A 27 -2.63 -12.86 -38.41
N PHE A 28 -3.42 -13.68 -37.72
CA PHE A 28 -4.47 -14.45 -38.36
C PHE A 28 -5.70 -13.58 -38.64
N LEU A 29 -5.65 -12.26 -38.40
CA LEU A 29 -6.70 -11.35 -38.92
C LEU A 29 -6.33 -10.88 -40.33
N PHE A 30 -5.15 -11.27 -40.84
CA PHE A 30 -4.69 -10.88 -42.14
C PHE A 30 -4.75 -12.12 -43.05
N LYS A 31 -5.04 -11.88 -44.31
CA LYS A 31 -4.78 -12.80 -45.38
C LYS A 31 -3.28 -13.07 -45.49
N GLY A 32 -2.97 -14.33 -45.79
CA GLY A 32 -1.61 -14.74 -46.01
C GLY A 32 -1.02 -15.35 -44.75
N THR A 33 -1.72 -15.27 -43.62
CA THR A 33 -1.24 -15.99 -42.45
C THR A 33 -1.12 -17.52 -42.72
N ASN A 34 -0.24 -18.20 -42.02
CA ASN A 34 -0.11 -19.63 -42.18
C ASN A 34 -0.33 -20.38 -40.90
N LYS A 35 -1.11 -19.80 -39.99
CA LYS A 35 -1.51 -20.46 -38.74
C LYS A 35 -2.82 -19.84 -38.22
N ASN A 36 -3.65 -20.64 -37.55
CA ASN A 36 -4.90 -20.17 -36.84
C ASN A 36 -6.00 -19.55 -37.74
N ALA A 37 -5.94 -19.87 -39.04
CA ALA A 37 -6.91 -19.39 -40.02
C ALA A 37 -8.39 -19.66 -39.62
N GLU A 38 -8.62 -20.67 -38.82
CA GLU A 38 -9.97 -20.94 -38.31
C GLU A 38 -10.49 -19.89 -37.31
N LEU A 39 -9.55 -19.12 -36.74
CA LEU A 39 -9.92 -18.01 -35.86
C LEU A 39 -10.31 -16.73 -36.66
N THR A 40 -9.95 -16.68 -37.94
CA THR A 40 -10.03 -15.42 -38.73
C THR A 40 -11.42 -14.92 -39.05
N GLY A 41 -12.28 -15.81 -39.53
CA GLY A 41 -13.67 -15.42 -39.88
C GLY A 41 -14.53 -14.96 -38.71
N PRO A 42 -14.70 -15.83 -37.70
CA PRO A 42 -15.41 -15.35 -36.53
C PRO A 42 -14.92 -13.99 -35.98
N LEU A 43 -13.62 -13.88 -35.76
CA LEU A 43 -13.05 -12.70 -35.08
C LEU A 43 -13.13 -11.43 -35.95
N LEU A 44 -12.83 -11.52 -37.22
CA LEU A 44 -13.09 -10.36 -38.12
C LEU A 44 -14.52 -9.82 -37.96
N GLN A 45 -15.48 -10.73 -37.78
CA GLN A 45 -16.93 -10.36 -37.68
C GLN A 45 -17.25 -9.64 -36.34
N GLU A 46 -16.71 -10.21 -35.26
CA GLU A 46 -16.80 -9.68 -33.89
C GLU A 46 -16.20 -8.29 -33.72
N MET A 47 -15.04 -8.05 -34.36
CA MET A 47 -14.39 -6.75 -34.37
C MET A 47 -14.92 -5.84 -35.46
N LYS A 48 -15.72 -6.44 -36.33
CA LYS A 48 -16.41 -5.75 -37.44
C LYS A 48 -15.39 -5.12 -38.34
N LEU A 49 -14.37 -5.93 -38.62
CA LEU A 49 -13.28 -5.51 -39.49
C LEU A 49 -13.56 -5.97 -40.94
N THR A 50 -13.14 -5.16 -41.91
CA THR A 50 -13.35 -5.37 -43.32
C THR A 50 -11.97 -5.47 -43.98
N ASP A 51 -11.91 -5.72 -45.28
CA ASP A 51 -10.66 -5.71 -46.02
C ASP A 51 -10.06 -4.33 -46.04
N ALA A 52 -10.90 -3.32 -46.23
CA ALA A 52 -10.39 -1.96 -46.27
C ALA A 52 -9.60 -1.69 -44.96
N HIS A 53 -10.00 -2.35 -43.87
CA HIS A 53 -9.29 -2.14 -42.58
C HIS A 53 -7.97 -2.88 -42.55
N THR A 54 -8.02 -4.16 -42.90
CA THR A 54 -6.86 -5.05 -42.76
C THR A 54 -5.82 -4.82 -43.85
N GLU A 55 -6.26 -4.41 -45.03
CA GLU A 55 -5.33 -4.07 -46.11
C GLU A 55 -4.61 -2.75 -45.88
N ASN A 56 -5.09 -2.00 -44.91
CA ASN A 56 -4.43 -0.76 -44.49
C ASN A 56 -3.94 -0.70 -43.01
N ALA A 57 -4.17 -1.76 -42.22
CA ALA A 57 -3.63 -1.87 -40.87
C ALA A 57 -2.17 -1.52 -40.82
N GLY A 58 -1.76 -0.96 -39.69
CA GLY A 58 -0.41 -0.47 -39.54
C GLY A 58 0.55 -1.51 -39.06
N SER A 59 0.07 -2.43 -38.23
CA SER A 59 1.04 -3.29 -37.53
C SER A 59 0.47 -4.67 -37.23
N VAL A 60 1.36 -5.67 -37.26
CA VAL A 60 1.03 -7.04 -36.81
C VAL A 60 1.64 -7.29 -35.43
N LEU A 61 0.84 -7.91 -34.55
CA LEU A 61 1.20 -8.29 -33.19
C LEU A 61 1.28 -9.80 -33.07
N GLY A 62 2.45 -10.32 -32.76
CA GLY A 62 2.57 -11.74 -32.42
C GLY A 62 2.54 -12.72 -33.58
N SER A 63 3.27 -12.41 -34.65
CA SER A 63 3.48 -13.34 -35.78
C SER A 63 4.02 -14.67 -35.18
N SER A 64 3.65 -15.79 -35.78
CA SER A 64 4.00 -17.09 -35.20
C SER A 64 5.33 -17.64 -35.72
N SER A 65 5.80 -17.17 -36.89
CA SER A 65 7.11 -17.56 -37.49
C SER A 65 7.50 -16.66 -38.68
N ALA A 66 8.71 -16.87 -39.18
CA ALA A 66 9.19 -16.16 -40.39
C ALA A 66 8.22 -16.36 -41.56
N LEU A 67 7.76 -17.58 -41.78
CA LEU A 67 6.77 -17.87 -42.82
C LEU A 67 5.44 -17.13 -42.65
N ASP A 68 5.00 -16.94 -41.41
CA ASP A 68 3.77 -16.26 -41.13
C ASP A 68 4.00 -14.82 -41.63
N MET A 69 5.06 -14.20 -41.13
CA MET A 69 5.43 -12.83 -41.52
C MET A 69 5.53 -12.68 -43.05
N ILE A 70 6.35 -13.50 -43.66
CA ILE A 70 6.60 -13.37 -45.12
C ILE A 70 5.29 -13.40 -45.88
N GLY A 71 4.45 -14.39 -45.56
CA GLY A 71 3.15 -14.60 -46.16
C GLY A 71 2.20 -13.44 -45.97
N ILE A 72 2.13 -12.92 -44.74
CA ILE A 72 1.24 -11.85 -44.40
C ILE A 72 1.63 -10.59 -45.16
N GLN A 73 2.94 -10.30 -45.13
CA GLN A 73 3.55 -9.13 -45.72
C GLN A 73 3.45 -9.13 -47.25
N GLU A 74 3.60 -10.32 -47.83
CA GLU A 74 3.53 -10.48 -49.28
C GLU A 74 2.13 -10.24 -49.78
N ALA A 75 1.16 -10.91 -49.16
CA ALA A 75 -0.26 -10.65 -49.44
C ALA A 75 -0.66 -9.20 -49.22
N TYR A 76 -0.19 -8.59 -48.14
CA TYR A 76 -0.51 -7.20 -47.81
C TYR A 76 0.06 -6.19 -48.85
N LEU A 77 1.33 -6.36 -49.24
CA LEU A 77 1.93 -5.51 -50.26
C LEU A 77 1.34 -5.73 -51.67
N LYS A 78 0.74 -6.87 -51.92
CA LYS A 78 -0.01 -7.07 -53.14
C LYS A 78 -1.14 -6.03 -53.29
N THR A 79 -1.86 -5.77 -52.20
CA THR A 79 -3.10 -5.03 -52.23
C THR A 79 -3.06 -3.60 -51.62
N ASN A 80 -1.99 -3.28 -50.88
CA ASN A 80 -1.81 -1.99 -50.32
C ASN A 80 -1.54 -0.92 -51.37
N ARG A 81 -2.35 0.12 -51.39
CA ARG A 81 -2.28 1.10 -52.47
C ARG A 81 -0.96 1.87 -52.62
N LEU A 82 -0.39 2.37 -51.52
CA LEU A 82 0.88 3.11 -51.59
C LEU A 82 2.17 2.32 -51.28
N GLY A 83 2.06 1.02 -51.00
CA GLY A 83 3.28 0.23 -50.70
C GLY A 83 3.88 0.50 -49.33
N ILE A 84 3.04 0.77 -48.33
CA ILE A 84 3.52 0.89 -46.95
C ILE A 84 3.58 -0.52 -46.28
N PRO A 85 4.80 -1.06 -46.00
CA PRO A 85 4.89 -2.34 -45.31
C PRO A 85 4.35 -2.32 -43.87
N LEU A 86 3.96 -3.50 -43.40
CA LEU A 86 3.57 -3.71 -42.01
C LEU A 86 4.81 -3.74 -41.19
N VAL A 87 4.68 -3.27 -39.96
CA VAL A 87 5.71 -3.51 -38.95
C VAL A 87 5.17 -4.63 -38.05
N PHE A 88 6.04 -5.63 -37.79
CA PHE A 88 5.80 -6.83 -36.98
C PHE A 88 6.42 -6.71 -35.59
N MET A 89 5.57 -6.79 -34.56
CA MET A 89 6.02 -6.59 -33.14
C MET A 89 5.77 -7.87 -32.32
N ALA A 90 6.61 -8.12 -31.32
CA ALA A 90 6.44 -9.32 -30.49
C ALA A 90 7.00 -9.12 -29.09
N ASP A 91 6.53 -9.98 -28.19
CA ASP A 91 6.97 -10.10 -26.82
C ASP A 91 8.18 -11.04 -26.74
N VAL A 92 9.36 -10.49 -26.86
CA VAL A 92 10.61 -11.18 -26.58
C VAL A 92 11.14 -10.51 -25.31
N ILE A 93 10.86 -11.18 -24.18
CA ILE A 93 10.99 -10.64 -22.84
C ILE A 93 12.28 -11.11 -22.17
N HIS A 94 12.55 -12.38 -22.26
CA HIS A 94 13.83 -12.88 -21.73
C HIS A 94 14.33 -14.01 -22.62
N GLY A 95 14.33 -13.72 -23.90
CA GLY A 95 14.71 -14.67 -24.91
C GLY A 95 13.62 -15.09 -25.88
N TYR A 96 14.08 -15.47 -27.06
CA TYR A 96 13.21 -15.98 -28.08
C TYR A 96 13.01 -17.50 -28.02
N LYS A 97 13.88 -18.27 -28.66
CA LYS A 97 13.87 -19.75 -28.54
C LYS A 97 14.88 -20.24 -27.50
N THR A 98 16.07 -19.64 -27.50
CA THR A 98 16.96 -19.78 -26.37
C THR A 98 16.42 -18.89 -25.24
N VAL A 99 15.87 -19.56 -24.23
CA VAL A 99 15.26 -18.82 -23.14
C VAL A 99 16.29 -18.54 -22.04
N PHE A 100 16.44 -17.27 -21.72
CA PHE A 100 17.29 -16.84 -20.65
C PHE A 100 16.48 -16.73 -19.35
N PRO A 101 17.18 -16.45 -18.24
CA PRO A 101 16.43 -16.28 -16.97
C PRO A 101 15.41 -15.16 -17.02
N ILE A 102 14.36 -15.29 -16.21
CA ILE A 102 13.36 -14.23 -16.11
C ILE A 102 14.01 -12.92 -15.68
N PRO A 103 13.39 -11.76 -16.03
CA PRO A 103 14.15 -10.53 -15.77
C PRO A 103 14.50 -10.30 -14.33
N LEU A 104 13.67 -10.77 -13.40
CA LEU A 104 13.88 -10.49 -11.98
C LEU A 104 15.17 -11.25 -11.60
N ALA A 105 15.38 -12.41 -12.21
CA ALA A 105 16.59 -13.19 -11.97
C ALA A 105 17.80 -12.48 -12.60
N LEU A 106 17.62 -11.90 -13.79
CA LEU A 106 18.64 -11.07 -14.40
C LEU A 106 18.94 -9.85 -13.53
N GLY A 107 17.93 -9.31 -12.88
CA GLY A 107 18.21 -8.25 -11.87
C GLY A 107 19.26 -8.74 -10.87
N CYS A 108 19.07 -9.93 -10.32
CA CYS A 108 20.02 -10.49 -9.30
C CYS A 108 21.49 -10.70 -9.76
N SER A 109 21.68 -10.76 -11.08
CA SER A 109 23.04 -10.82 -11.65
C SER A 109 23.87 -9.59 -11.31
N PHE A 110 23.20 -8.43 -11.15
CA PHE A 110 23.88 -7.15 -11.00
C PHE A 110 24.92 -6.99 -12.11
N ASP A 111 24.65 -7.60 -13.28
CA ASP A 111 25.64 -7.65 -14.36
C ASP A 111 25.10 -7.08 -15.68
N ARG A 112 25.52 -5.88 -16.01
CA ARG A 112 25.06 -5.17 -17.18
C ARG A 112 25.31 -5.95 -18.46
N GLU A 113 26.51 -6.51 -18.59
CA GLU A 113 26.92 -7.25 -19.81
C GLU A 113 26.09 -8.54 -19.97
N THR A 114 25.80 -9.23 -18.88
CA THR A 114 24.89 -10.39 -18.95
C THR A 114 23.55 -9.99 -19.66
N VAL A 115 23.00 -8.85 -19.26
CA VAL A 115 21.70 -8.38 -19.71
C VAL A 115 21.75 -7.93 -21.18
N ARG A 116 22.82 -7.25 -21.57
CA ARG A 116 23.05 -6.87 -22.97
C ARG A 116 23.17 -8.11 -23.86
N VAL A 117 23.86 -9.14 -23.38
CA VAL A 117 24.06 -10.36 -24.17
C VAL A 117 22.73 -11.11 -24.39
N MET A 118 21.94 -11.24 -23.32
CA MET A 118 20.57 -11.83 -23.39
C MET A 118 19.79 -11.07 -24.49
N ALA A 119 19.82 -9.73 -24.42
CA ALA A 119 19.08 -8.88 -25.36
C ALA A 119 19.61 -9.06 -26.77
N GLU A 120 20.94 -9.11 -26.93
CA GLU A 120 21.53 -9.39 -28.27
C GLU A 120 21.11 -10.73 -28.90
N VAL A 121 21.20 -11.81 -28.13
CA VAL A 121 20.83 -13.14 -28.62
C VAL A 121 19.34 -13.16 -28.91
N SER A 122 18.58 -12.52 -28.05
CA SER A 122 17.13 -12.46 -28.27
C SER A 122 16.82 -11.86 -29.64
N ALA A 123 17.46 -10.72 -29.94
CA ALA A 123 17.23 -10.01 -31.22
C ALA A 123 17.72 -10.83 -32.42
N LEU A 124 18.92 -11.41 -32.30
CA LEU A 124 19.47 -12.31 -33.33
C LEU A 124 18.43 -13.34 -33.73
N GLU A 125 17.85 -14.02 -32.74
CA GLU A 125 16.84 -15.05 -33.00
C GLU A 125 15.49 -14.51 -33.47
N ALA A 126 15.04 -13.44 -32.84
CA ALA A 126 13.71 -12.88 -33.14
C ALA A 126 13.70 -12.27 -34.53
N THR A 127 14.77 -11.58 -34.89
CA THR A 127 14.90 -11.07 -36.28
C THR A 127 14.96 -12.20 -37.29
N ALA A 128 15.62 -13.30 -36.93
CA ALA A 128 15.61 -14.51 -37.80
C ALA A 128 14.21 -15.10 -38.01
N ASP A 129 13.28 -14.81 -37.12
CA ASP A 129 11.90 -15.27 -37.33
C ASP A 129 11.00 -14.16 -37.76
N GLY A 130 11.62 -13.04 -38.14
CA GLY A 130 10.92 -11.94 -38.81
C GLY A 130 10.24 -10.90 -37.94
N HIS A 131 10.61 -10.81 -36.65
CA HIS A 131 10.12 -9.75 -35.77
C HIS A 131 11.00 -8.50 -35.81
N HIS A 132 10.38 -7.33 -35.91
CA HIS A 132 11.08 -6.04 -35.98
C HIS A 132 11.19 -5.31 -34.65
N VAL A 133 10.19 -5.50 -33.79
CA VAL A 133 10.07 -4.82 -32.50
C VAL A 133 9.84 -5.85 -31.41
N THR A 134 10.50 -5.65 -30.27
CA THR A 134 10.19 -6.40 -29.06
C THR A 134 9.56 -5.53 -28.00
N PHE A 135 8.57 -6.05 -27.28
CA PHE A 135 7.95 -5.31 -26.17
C PHE A 135 8.72 -5.54 -24.88
N SER A 136 9.95 -5.06 -24.92
CA SER A 136 10.91 -5.14 -23.80
C SER A 136 11.93 -3.99 -23.98
N PRO A 137 12.53 -3.50 -22.90
CA PRO A 137 12.42 -3.89 -21.51
C PRO A 137 11.15 -3.42 -20.75
N MET A 138 10.74 -4.24 -19.79
CA MET A 138 9.74 -3.86 -18.82
C MET A 138 10.48 -3.21 -17.64
N LEU A 139 10.17 -1.94 -17.39
CA LEU A 139 10.90 -1.11 -16.42
C LEU A 139 10.05 -0.60 -15.26
N ASP A 140 8.95 -1.30 -14.99
CA ASP A 140 8.10 -0.97 -13.84
C ASP A 140 8.82 -1.28 -12.50
N LEU A 141 9.13 -0.25 -11.70
CA LEU A 141 9.59 -0.48 -10.30
C LEU A 141 8.55 -1.33 -9.53
N VAL A 142 9.09 -2.30 -8.77
CA VAL A 142 8.27 -3.23 -7.98
C VAL A 142 8.68 -3.31 -6.51
N ARG A 143 7.68 -3.08 -5.63
CA ARG A 143 7.80 -3.25 -4.20
C ARG A 143 6.87 -4.31 -3.60
N ASP A 144 6.09 -4.97 -4.44
CA ASP A 144 5.00 -5.80 -4.01
C ASP A 144 5.03 -7.15 -4.72
N PRO A 145 5.62 -8.16 -4.09
CA PRO A 145 5.69 -9.49 -4.67
C PRO A 145 4.35 -10.27 -4.81
N ARG A 146 3.24 -9.74 -4.29
CA ARG A 146 1.93 -10.33 -4.65
C ARG A 146 1.68 -10.25 -6.15
N TRP A 147 2.14 -9.19 -6.78
CA TRP A 147 1.91 -8.88 -8.21
C TRP A 147 2.66 -9.85 -9.06
N GLY A 148 1.97 -10.58 -9.93
CA GLY A 148 2.61 -11.60 -10.74
C GLY A 148 3.65 -11.11 -11.68
N ARG A 149 3.56 -9.81 -12.02
CA ARG A 149 4.47 -9.24 -13.02
C ARG A 149 5.82 -8.79 -12.49
N VAL A 150 6.11 -8.98 -11.23
CA VAL A 150 7.47 -8.78 -10.71
C VAL A 150 8.52 -9.55 -11.47
N MET A 151 8.15 -10.72 -11.97
CA MET A 151 9.03 -11.54 -12.75
C MET A 151 9.63 -10.82 -13.96
N GLU A 152 8.94 -9.79 -14.45
CA GLU A 152 9.37 -9.05 -15.67
C GLU A 152 10.19 -7.80 -15.37
N SER A 153 10.24 -7.42 -14.12
CA SER A 153 11.03 -6.29 -13.69
C SER A 153 12.37 -6.78 -13.17
N THR A 154 13.32 -5.86 -13.04
CA THR A 154 14.62 -6.14 -12.38
C THR A 154 14.59 -5.81 -10.89
N GLY A 155 13.46 -5.33 -10.40
CA GLY A 155 13.28 -5.25 -8.95
C GLY A 155 12.93 -3.94 -8.28
N GLU A 156 13.30 -3.81 -6.99
CA GLU A 156 12.90 -2.66 -6.18
C GLU A 156 13.79 -1.39 -6.25
N ASP A 157 14.89 -1.39 -7.00
CA ASP A 157 15.79 -0.23 -7.04
C ASP A 157 15.77 0.47 -8.39
N PRO A 158 15.43 1.75 -8.45
CA PRO A 158 15.39 2.49 -9.70
C PRO A 158 16.74 2.55 -10.39
N PHE A 159 17.83 2.69 -9.64
CA PHE A 159 19.19 2.77 -10.27
C PHE A 159 19.59 1.50 -10.97
N LEU A 160 19.50 0.38 -10.26
CA LEU A 160 19.67 -0.89 -10.92
C LEU A 160 18.77 -1.03 -12.14
N ASN A 161 17.46 -0.81 -11.93
CA ASN A 161 16.53 -0.97 -13.07
C ASN A 161 16.91 -0.11 -14.29
N SER A 162 17.36 1.10 -14.02
CA SER A 162 17.78 2.04 -15.08
C SER A 162 18.97 1.53 -15.83
N GLU A 163 19.95 1.02 -15.08
CA GLU A 163 21.19 0.55 -15.66
C GLU A 163 20.98 -0.69 -16.48
N LEU A 164 20.22 -1.65 -15.98
CA LEU A 164 19.96 -2.87 -16.77
C LEU A 164 18.97 -2.60 -17.91
N GLY A 165 18.08 -1.62 -17.68
CA GLY A 165 17.22 -1.11 -18.74
C GLY A 165 18.02 -0.63 -19.96
N LYS A 166 19.02 0.18 -19.72
CA LYS A 166 19.93 0.66 -20.76
C LYS A 166 20.71 -0.45 -21.43
N ALA A 167 21.26 -1.35 -20.62
CA ALA A 167 21.85 -2.56 -21.16
C ALA A 167 20.93 -3.34 -22.10
N MET A 168 19.64 -3.46 -21.79
CA MET A 168 18.74 -4.23 -22.67
C MET A 168 18.49 -3.54 -23.99
N VAL A 169 18.22 -2.24 -23.93
CA VAL A 169 18.04 -1.41 -25.14
C VAL A 169 19.27 -1.52 -26.06
N ASP A 170 20.47 -1.30 -25.49
CA ASP A 170 21.72 -1.43 -26.24
C ASP A 170 21.86 -2.85 -26.85
N GLY A 171 21.58 -3.89 -26.08
CA GLY A 171 21.64 -5.27 -26.63
C GLY A 171 20.65 -5.56 -27.74
N TYR A 172 19.41 -5.07 -27.62
CA TYR A 172 18.37 -5.31 -28.68
C TYR A 172 18.69 -4.45 -29.91
N GLN A 173 19.07 -3.19 -29.69
CA GLN A 173 19.03 -2.21 -30.76
C GLN A 173 20.37 -1.97 -31.39
N GLY A 174 21.44 -2.11 -30.62
CA GLY A 174 22.76 -1.65 -31.04
C GLY A 174 22.70 -0.15 -31.27
N ASP A 175 23.41 0.30 -32.29
CA ASP A 175 23.36 1.69 -32.68
C ASP A 175 22.01 1.94 -33.31
N ALA A 176 21.12 2.61 -32.59
CA ALA A 176 19.71 2.80 -33.02
C ALA A 176 19.57 3.48 -34.38
N SER A 177 20.48 4.37 -34.71
CA SER A 177 20.43 5.10 -36.00
C SER A 177 20.80 4.25 -37.21
N LYS A 178 21.12 2.98 -37.00
CA LYS A 178 21.48 2.03 -38.06
C LYS A 178 20.59 0.78 -38.11
N LEU A 179 19.39 0.87 -37.55
CA LEU A 179 18.43 -0.26 -37.59
C LEU A 179 17.93 -0.57 -39.00
N ASN A 180 18.19 0.31 -39.97
CA ASN A 180 17.92 -0.02 -41.39
C ASN A 180 19.01 -0.89 -42.01
N GLU A 181 20.20 -0.91 -41.37
CA GLU A 181 21.35 -1.71 -41.81
C GLU A 181 21.65 -2.95 -40.98
N ASN A 182 21.49 -2.88 -39.68
CA ASN A 182 21.90 -3.98 -38.79
C ASN A 182 20.66 -4.81 -38.56
N LEU A 183 20.40 -5.74 -39.48
CA LEU A 183 19.15 -6.49 -39.49
C LEU A 183 19.07 -7.71 -38.52
N GLU A 184 20.09 -7.88 -37.70
CA GLU A 184 20.09 -8.82 -36.53
C GLU A 184 19.76 -8.13 -35.19
N GLN A 185 19.63 -6.80 -35.24
CA GLN A 185 19.14 -5.97 -34.12
C GLN A 185 17.72 -5.58 -34.43
N MET A 186 16.98 -5.14 -33.41
CA MET A 186 15.55 -4.82 -33.53
C MET A 186 15.21 -3.67 -32.62
N ALA A 187 14.07 -3.05 -32.86
CA ALA A 187 13.59 -1.94 -32.05
C ALA A 187 13.11 -2.46 -30.72
N ALA A 188 13.37 -1.66 -29.71
CA ALA A 188 12.99 -1.92 -28.31
C ALA A 188 11.83 -1.02 -28.01
N CYS A 189 10.94 -1.52 -27.18
CA CYS A 189 9.78 -0.79 -26.70
C CYS A 189 9.73 -0.86 -25.19
N VAL A 190 10.02 0.28 -24.58
CA VAL A 190 9.92 0.46 -23.14
C VAL A 190 8.47 0.26 -22.66
N LYS A 191 8.25 -0.49 -21.57
CA LYS A 191 6.86 -0.59 -21.01
C LYS A 191 6.94 -0.66 -19.47
N HIS A 192 5.87 -0.41 -18.75
CA HIS A 192 4.55 0.05 -19.20
C HIS A 192 4.45 1.46 -18.66
N PHE A 193 4.33 2.48 -19.50
CA PHE A 193 4.39 3.89 -18.99
C PHE A 193 3.00 4.28 -18.38
N ALA A 194 2.87 4.54 -17.07
CA ALA A 194 3.90 4.47 -16.05
C ALA A 194 3.32 3.93 -14.75
N ALA A 195 4.25 3.40 -13.94
CA ALA A 195 4.08 3.10 -12.50
C ALA A 195 3.14 1.92 -12.25
N TYR A 196 3.03 1.07 -13.25
CA TYR A 196 2.14 -0.09 -13.26
C TYR A 196 2.36 -1.07 -12.08
N GLY A 197 3.65 -1.25 -11.74
CA GLY A 197 4.11 -2.02 -10.58
C GLY A 197 3.60 -1.68 -9.19
N ALA A 198 2.96 -0.53 -9.03
CA ALA A 198 2.52 -0.06 -7.72
C ALA A 198 1.05 -0.45 -7.51
N ALA A 199 0.53 -1.34 -8.36
CA ALA A 199 -0.85 -1.83 -8.24
C ALA A 199 -1.25 -2.14 -6.82
N GLU A 200 -2.36 -1.54 -6.40
CA GLU A 200 -2.75 -1.63 -5.00
C GLU A 200 -3.01 -3.09 -4.63
N ALA A 201 -2.51 -3.47 -3.44
CA ALA A 201 -2.65 -4.84 -2.91
C ALA A 201 -2.08 -5.93 -3.79
N GLY A 202 -1.15 -5.59 -4.68
CA GLY A 202 -0.60 -6.57 -5.70
C GLY A 202 -1.60 -7.14 -6.69
N LEU A 203 -2.77 -6.53 -6.76
CA LEU A 203 -3.89 -7.03 -7.59
C LEU A 203 -3.78 -6.60 -9.07
N GLU A 204 -3.87 -7.54 -10.00
CA GLU A 204 -3.65 -7.18 -11.40
C GLU A 204 -4.59 -6.06 -11.89
N TYR A 205 -3.98 -5.10 -12.58
CA TYR A 205 -4.63 -3.92 -13.19
C TYR A 205 -5.19 -2.89 -12.20
N ASN A 206 -4.93 -3.10 -10.91
CA ASN A 206 -5.59 -2.33 -9.86
C ASN A 206 -4.99 -0.91 -9.73
N THR A 207 -5.77 -0.07 -9.07
CA THR A 207 -5.44 1.33 -8.77
C THR A 207 -3.97 1.52 -8.40
N VAL A 208 -3.40 2.59 -8.93
CA VAL A 208 -2.07 3.06 -8.54
C VAL A 208 -2.25 4.49 -8.08
N ASN A 209 -1.64 4.84 -6.97
CA ASN A 209 -1.65 6.24 -6.51
C ASN A 209 -0.40 6.54 -5.70
N MET A 210 0.26 7.65 -6.03
CA MET A 210 1.41 8.15 -5.31
C MET A 210 1.54 9.64 -5.69
N SER A 211 2.30 10.39 -4.92
CA SER A 211 2.48 11.81 -5.21
C SER A 211 3.25 11.95 -6.51
N THR A 212 3.00 13.08 -7.18
CA THR A 212 3.78 13.39 -8.36
C THR A 212 5.28 13.37 -8.04
N ARG A 213 5.68 13.86 -6.88
CA ARG A 213 7.12 13.85 -6.52
C ARG A 213 7.75 12.46 -6.43
N GLU A 214 7.00 11.54 -5.81
CA GLU A 214 7.40 10.10 -5.81
C GLU A 214 7.41 9.48 -7.20
N LEU A 215 6.41 9.81 -7.99
CA LEU A 215 6.37 9.38 -9.36
C LEU A 215 7.72 9.78 -10.02
N TYR A 216 8.07 11.06 -9.95
CA TYR A 216 9.36 11.50 -10.54
C TYR A 216 10.59 10.91 -9.86
N GLN A 217 10.60 10.87 -8.53
CA GLN A 217 11.77 10.38 -7.78
C GLN A 217 12.13 8.92 -8.00
N ASN A 218 11.13 8.05 -7.98
CA ASN A 218 11.34 6.57 -7.98
C ASN A 218 10.79 5.80 -9.21
N TYR A 219 9.65 6.22 -9.76
CA TYR A 219 8.90 5.39 -10.69
C TYR A 219 9.25 5.74 -12.17
N LEU A 220 9.64 6.99 -12.41
CA LEU A 220 9.98 7.43 -13.78
C LEU A 220 11.44 7.20 -14.22
N PRO A 221 12.39 7.24 -13.29
CA PRO A 221 13.78 7.26 -13.76
C PRO A 221 14.15 6.11 -14.71
N ALA A 222 13.76 4.88 -14.45
CA ALA A 222 14.15 3.83 -15.38
C ALA A 222 13.55 3.99 -16.79
N TYR A 223 12.28 4.36 -16.95
CA TYR A 223 11.78 4.57 -18.32
C TYR A 223 12.62 5.66 -18.98
N ASN A 224 12.86 6.73 -18.21
CA ASN A 224 13.60 7.86 -18.73
C ASN A 224 15.00 7.45 -19.22
N ALA A 225 15.71 6.64 -18.47
CA ALA A 225 17.06 6.22 -18.86
C ALA A 225 17.04 5.42 -20.19
N ALA A 226 16.05 4.54 -20.32
CA ALA A 226 15.97 3.73 -21.55
C ALA A 226 15.58 4.56 -22.76
N ILE A 227 14.70 5.54 -22.54
CA ILE A 227 14.32 6.54 -23.58
C ILE A 227 15.57 7.33 -24.01
N GLN A 228 16.33 7.85 -23.05
CA GLN A 228 17.53 8.63 -23.35
C GLN A 228 18.60 7.78 -24.01
N ALA A 229 18.64 6.52 -23.68
CA ALA A 229 19.53 5.58 -24.40
C ALA A 229 19.06 5.21 -25.82
N GLY A 230 17.87 5.63 -26.24
CA GLY A 230 17.45 5.49 -27.64
C GLY A 230 16.35 4.50 -27.96
N ALA A 231 15.63 4.01 -26.94
CA ALA A 231 14.51 3.12 -27.17
C ALA A 231 13.53 3.72 -28.17
N LYS A 232 13.18 2.94 -29.19
CA LYS A 232 12.39 3.46 -30.30
C LYS A 232 10.91 3.62 -29.99
N LEU A 233 10.30 2.68 -29.24
CA LEU A 233 8.88 2.79 -28.87
C LEU A 233 8.65 2.86 -27.36
N VAL A 234 7.46 3.34 -26.98
CA VAL A 234 7.02 3.30 -25.60
C VAL A 234 5.64 2.71 -25.59
N MET A 235 5.32 1.90 -24.60
CA MET A 235 3.95 1.33 -24.47
C MET A 235 3.24 1.92 -23.20
N THR A 236 1.95 2.26 -23.32
CA THR A 236 1.18 2.80 -22.19
C THR A 236 0.91 1.70 -21.15
N ALA A 237 0.51 2.10 -19.95
CA ALA A 237 0.17 1.17 -18.88
C ALA A 237 -1.36 1.02 -18.71
N PHE A 238 -1.78 -0.12 -18.17
CA PHE A 238 -3.16 -0.37 -17.81
C PHE A 238 -3.79 0.45 -16.68
N ASN A 239 -2.95 0.89 -15.74
CA ASN A 239 -3.40 1.56 -14.49
C ASN A 239 -3.71 3.03 -14.67
N VAL A 240 -4.47 3.55 -13.70
CA VAL A 240 -4.58 4.97 -13.55
C VAL A 240 -3.27 5.54 -13.09
N VAL A 241 -2.98 6.76 -13.50
CA VAL A 241 -1.92 7.56 -12.88
C VAL A 241 -2.59 8.81 -12.32
N ASP A 242 -2.50 9.02 -11.02
CA ASP A 242 -3.33 10.03 -10.30
C ASP A 242 -4.74 10.19 -10.86
N GLY A 243 -5.41 9.06 -10.97
CA GLY A 243 -6.84 9.07 -11.27
C GLY A 243 -7.21 8.97 -12.73
N ILE A 244 -6.22 9.09 -13.62
CA ILE A 244 -6.48 9.06 -15.07
C ILE A 244 -5.74 7.92 -15.68
N PRO A 245 -6.46 7.00 -16.33
CA PRO A 245 -5.80 5.87 -17.03
C PRO A 245 -4.64 6.36 -17.84
N ALA A 246 -3.46 5.78 -17.65
CA ALA A 246 -2.28 6.21 -18.38
C ALA A 246 -2.48 6.43 -19.89
N THR A 247 -3.26 5.58 -20.51
CA THR A 247 -3.45 5.58 -22.00
C THR A 247 -4.05 6.93 -22.52
N MET A 248 -4.88 7.57 -21.73
CA MET A 248 -5.49 8.87 -22.16
C MET A 248 -5.07 10.03 -21.21
N ASN A 249 -3.92 9.86 -20.58
CA ASN A 249 -3.43 10.84 -19.64
C ASN A 249 -2.51 11.81 -20.41
N LYS A 250 -3.09 12.98 -20.71
CA LYS A 250 -2.43 13.93 -21.59
C LYS A 250 -1.23 14.48 -20.91
N TRP A 251 -1.36 14.84 -19.65
CA TRP A 251 -0.19 15.32 -18.87
C TRP A 251 0.96 14.32 -18.96
N LEU A 252 0.69 13.08 -18.62
CA LEU A 252 1.72 12.03 -18.60
C LEU A 252 2.41 11.80 -19.91
N ASN A 253 1.61 11.65 -20.96
CA ASN A 253 2.12 11.24 -22.26
C ASN A 253 2.57 12.42 -23.18
N ARG A 254 1.88 13.57 -23.11
CA ARG A 254 2.29 14.77 -23.90
C ARG A 254 3.31 15.60 -23.12
N ASP A 255 2.96 16.04 -21.91
CA ASP A 255 3.88 16.93 -21.14
C ASP A 255 5.13 16.23 -20.66
N VAL A 256 4.96 15.08 -20.00
CA VAL A 256 6.13 14.34 -19.47
C VAL A 256 6.90 13.52 -20.58
N LEU A 257 6.25 12.58 -21.23
CA LEU A 257 6.95 11.69 -22.15
C LEU A 257 7.43 12.41 -23.39
N ARG A 258 6.54 13.11 -24.06
CA ARG A 258 6.92 13.83 -25.29
C ARG A 258 7.60 15.16 -24.99
N GLY A 259 7.08 15.89 -24.02
CA GLY A 259 7.74 17.13 -23.63
C GLY A 259 9.04 16.89 -22.90
N GLU A 260 8.98 16.56 -21.60
CA GLU A 260 10.20 16.51 -20.75
C GLU A 260 11.22 15.44 -21.15
N MET A 261 10.76 14.22 -21.40
CA MET A 261 11.67 13.14 -21.82
C MET A 261 12.07 13.17 -23.32
N GLU A 262 11.46 14.07 -24.07
CA GLU A 262 11.74 14.35 -25.51
C GLU A 262 11.58 13.16 -26.39
N PHE A 263 10.68 12.26 -25.98
CA PHE A 263 10.35 11.07 -26.78
C PHE A 263 9.51 11.43 -28.04
N ASP A 264 10.03 11.04 -29.19
CA ASP A 264 9.40 11.36 -30.46
C ASP A 264 9.14 10.12 -31.30
N GLY A 265 9.11 8.94 -30.67
CA GLY A 265 8.70 7.70 -31.35
C GLY A 265 7.23 7.35 -31.19
N VAL A 266 6.92 6.12 -31.58
CA VAL A 266 5.57 5.57 -31.54
C VAL A 266 5.18 5.26 -30.08
N LEU A 267 4.06 5.82 -29.66
CA LEU A 267 3.44 5.45 -28.40
C LEU A 267 2.37 4.42 -28.79
N ILE A 268 2.56 3.18 -28.34
CA ILE A 268 1.62 2.07 -28.61
C ILE A 268 0.88 1.75 -27.35
N SER A 269 -0.42 1.50 -27.44
CA SER A 269 -1.21 1.11 -26.29
C SER A 269 -0.87 -0.27 -25.82
N ALA A 270 -1.00 -0.51 -24.53
CA ALA A 270 -0.98 -1.90 -24.07
C ALA A 270 -2.21 -2.58 -24.65
N TRP A 271 -2.28 -3.90 -24.53
CA TRP A 271 -3.36 -4.62 -25.18
C TRP A 271 -4.75 -4.17 -24.72
N GLY A 272 -5.53 -3.70 -25.69
CA GLY A 272 -6.87 -3.21 -25.47
C GLY A 272 -7.03 -1.99 -24.57
N ALA A 273 -5.93 -1.33 -24.20
CA ALA A 273 -6.04 -0.27 -23.17
C ALA A 273 -6.82 0.99 -23.62
N VAL A 274 -6.86 1.21 -24.92
CA VAL A 274 -7.60 2.35 -25.47
C VAL A 274 -9.10 2.13 -25.18
N ALA A 275 -9.63 0.93 -25.45
CA ALA A 275 -11.04 0.57 -25.16
C ALA A 275 -11.30 0.51 -23.65
N GLU A 276 -10.31 0.13 -22.87
CA GLU A 276 -10.51 -0.07 -21.42
C GLU A 276 -10.64 1.21 -20.57
N VAL A 277 -10.38 2.39 -21.16
CA VAL A 277 -10.56 3.65 -20.43
C VAL A 277 -12.06 3.87 -20.17
N ILE A 278 -12.90 3.20 -20.98
CA ILE A 278 -14.34 3.11 -20.74
C ILE A 278 -14.62 2.37 -19.45
N ASN A 279 -14.05 1.17 -19.27
CA ASN A 279 -14.24 0.42 -18.05
C ASN A 279 -13.78 1.19 -16.82
N HIS A 280 -12.68 1.93 -16.97
CA HIS A 280 -12.16 2.75 -15.91
C HIS A 280 -13.11 3.88 -15.60
N GLY A 281 -14.04 4.16 -16.50
CA GLY A 281 -15.00 5.24 -16.25
C GLY A 281 -14.46 6.64 -16.57
N THR A 282 -13.51 6.76 -17.49
CA THR A 282 -13.03 8.08 -17.94
C THR A 282 -13.28 8.32 -19.47
N ALA A 283 -14.09 7.45 -20.08
CA ALA A 283 -14.71 7.73 -21.40
C ALA A 283 -16.06 7.07 -21.37
N ARG A 284 -17.07 7.72 -21.94
CA ARG A 284 -18.45 7.16 -21.99
C ARG A 284 -18.57 6.02 -23.01
N ASN A 285 -17.79 6.09 -24.07
CA ASN A 285 -18.04 5.22 -25.20
C ASN A 285 -16.80 5.11 -26.04
N PRO A 286 -16.85 4.29 -27.07
CA PRO A 286 -15.59 4.27 -27.90
C PRO A 286 -15.24 5.57 -28.65
N LYS A 287 -16.25 6.39 -28.94
CA LYS A 287 -15.97 7.69 -29.57
C LYS A 287 -15.13 8.57 -28.61
N GLU A 288 -15.46 8.55 -27.34
CA GLU A 288 -14.69 9.31 -26.40
C GLU A 288 -13.31 8.73 -26.20
N ALA A 289 -13.23 7.42 -26.01
CA ALA A 289 -11.95 6.76 -25.82
C ALA A 289 -10.96 7.13 -26.92
N ALA A 290 -11.45 7.08 -28.15
CA ALA A 290 -10.61 7.43 -29.29
C ALA A 290 -10.14 8.87 -29.22
N GLN A 291 -11.07 9.77 -28.99
CA GLN A 291 -10.73 11.16 -28.94
C GLN A 291 -9.65 11.41 -27.89
N PHE A 292 -9.85 10.91 -26.68
CA PHE A 292 -8.92 11.18 -25.56
C PHE A 292 -7.58 10.48 -25.76
N SER A 293 -7.61 9.33 -26.38
CA SER A 293 -6.36 8.61 -26.53
C SER A 293 -5.54 9.31 -27.56
N MET A 294 -6.21 9.80 -28.61
CA MET A 294 -5.49 10.53 -29.64
C MET A 294 -5.01 11.87 -29.10
N GLU A 295 -5.84 12.60 -28.37
CA GLU A 295 -5.33 13.81 -27.65
C GLU A 295 -4.07 13.57 -26.81
N ALA A 296 -3.97 12.38 -26.23
CA ALA A 296 -2.91 12.10 -25.32
C ALA A 296 -1.71 11.58 -26.10
N GLY A 297 -1.88 11.30 -27.41
CA GLY A 297 -0.71 11.03 -28.29
C GLY A 297 -0.38 9.55 -28.46
N VAL A 298 -1.39 8.71 -28.27
CA VAL A 298 -1.27 7.27 -28.54
C VAL A 298 -1.38 7.10 -30.08
N ASP A 299 -0.33 6.57 -30.68
CA ASP A 299 -0.21 6.43 -32.13
C ASP A 299 -0.79 5.14 -32.69
N LEU A 300 -0.86 4.14 -31.82
CA LEU A 300 -1.08 2.75 -32.27
C LEU A 300 -1.94 2.01 -31.24
N GLU A 301 -3.16 1.70 -31.64
CA GLU A 301 -4.12 1.00 -30.81
C GLU A 301 -3.97 -0.53 -30.97
N MET A 302 -3.59 -1.20 -29.89
CA MET A 302 -3.36 -2.65 -29.96
C MET A 302 -4.62 -3.49 -29.78
N MET A 303 -5.09 -4.04 -30.91
CA MET A 303 -6.18 -5.02 -30.91
C MET A 303 -7.53 -4.54 -30.36
N THR A 304 -7.76 -3.22 -30.30
CA THR A 304 -9.16 -2.69 -30.20
C THR A 304 -9.51 -1.76 -31.37
N THR A 305 -10.77 -1.34 -31.46
CA THR A 305 -11.27 -0.74 -32.69
C THR A 305 -11.80 0.65 -32.52
N CYS A 306 -11.40 1.32 -31.44
CA CYS A 306 -11.90 2.65 -31.15
C CYS A 306 -11.48 3.62 -32.20
N TYR A 307 -10.18 3.58 -32.53
CA TYR A 307 -9.68 4.42 -33.62
C TYR A 307 -10.36 4.20 -34.99
N ILE A 308 -10.34 2.97 -35.46
CA ILE A 308 -10.84 2.70 -36.85
C ILE A 308 -12.31 3.05 -37.03
N HIS A 309 -13.14 2.81 -36.01
CA HIS A 309 -14.58 3.05 -36.10
C HIS A 309 -14.99 4.48 -35.73
N GLU A 310 -14.14 5.26 -35.09
CA GLU A 310 -14.56 6.57 -34.56
C GLU A 310 -13.75 7.80 -35.01
N LEU A 311 -12.52 7.61 -35.45
CA LEU A 311 -11.67 8.79 -35.80
C LEU A 311 -12.24 9.66 -36.90
N LYS A 312 -12.79 9.02 -37.93
CA LYS A 312 -13.36 9.74 -39.08
C LYS A 312 -14.40 10.75 -38.64
N GLY A 313 -15.40 10.28 -37.92
CA GLY A 313 -16.48 11.13 -37.40
C GLY A 313 -15.97 12.22 -36.46
N LEU A 314 -14.98 11.91 -35.63
CA LEU A 314 -14.33 12.93 -34.77
C LEU A 314 -13.64 14.00 -35.61
N ILE A 315 -12.93 13.59 -36.63
CA ILE A 315 -12.27 14.54 -37.52
C ILE A 315 -13.28 15.28 -38.41
N GLU A 316 -14.24 14.55 -38.96
CA GLU A 316 -15.30 15.18 -39.72
C GLU A 316 -16.05 16.24 -38.91
N GLU A 317 -16.53 15.89 -37.72
CA GLU A 317 -17.27 16.81 -36.88
C GLU A 317 -16.43 17.90 -36.22
N GLY A 318 -15.12 17.92 -36.41
CA GLY A 318 -14.28 18.93 -35.76
C GLY A 318 -14.01 18.79 -34.25
N LYS A 319 -14.23 17.62 -33.69
CA LYS A 319 -13.92 17.45 -32.28
C LYS A 319 -12.43 17.19 -32.04
N LEU A 320 -11.78 16.75 -33.11
CA LEU A 320 -10.38 16.30 -33.12
C LEU A 320 -9.66 16.86 -34.33
N SER A 321 -8.47 17.43 -34.16
CA SER A 321 -7.69 17.88 -35.31
C SER A 321 -7.13 16.73 -36.14
N GLU A 322 -7.27 16.85 -37.46
CA GLU A 322 -6.61 15.92 -38.36
C GLU A 322 -5.08 16.01 -38.21
N ASN A 323 -4.55 17.15 -37.74
CA ASN A 323 -3.12 17.27 -37.54
C ASN A 323 -2.61 16.25 -36.53
N LEU A 324 -3.38 15.93 -35.49
CA LEU A 324 -2.94 14.93 -34.50
C LEU A 324 -2.84 13.55 -35.16
N LEU A 325 -3.78 13.23 -36.03
CA LEU A 325 -3.69 11.99 -36.81
C LEU A 325 -2.47 11.96 -37.73
N ASP A 326 -2.14 13.06 -38.39
CA ASP A 326 -0.98 13.05 -39.30
C ASP A 326 0.32 12.87 -38.58
N GLU A 327 0.40 13.35 -37.36
CA GLU A 327 1.68 13.20 -36.66
C GLU A 327 1.85 11.75 -36.16
N ALA A 328 0.74 11.11 -35.76
CA ALA A 328 0.79 9.70 -35.43
C ALA A 328 1.25 8.85 -36.63
N VAL A 329 0.65 9.10 -37.79
CA VAL A 329 0.95 8.37 -39.00
C VAL A 329 2.41 8.60 -39.35
N LEU A 330 2.88 9.86 -39.21
CA LEU A 330 4.24 10.16 -39.50
C LEU A 330 5.20 9.43 -38.56
N ARG A 331 4.88 9.35 -37.27
CA ARG A 331 5.71 8.52 -36.37
C ARG A 331 5.70 7.02 -36.77
N MET A 332 4.56 6.51 -37.15
CA MET A 332 4.50 5.11 -37.60
C MET A 332 5.41 4.89 -38.84
N LEU A 333 5.31 5.80 -39.81
CA LEU A 333 6.12 5.70 -41.04
C LEU A 333 7.64 5.87 -40.77
N ASN A 334 8.00 6.74 -39.83
CA ASN A 334 9.41 6.94 -39.46
C ASN A 334 9.95 5.72 -38.80
N LEU A 335 9.18 5.09 -37.92
CA LEU A 335 9.60 3.77 -37.36
C LEU A 335 9.91 2.76 -38.48
N LYS A 336 9.01 2.66 -39.45
CA LYS A 336 9.20 1.71 -40.53
C LYS A 336 10.43 2.03 -41.33
N ASN A 337 10.68 3.32 -41.51
CA ASN A 337 11.84 3.81 -42.26
C ASN A 337 13.11 3.55 -41.49
N ASP A 338 13.07 3.77 -40.17
CA ASP A 338 14.19 3.48 -39.29
C ASP A 338 14.59 2.00 -39.34
N LEU A 339 13.62 1.11 -39.58
CA LEU A 339 13.85 -0.36 -39.70
C LEU A 339 14.22 -0.81 -41.15
N GLY A 340 14.18 0.16 -42.09
CA GLY A 340 14.57 -0.10 -43.47
C GLY A 340 13.49 -0.76 -44.29
N LEU A 341 12.27 -0.76 -43.77
CA LEU A 341 11.15 -1.50 -44.37
C LEU A 341 10.74 -1.01 -45.75
N PHE A 342 11.01 0.26 -46.04
CA PHE A 342 10.72 0.79 -47.38
C PHE A 342 11.71 0.34 -48.47
N GLU A 343 12.91 -0.12 -48.09
CA GLU A 343 13.88 -0.74 -49.04
C GLU A 343 13.80 -2.25 -49.01
N ASP A 344 13.66 -2.82 -47.80
CA ASP A 344 13.50 -4.29 -47.58
C ASP A 344 12.40 -4.58 -46.53
N PRO A 345 11.14 -4.72 -46.98
CA PRO A 345 10.00 -5.04 -46.11
C PRO A 345 10.06 -6.41 -45.42
N TYR A 346 10.93 -7.30 -45.91
CA TYR A 346 11.17 -8.63 -45.31
C TYR A 346 12.33 -8.65 -44.32
N ARG A 347 12.89 -7.47 -44.11
CA ARG A 347 13.99 -7.23 -43.16
C ARG A 347 15.02 -8.35 -43.10
N GLY A 348 15.62 -8.61 -44.25
CA GLY A 348 16.78 -9.50 -44.39
C GLY A 348 16.42 -10.95 -44.67
N LEU A 349 15.14 -11.29 -44.64
CA LEU A 349 14.70 -12.70 -44.66
C LEU A 349 14.37 -13.26 -46.05
N LYS A 350 14.07 -12.42 -47.02
CA LYS A 350 13.34 -12.86 -48.22
C LYS A 350 14.13 -13.87 -49.03
N ASN A 351 15.40 -13.58 -49.23
CA ASN A 351 16.35 -14.54 -49.82
C ASN A 351 17.39 -15.12 -48.84
N ASN A 352 17.08 -15.16 -47.55
CA ASN A 352 18.07 -15.59 -46.56
C ASN A 352 17.40 -16.30 -45.41
N ASP A 353 17.33 -17.62 -45.50
CA ASP A 353 16.82 -18.43 -44.39
C ASP A 353 17.82 -18.36 -43.27
N ARG A 354 17.40 -17.78 -42.16
CA ARG A 354 18.25 -17.62 -40.99
C ARG A 354 17.88 -18.59 -39.86
N THR A 355 17.19 -19.70 -40.18
CA THR A 355 16.96 -20.79 -39.23
C THR A 355 18.24 -21.11 -38.49
N LYS A 356 19.38 -21.01 -39.19
CA LYS A 356 20.68 -21.41 -38.61
C LYS A 356 21.03 -20.64 -37.37
N ASP A 357 20.54 -19.41 -37.26
CA ASP A 357 20.85 -18.59 -36.13
C ASP A 357 20.02 -18.92 -34.88
N ILE A 358 19.02 -19.81 -34.96
CA ILE A 358 18.10 -20.05 -33.83
C ILE A 358 18.51 -21.27 -32.97
N LEU A 359 18.61 -21.06 -31.66
CA LEU A 359 18.90 -22.11 -30.67
C LEU A 359 20.26 -22.76 -31.00
N THR A 360 21.27 -21.95 -31.31
CA THR A 360 22.62 -22.45 -31.50
C THR A 360 23.21 -22.87 -30.16
N ASP A 361 24.28 -23.65 -30.21
CA ASP A 361 25.01 -23.99 -28.97
C ASP A 361 25.72 -22.83 -28.30
N GLU A 362 26.21 -21.87 -29.10
CA GLU A 362 26.86 -20.70 -28.55
C GLU A 362 25.84 -19.93 -27.73
N SER A 363 24.63 -19.79 -28.27
CA SER A 363 23.53 -19.10 -27.58
C SER A 363 23.11 -19.81 -26.27
N ARG A 364 23.01 -21.13 -26.31
CA ARG A 364 22.77 -21.95 -25.10
C ARG A 364 23.84 -21.74 -23.99
N GLY A 365 25.12 -21.70 -24.37
CA GLY A 365 26.20 -21.34 -23.46
C GLY A 365 26.00 -20.00 -22.79
N LYS A 366 25.52 -19.01 -23.57
CA LYS A 366 25.22 -17.69 -23.07
C LYS A 366 24.06 -17.67 -22.07
N ALA A 367 22.99 -18.39 -22.36
CA ALA A 367 21.86 -18.55 -21.40
C ALA A 367 22.27 -19.30 -20.10
N ARG A 368 23.12 -20.31 -20.25
CA ARG A 368 23.71 -21.01 -19.10
C ARG A 368 24.51 -20.08 -18.27
N ALA A 369 25.38 -19.30 -18.93
CA ALA A 369 26.20 -18.31 -18.24
C ALA A 369 25.30 -17.30 -17.52
N ALA A 370 24.20 -16.93 -18.17
CA ALA A 370 23.26 -15.97 -17.59
C ALA A 370 22.61 -16.58 -16.32
N GLY A 371 22.15 -17.81 -16.45
CA GLY A 371 21.64 -18.59 -15.32
C GLY A 371 22.57 -18.59 -14.12
N VAL A 372 23.84 -18.93 -14.32
CA VAL A 372 24.79 -18.99 -13.22
C VAL A 372 25.20 -17.65 -12.64
N GLU A 373 25.04 -16.55 -13.39
CA GLU A 373 25.23 -15.16 -12.87
C GLU A 373 24.07 -14.70 -12.00
N SER A 374 22.89 -15.21 -12.32
CA SER A 374 21.62 -14.71 -11.77
C SER A 374 21.12 -15.43 -10.52
N ALA A 375 21.44 -16.71 -10.38
CA ALA A 375 21.04 -17.45 -9.20
C ALA A 375 21.58 -16.84 -7.93
N VAL A 376 20.85 -16.99 -6.84
CA VAL A 376 21.28 -16.41 -5.52
C VAL A 376 21.37 -17.48 -4.43
N LEU A 377 22.53 -17.59 -3.83
CA LEU A 377 22.75 -18.55 -2.78
C LEU A 377 22.37 -17.88 -1.52
N LEU A 378 21.33 -18.36 -0.86
CA LEU A 378 20.75 -17.68 0.33
C LEU A 378 21.25 -18.27 1.62
N GLU A 379 21.38 -19.59 1.65
CA GLU A 379 22.02 -20.28 2.81
C GLU A 379 23.00 -21.36 2.36
N ASN A 380 24.00 -21.59 3.20
CA ASN A 380 24.92 -22.71 3.00
C ASN A 380 25.59 -22.97 4.29
N LYS A 381 24.90 -23.71 5.14
CA LYS A 381 25.39 -24.01 6.48
C LYS A 381 26.37 -25.18 6.44
N SER A 382 27.56 -24.98 6.99
CA SER A 382 28.52 -26.05 7.13
C SER A 382 29.19 -26.41 5.82
N ARG A 383 29.32 -25.47 4.89
CA ARG A 383 29.92 -25.76 3.58
C ARG A 383 29.34 -27.04 3.00
N LEU A 384 28.03 -27.24 3.14
CA LEU A 384 27.35 -28.33 2.40
C LEU A 384 27.61 -28.24 0.89
N LEU A 385 27.48 -27.02 0.37
CA LEU A 385 27.78 -26.77 -1.04
C LEU A 385 29.18 -26.19 -1.23
N PRO A 386 29.86 -26.50 -2.35
CA PRO A 386 29.48 -27.36 -3.46
C PRO A 386 29.53 -28.84 -3.07
N LEU A 387 28.73 -29.65 -3.76
CA LEU A 387 28.72 -31.07 -3.52
C LEU A 387 29.95 -31.65 -4.31
N ALA A 388 30.47 -32.81 -3.92
CA ALA A 388 31.45 -33.55 -4.73
C ALA A 388 30.73 -34.26 -5.86
N LYS A 389 31.38 -34.53 -7.00
CA LYS A 389 30.69 -35.21 -8.06
C LYS A 389 30.38 -36.63 -7.67
N GLU A 390 31.05 -37.15 -6.65
CA GLU A 390 30.69 -38.51 -6.14
C GLU A 390 29.56 -38.50 -5.08
N ALA A 391 29.07 -37.33 -4.72
CA ALA A 391 27.95 -37.27 -3.78
C ALA A 391 26.76 -38.04 -4.32
N LYS A 392 26.21 -38.90 -3.48
CA LYS A 392 25.04 -39.67 -3.85
C LYS A 392 23.80 -38.84 -3.46
N ILE A 393 23.02 -38.50 -4.48
CA ILE A 393 21.92 -37.54 -4.37
C ILE A 393 20.53 -38.15 -4.46
N ALA A 394 19.70 -37.90 -3.46
CA ALA A 394 18.25 -38.09 -3.55
C ALA A 394 17.71 -36.77 -4.03
N LEU A 395 17.14 -36.78 -5.22
CA LEU A 395 16.65 -35.58 -5.86
C LEU A 395 15.15 -35.71 -5.77
N VAL A 396 14.50 -34.87 -4.95
CA VAL A 396 13.05 -35.03 -4.71
C VAL A 396 12.27 -33.74 -4.80
N GLY A 397 10.98 -33.90 -5.08
CA GLY A 397 10.04 -32.77 -5.03
C GLY A 397 9.44 -32.42 -6.39
N PRO A 398 8.63 -31.39 -6.44
CA PRO A 398 7.92 -31.09 -7.68
C PRO A 398 8.73 -30.54 -8.81
N LEU A 399 9.93 -30.04 -8.53
CA LEU A 399 10.83 -29.53 -9.55
C LEU A 399 11.95 -30.50 -9.91
N ALA A 400 11.85 -31.73 -9.37
CA ALA A 400 12.81 -32.78 -9.73
C ALA A 400 12.83 -33.04 -11.23
N THR A 401 11.64 -33.23 -11.81
CA THR A 401 11.49 -33.56 -13.20
C THR A 401 10.60 -32.61 -14.00
N SER A 402 10.00 -31.62 -13.34
CA SER A 402 9.16 -30.68 -14.05
C SER A 402 9.86 -30.01 -15.22
N PRO A 403 9.21 -29.99 -16.37
CA PRO A 403 9.80 -29.27 -17.50
C PRO A 403 9.50 -27.76 -17.44
N ASP A 404 8.73 -27.35 -16.44
CA ASP A 404 8.31 -25.93 -16.25
C ASP A 404 9.39 -25.08 -15.57
N ILE A 405 10.43 -24.85 -16.33
CA ILE A 405 11.60 -24.08 -15.84
C ILE A 405 11.98 -22.94 -16.75
N LEU A 406 11.16 -22.67 -17.76
CA LEU A 406 11.49 -21.62 -18.75
C LEU A 406 11.01 -20.26 -18.31
N GLY A 407 10.07 -20.23 -17.39
CA GLY A 407 9.57 -18.97 -16.83
C GLY A 407 8.30 -18.49 -17.44
N GLY A 408 7.69 -17.51 -16.79
CA GLY A 408 6.59 -16.77 -17.41
C GLY A 408 7.12 -15.87 -18.54
N TRP A 409 6.17 -15.38 -19.34
CA TRP A 409 6.46 -14.54 -20.48
C TRP A 409 7.51 -15.22 -21.42
N ASN A 410 7.25 -16.50 -21.65
CA ASN A 410 7.99 -17.31 -22.63
C ASN A 410 7.04 -17.61 -23.76
N VAL A 411 6.93 -16.68 -24.70
CA VAL A 411 5.95 -16.80 -25.77
C VAL A 411 6.43 -17.74 -26.84
N TYR A 412 7.74 -17.85 -27.07
CA TYR A 412 8.25 -18.65 -28.21
C TYR A 412 9.10 -19.88 -27.84
N GLY A 413 9.60 -19.95 -26.61
CA GLY A 413 10.49 -21.06 -26.24
C GLY A 413 9.75 -22.35 -25.93
N GLU A 414 10.41 -23.49 -26.12
CA GLU A 414 9.74 -24.77 -26.03
C GLU A 414 10.39 -25.61 -24.94
N GLU A 415 9.53 -26.17 -24.11
CA GLU A 415 9.96 -26.97 -22.98
C GLU A 415 10.76 -28.19 -23.38
N LYS A 416 10.51 -28.74 -24.57
CA LYS A 416 11.26 -29.94 -25.02
C LYS A 416 12.75 -29.67 -25.23
N ASP A 417 13.11 -28.43 -25.52
CA ASP A 417 14.50 -28.03 -25.67
C ASP A 417 15.11 -27.66 -24.33
N GLY A 418 14.30 -27.53 -23.29
CA GLY A 418 14.79 -27.21 -21.95
C GLY A 418 15.45 -28.38 -21.24
N ILE A 419 16.35 -28.07 -20.31
CA ILE A 419 17.04 -29.07 -19.53
C ILE A 419 16.47 -29.06 -18.09
N ASN A 420 15.74 -30.11 -17.71
CA ASN A 420 15.21 -30.21 -16.37
C ASN A 420 16.31 -30.51 -15.30
N VAL A 421 15.90 -30.49 -14.03
CA VAL A 421 16.88 -30.65 -12.98
C VAL A 421 17.53 -32.05 -13.02
N GLU A 422 16.74 -33.11 -13.21
CA GLU A 422 17.27 -34.47 -13.21
C GLU A 422 18.30 -34.63 -14.31
N THR A 423 17.91 -34.25 -15.51
CA THR A 423 18.78 -34.34 -16.68
C THR A 423 20.07 -33.56 -16.45
N GLY A 424 19.96 -32.36 -15.92
CA GLY A 424 21.15 -31.53 -15.60
C GLY A 424 22.06 -32.23 -14.60
N LEU A 425 21.47 -32.73 -13.51
CA LEU A 425 22.26 -33.37 -12.46
C LEU A 425 22.96 -34.66 -12.94
N ARG A 426 22.26 -35.46 -13.69
CA ARG A 426 22.87 -36.73 -14.16
C ARG A 426 24.00 -36.53 -15.18
N GLU A 427 24.14 -35.35 -15.75
CA GLU A 427 25.35 -35.04 -16.55
C GLU A 427 26.60 -34.84 -15.68
N VAL A 428 26.40 -34.53 -14.43
CA VAL A 428 27.48 -34.07 -13.53
C VAL A 428 27.69 -35.14 -12.47
N PHE A 429 26.59 -35.72 -11.95
CA PHE A 429 26.63 -36.64 -10.76
C PHE A 429 26.33 -38.07 -11.15
N GLU A 430 27.20 -38.98 -10.73
CA GLU A 430 27.11 -40.41 -11.13
C GLU A 430 25.94 -41.11 -10.43
N THR A 431 25.68 -40.79 -9.15
CA THR A 431 24.53 -41.35 -8.43
C THR A 431 23.43 -40.34 -8.03
N VAL A 432 22.29 -40.46 -8.70
CA VAL A 432 21.08 -39.70 -8.42
C VAL A 432 19.87 -40.65 -8.38
N GLU A 433 19.13 -40.58 -7.28
CA GLU A 433 17.87 -41.27 -7.17
C GLU A 433 16.72 -40.23 -7.05
N VAL A 434 15.68 -40.37 -7.86
CA VAL A 434 14.69 -39.32 -8.03
C VAL A 434 13.34 -39.73 -7.54
N VAL A 435 12.73 -38.89 -6.76
CA VAL A 435 11.31 -39.05 -6.42
C VAL A 435 10.62 -37.73 -6.68
N SER A 436 9.85 -37.73 -7.74
CA SER A 436 9.10 -36.59 -8.13
C SER A 436 7.77 -36.57 -7.36
N THR A 437 7.37 -35.40 -6.89
CA THR A 437 6.05 -35.26 -6.25
C THR A 437 5.29 -34.15 -6.99
N GLU A 438 4.01 -34.01 -6.68
CA GLU A 438 3.14 -33.04 -7.30
C GLU A 438 3.38 -31.66 -6.69
N TYR A 439 2.96 -30.62 -7.41
CA TYR A 439 3.10 -29.27 -6.95
C TYR A 439 2.26 -28.95 -5.69
N THR A 440 1.08 -29.52 -5.53
CA THR A 440 0.16 -29.06 -4.51
C THR A 440 -0.27 -30.14 -3.53
N GLU A 441 0.36 -31.32 -3.62
CA GLU A 441 -0.02 -32.48 -2.82
C GLU A 441 1.22 -33.12 -2.18
N LEU A 442 1.01 -33.77 -1.04
CA LEU A 442 2.00 -34.62 -0.40
C LEU A 442 1.30 -35.85 0.21
N SER A 443 1.37 -36.96 -0.51
CA SER A 443 0.66 -38.18 -0.18
C SER A 443 1.51 -39.08 0.69
N GLU A 444 0.87 -40.04 1.35
CA GLU A 444 1.60 -41.05 2.14
C GLU A 444 2.54 -41.86 1.30
N GLU A 445 2.06 -42.24 0.13
CA GLU A 445 2.87 -42.95 -0.81
C GLU A 445 4.18 -42.16 -1.14
N ASP A 446 4.09 -40.84 -1.36
CA ASP A 446 5.24 -40.00 -1.64
C ASP A 446 6.20 -40.09 -0.50
N LYS A 447 5.69 -39.99 0.73
CA LYS A 447 6.57 -39.96 1.88
C LYS A 447 7.36 -41.26 1.99
N VAL A 448 6.69 -42.37 1.69
CA VAL A 448 7.36 -43.66 1.72
C VAL A 448 8.46 -43.67 0.65
N ALA A 449 8.11 -43.23 -0.57
CA ALA A 449 9.07 -43.25 -1.67
C ALA A 449 10.24 -42.31 -1.45
N VAL A 450 9.97 -41.13 -0.87
CA VAL A 450 11.00 -40.15 -0.53
C VAL A 450 11.91 -40.72 0.55
N LYS A 451 11.31 -41.27 1.60
CA LYS A 451 12.08 -41.91 2.69
C LYS A 451 13.04 -43.00 2.21
N ALA A 452 12.55 -43.86 1.34
CA ALA A 452 13.39 -44.92 0.78
C ALA A 452 14.56 -44.35 -0.02
N ALA A 453 14.31 -43.31 -0.82
CA ALA A 453 15.36 -42.72 -1.65
C ALA A 453 16.42 -42.03 -0.80
N VAL A 454 15.97 -41.28 0.23
CA VAL A 454 16.90 -40.57 1.14
C VAL A 454 17.77 -41.56 1.96
N GLN A 455 17.18 -42.67 2.37
CA GLN A 455 17.94 -43.72 3.08
C GLN A 455 19.05 -44.25 2.21
N ASN A 456 18.78 -44.43 0.93
CA ASN A 456 19.83 -44.88 -0.03
C ASN A 456 20.99 -43.90 -0.29
N MET A 457 20.75 -42.60 -0.20
CA MET A 457 21.70 -41.61 -0.67
C MET A 457 22.36 -40.87 0.48
N ASP A 458 23.26 -39.93 0.18
CA ASP A 458 23.97 -39.16 1.25
C ASP A 458 23.47 -37.74 1.49
N VAL A 459 22.88 -37.12 0.46
CA VAL A 459 22.43 -35.70 0.52
C VAL A 459 21.13 -35.53 -0.27
N VAL A 460 20.27 -34.63 0.20
CA VAL A 460 19.01 -34.42 -0.48
C VAL A 460 19.10 -33.11 -1.26
N VAL A 461 18.76 -33.18 -2.54
CA VAL A 461 18.42 -32.00 -3.33
C VAL A 461 16.87 -31.97 -3.43
N LEU A 462 16.29 -31.04 -2.66
CA LEU A 462 14.86 -30.83 -2.58
C LEU A 462 14.48 -29.72 -3.54
N ALA A 463 13.77 -30.05 -4.61
CA ALA A 463 13.50 -29.10 -5.66
C ALA A 463 12.04 -28.66 -5.54
N LEU A 464 11.88 -27.42 -5.10
CA LEU A 464 10.58 -26.86 -4.79
C LEU A 464 10.31 -25.75 -5.76
N GLY A 465 9.05 -25.43 -6.01
CA GLY A 465 8.77 -24.20 -6.75
C GLY A 465 7.36 -23.95 -7.17
N GLU A 466 7.19 -22.83 -7.86
CA GLU A 466 5.92 -22.41 -8.41
C GLU A 466 5.78 -22.90 -9.85
N LYS A 467 4.54 -23.14 -10.30
CA LYS A 467 4.26 -23.20 -11.74
C LYS A 467 4.38 -21.79 -12.29
N ASN A 468 4.80 -21.62 -13.56
CA ASN A 468 4.97 -20.24 -14.03
C ASN A 468 3.65 -19.53 -14.12
N GLU A 469 2.58 -20.28 -14.29
CA GLU A 469 1.24 -19.74 -14.36
C GLU A 469 0.73 -19.10 -13.06
N TRP A 470 1.44 -19.29 -11.97
CA TRP A 470 1.07 -18.62 -10.70
C TRP A 470 1.59 -17.19 -10.62
N GLY A 471 2.34 -16.77 -11.65
CA GLY A 471 2.71 -15.39 -11.85
C GLY A 471 2.62 -15.00 -13.31
N GLY A 472 3.35 -13.94 -13.67
CA GLY A 472 3.16 -13.27 -14.95
C GLY A 472 1.89 -12.41 -14.96
N GLU A 473 1.43 -12.02 -16.13
CA GLU A 473 0.22 -11.18 -16.16
C GLU A 473 -1.03 -11.89 -15.63
N ALA A 474 -1.68 -11.25 -14.67
CA ALA A 474 -2.91 -11.71 -14.07
C ALA A 474 -2.72 -13.00 -13.28
N GLY A 475 -1.54 -13.07 -12.64
CA GLY A 475 -1.18 -14.05 -11.61
C GLY A 475 -0.83 -13.44 -10.29
N SER A 476 -1.83 -12.76 -9.68
CA SER A 476 -1.69 -12.14 -8.41
C SER A 476 -1.97 -13.17 -7.32
N LEU A 477 -1.09 -13.22 -6.31
CA LEU A 477 -1.35 -14.00 -5.07
C LEU A 477 -1.47 -13.11 -3.89
N ALA A 478 -2.59 -13.22 -3.17
CA ALA A 478 -2.73 -12.51 -1.91
C ALA A 478 -1.69 -12.97 -0.86
N THR A 479 -1.35 -14.27 -0.83
CA THR A 479 -0.38 -14.77 0.11
C THR A 479 0.81 -15.24 -0.73
N ILE A 480 1.99 -14.71 -0.45
CA ILE A 480 3.20 -15.09 -1.20
C ILE A 480 3.90 -16.31 -0.63
N ARG A 481 3.22 -17.45 -0.72
CA ARG A 481 3.75 -18.70 -0.24
C ARG A 481 3.58 -19.76 -1.33
N LEU A 482 4.50 -20.74 -1.33
CA LEU A 482 4.30 -21.98 -2.07
C LEU A 482 3.07 -22.66 -1.56
N PRO A 483 2.51 -23.57 -2.35
CA PRO A 483 1.52 -24.46 -1.76
C PRO A 483 1.99 -25.13 -0.49
N GLU A 484 1.10 -25.25 0.49
CA GLU A 484 1.47 -25.75 1.78
C GLU A 484 2.10 -27.16 1.74
N ALA A 485 1.74 -27.96 0.72
CA ALA A 485 2.31 -29.28 0.59
C ALA A 485 3.83 -29.23 0.43
N GLN A 486 4.34 -28.16 -0.20
CA GLN A 486 5.79 -28.04 -0.36
C GLN A 486 6.49 -27.69 0.96
N TYR A 487 5.87 -26.85 1.77
CA TYR A 487 6.41 -26.57 3.11
C TYR A 487 6.37 -27.86 3.97
N GLN A 488 5.35 -28.68 3.78
CA GLN A 488 5.22 -29.97 4.55
C GLN A 488 6.30 -30.95 4.08
N LEU A 489 6.60 -30.89 2.79
CA LEU A 489 7.60 -31.76 2.20
C LEU A 489 8.96 -31.43 2.70
N ALA A 490 9.30 -30.15 2.74
CA ALA A 490 10.54 -29.71 3.36
C ALA A 490 10.68 -30.08 4.86
N LYS A 491 9.61 -29.91 5.63
CA LYS A 491 9.57 -30.38 7.03
C LYS A 491 9.78 -31.90 7.12
N PHE A 492 9.16 -32.67 6.25
CA PHE A 492 9.31 -34.12 6.27
C PHE A 492 10.75 -34.53 5.95
N VAL A 493 11.30 -33.98 4.90
CA VAL A 493 12.65 -34.33 4.44
C VAL A 493 13.62 -34.01 5.56
N GLN A 494 13.38 -32.94 6.30
CA GLN A 494 14.31 -32.55 7.36
C GLN A 494 14.42 -33.66 8.42
N THR A 495 13.32 -34.30 8.72
CA THR A 495 13.33 -35.33 9.79
C THR A 495 14.15 -36.58 9.41
N LEU A 496 14.57 -36.71 8.16
CA LEU A 496 15.26 -37.90 7.73
C LEU A 496 16.76 -37.88 8.15
N GLY A 497 17.26 -36.80 8.73
CA GLY A 497 18.65 -36.78 9.20
C GLY A 497 19.78 -36.73 8.20
N LYS A 498 19.49 -36.29 6.97
CA LYS A 498 20.53 -36.17 5.92
C LYS A 498 20.61 -34.72 5.54
N PRO A 499 21.78 -34.23 5.11
CA PRO A 499 21.95 -32.81 4.74
C PRO A 499 21.04 -32.44 3.56
N VAL A 500 20.41 -31.29 3.59
CA VAL A 500 19.38 -31.01 2.57
C VAL A 500 19.76 -29.69 1.85
N VAL A 501 19.84 -29.69 0.52
CA VAL A 501 19.95 -28.43 -0.24
C VAL A 501 18.58 -28.26 -0.87
N ILE A 502 17.99 -27.07 -0.74
CA ILE A 502 16.74 -26.72 -1.41
C ILE A 502 17.08 -25.85 -2.61
N THR A 503 16.61 -26.31 -3.77
CA THR A 503 16.75 -25.55 -5.00
C THR A 503 15.35 -25.06 -5.31
N LEU A 504 15.16 -23.75 -5.28
CA LEU A 504 13.84 -23.13 -5.37
C LEU A 504 13.72 -22.42 -6.71
N PHE A 505 12.63 -22.73 -7.40
CA PHE A 505 12.31 -22.17 -8.69
C PHE A 505 11.00 -21.38 -8.55
N ASN A 506 11.02 -20.13 -8.96
CA ASN A 506 9.93 -19.24 -8.74
C ASN A 506 10.13 -17.89 -9.49
N GLY A 507 9.02 -17.15 -9.62
CA GLY A 507 8.94 -15.89 -10.36
C GLY A 507 8.77 -14.68 -9.48
N ARG A 508 8.72 -14.88 -8.16
CA ARG A 508 8.54 -13.77 -7.19
C ARG A 508 9.24 -14.09 -5.90
N PRO A 509 9.61 -13.06 -5.15
CA PRO A 509 9.85 -13.32 -3.73
C PRO A 509 8.74 -14.14 -3.06
N LEU A 510 9.14 -15.03 -2.16
CA LEU A 510 8.21 -15.84 -1.38
C LEU A 510 8.59 -15.82 0.12
N GLU A 511 7.62 -16.23 0.95
CA GLU A 511 7.94 -16.52 2.36
C GLU A 511 8.77 -17.77 2.44
N VAL A 512 10.07 -17.60 2.55
CA VAL A 512 10.97 -18.73 2.65
C VAL A 512 11.58 -19.00 4.06
N LYS A 513 11.14 -18.30 5.10
CA LYS A 513 11.70 -18.56 6.42
C LYS A 513 11.63 -20.07 6.75
N GLU A 514 10.46 -20.67 6.53
CA GLU A 514 10.29 -22.10 6.83
C GLU A 514 11.14 -23.02 5.96
N LEU A 515 11.57 -22.54 4.78
CA LEU A 515 12.47 -23.34 3.95
C LEU A 515 13.90 -23.25 4.43
N ALA A 516 14.35 -22.04 4.79
CA ALA A 516 15.68 -21.82 5.33
C ALA A 516 15.84 -22.57 6.65
N GLU A 517 14.82 -22.58 7.45
CA GLU A 517 14.93 -23.32 8.73
C GLU A 517 14.84 -24.83 8.59
N SER A 518 14.44 -25.34 7.43
CA SER A 518 14.22 -26.77 7.33
C SER A 518 15.31 -27.45 6.51
N SER A 519 16.33 -26.67 6.14
CA SER A 519 17.41 -27.15 5.29
C SER A 519 18.75 -26.55 5.69
N ASP A 520 19.80 -27.10 5.12
CA ASP A 520 21.16 -26.64 5.41
C ASP A 520 21.64 -25.62 4.40
N ALA A 521 21.18 -25.76 3.15
CA ALA A 521 21.52 -24.85 2.06
C ALA A 521 20.23 -24.47 1.32
N LEU A 522 20.21 -23.28 0.73
CA LEU A 522 19.09 -22.83 -0.03
C LEU A 522 19.59 -21.98 -1.21
N LEU A 523 19.27 -22.42 -2.41
CA LEU A 523 19.65 -21.78 -3.66
C LEU A 523 18.39 -21.33 -4.45
N GLU A 524 18.36 -20.03 -4.72
CA GLU A 524 17.30 -19.38 -5.45
C GLU A 524 17.68 -19.34 -6.91
N LEU A 525 17.04 -20.18 -7.73
CA LEU A 525 17.37 -20.30 -9.15
C LEU A 525 16.43 -19.42 -10.01
N TRP A 526 15.34 -18.97 -9.40
CA TRP A 526 14.27 -18.27 -10.08
C TRP A 526 13.75 -19.18 -11.18
N PHE A 527 13.57 -18.69 -12.38
CA PHE A 527 13.40 -19.56 -13.55
C PHE A 527 14.58 -19.28 -14.50
N PRO A 528 15.59 -20.16 -14.55
CA PRO A 528 16.75 -19.84 -15.38
C PRO A 528 16.59 -19.92 -16.88
N GLY A 529 15.52 -20.53 -17.35
CA GLY A 529 15.36 -20.67 -18.81
C GLY A 529 15.80 -22.02 -19.35
N THR A 530 16.26 -21.99 -20.60
CA THR A 530 16.49 -23.19 -21.39
C THR A 530 17.51 -24.12 -20.74
N GLU A 531 18.50 -23.52 -20.09
CA GLU A 531 19.61 -24.30 -19.53
C GLU A 531 19.46 -24.61 -18.04
N ALA A 532 18.23 -24.50 -17.54
CA ALA A 532 17.89 -24.64 -16.12
C ALA A 532 18.58 -25.74 -15.35
N GLY A 533 18.47 -26.96 -15.83
CA GLY A 533 19.11 -28.07 -15.13
C GLY A 533 20.63 -27.98 -15.05
N ARG A 534 21.29 -27.43 -16.07
CA ARG A 534 22.75 -27.31 -16.11
C ARG A 534 23.18 -26.15 -15.25
N VAL A 535 22.41 -25.07 -15.30
CA VAL A 535 22.65 -23.99 -14.38
C VAL A 535 22.70 -24.59 -12.95
N THR A 536 21.69 -25.37 -12.60
CA THR A 536 21.58 -25.93 -11.24
C THR A 536 22.74 -26.89 -10.90
N ALA A 537 23.03 -27.80 -11.83
CA ALA A 537 24.09 -28.80 -11.59
C ALA A 537 25.48 -28.14 -11.39
N ASP A 538 25.82 -27.16 -12.24
CA ASP A 538 27.11 -26.47 -12.15
C ASP A 538 27.22 -25.67 -10.88
N LEU A 539 26.12 -25.07 -10.38
CA LEU A 539 26.24 -24.31 -9.13
C LEU A 539 26.39 -25.29 -7.96
N LEU A 540 25.60 -26.35 -7.96
CA LEU A 540 25.64 -27.40 -6.88
C LEU A 540 27.02 -28.13 -6.79
N SER A 541 27.64 -28.37 -7.93
CA SER A 541 28.97 -29.03 -7.95
C SER A 541 30.17 -28.04 -7.89
N GLY A 542 29.93 -26.73 -7.82
CA GLY A 542 31.04 -25.81 -7.82
C GLY A 542 31.76 -25.54 -9.15
N ALA A 543 31.31 -26.15 -10.25
CA ALA A 543 31.83 -25.86 -11.55
C ALA A 543 31.60 -24.39 -11.76
N SER A 544 30.43 -23.88 -11.30
CA SER A 544 30.22 -22.42 -11.15
C SER A 544 29.94 -22.11 -9.67
N ASN A 545 30.27 -20.88 -9.34
CA ASN A 545 30.26 -20.35 -7.99
C ASN A 545 29.20 -19.23 -7.91
N PRO A 546 28.18 -19.43 -7.03
CA PRO A 546 27.02 -18.51 -6.99
C PRO A 546 27.54 -17.13 -6.85
N SER A 547 26.94 -16.18 -7.55
CA SER A 547 27.40 -14.80 -7.52
C SER A 547 26.31 -13.77 -7.57
N GLY A 548 25.05 -14.22 -7.62
CA GLY A 548 23.88 -13.33 -7.59
C GLY A 548 23.53 -12.76 -6.22
N LYS A 549 22.88 -11.58 -6.25
CA LYS A 549 22.48 -10.79 -5.08
C LYS A 549 21.04 -10.43 -5.30
N LEU A 550 20.28 -10.37 -4.22
CA LEU A 550 18.87 -10.13 -4.37
C LEU A 550 18.61 -8.74 -4.92
N SER A 551 17.76 -8.64 -5.90
CA SER A 551 17.37 -7.35 -6.41
C SER A 551 15.99 -6.89 -5.87
N MET A 552 15.38 -7.75 -5.03
CA MET A 552 14.12 -7.50 -4.38
C MET A 552 14.14 -8.15 -3.01
N SER A 553 13.63 -7.44 -2.00
CA SER A 553 13.55 -7.92 -0.61
C SER A 553 12.65 -9.12 -0.45
N PHE A 554 13.05 -10.05 0.41
CA PHE A 554 12.22 -11.23 0.72
C PHE A 554 11.58 -11.01 2.09
N PRO A 555 10.26 -10.69 2.12
CA PRO A 555 9.51 -10.39 3.33
C PRO A 555 9.58 -11.54 4.35
N GLN A 556 9.55 -11.18 5.64
CA GLN A 556 9.33 -12.10 6.74
C GLN A 556 7.98 -12.83 6.52
N THR A 557 6.98 -12.07 6.13
CA THR A 557 5.63 -12.59 5.93
C THR A 557 4.85 -11.70 4.95
N THR A 558 3.74 -12.21 4.37
CA THR A 558 2.94 -11.42 3.39
C THR A 558 2.58 -10.01 3.89
N GLY A 559 2.20 -9.93 5.16
CA GLY A 559 1.77 -8.66 5.76
C GLY A 559 2.83 -7.64 6.10
N GLN A 560 4.09 -7.98 5.83
CA GLN A 560 5.16 -7.01 5.86
C GLN A 560 5.21 -6.15 4.60
N ILE A 561 4.49 -6.54 3.54
CA ILE A 561 4.55 -5.82 2.25
C ILE A 561 3.87 -4.42 2.31
N PRO A 562 4.54 -3.37 1.77
CA PRO A 562 5.81 -3.39 1.08
C PRO A 562 6.96 -3.16 2.00
N VAL A 563 8.00 -3.91 1.79
CA VAL A 563 9.24 -3.77 2.53
C VAL A 563 10.33 -3.72 1.47
N TYR A 564 11.24 -2.79 1.63
CA TYR A 564 12.25 -2.52 0.61
C TYR A 564 13.43 -1.76 1.27
N TYR A 565 14.65 -1.88 0.71
CA TYR A 565 15.87 -1.32 1.38
C TYR A 565 15.94 0.22 1.42
N ASN A 566 15.43 0.86 0.38
CA ASN A 566 15.51 2.31 0.30
C ASN A 566 14.31 3.03 0.95
N HIS A 567 14.11 2.75 2.22
CA HIS A 567 12.98 3.28 2.97
C HIS A 567 13.31 4.53 3.74
N LEU A 568 12.26 5.29 4.08
CA LEU A 568 12.38 6.47 4.92
C LEU A 568 12.59 6.06 6.36
N ARG A 569 13.11 6.99 7.13
CA ARG A 569 13.52 6.72 8.50
C ARG A 569 12.39 6.69 9.49
N THR A 570 11.40 7.54 9.21
CA THR A 570 10.30 7.86 10.14
C THR A 570 10.81 8.71 11.30
N GLY A 571 9.86 9.19 12.09
CA GLY A 571 10.14 10.01 13.19
C GLY A 571 10.50 9.24 14.42
N ARG A 572 10.21 7.95 14.46
CA ARG A 572 10.57 7.12 15.61
C ARG A 572 11.22 5.78 15.19
N PRO A 573 12.44 5.84 14.58
CA PRO A 573 13.11 4.67 14.07
C PRO A 573 13.48 3.72 15.21
N GLN A 574 13.39 2.45 14.92
CA GLN A 574 13.89 1.44 15.79
C GLN A 574 15.42 1.48 15.66
N THR A 575 16.12 1.50 16.78
CA THR A 575 17.57 1.49 16.78
C THR A 575 18.03 0.29 17.61
N PRO A 576 19.30 -0.11 17.47
CA PRO A 576 19.89 -0.99 18.46
C PRO A 576 19.61 -0.47 19.90
N GLU A 577 19.73 0.84 20.09
CA GLU A 577 19.60 1.50 21.42
C GLU A 577 18.19 1.45 22.05
N ASN A 578 17.13 1.66 21.27
CA ASN A 578 15.71 1.59 21.78
C ASN A 578 14.99 0.24 21.57
N LYS A 579 15.75 -0.80 21.27
CA LYS A 579 15.17 -2.13 21.12
C LYS A 579 14.40 -2.42 22.37
N GLY A 580 13.21 -2.97 22.18
CA GLY A 580 12.38 -3.31 23.31
C GLY A 580 11.25 -2.35 23.56
N GLU A 581 11.45 -1.04 23.35
CA GLU A 581 10.43 -0.07 23.74
C GLU A 581 9.18 -0.13 22.88
N ARG A 582 8.04 0.22 23.49
CA ARG A 582 6.73 0.26 22.84
C ARG A 582 6.67 1.37 21.77
N TYR A 583 7.02 2.61 22.11
CA TYR A 583 6.67 3.71 21.21
C TYR A 583 7.72 3.99 20.09
N VAL A 584 7.97 2.98 19.26
CA VAL A 584 8.87 3.05 18.11
C VAL A 584 8.23 2.32 16.95
N SER A 585 8.67 2.58 15.73
CA SER A 585 8.12 1.94 14.55
C SER A 585 8.55 0.49 14.54
N HIS A 586 7.61 -0.38 14.85
CA HIS A 586 7.86 -1.82 14.87
C HIS A 586 6.55 -2.54 14.72
N TYR A 587 6.66 -3.83 14.41
CA TYR A 587 5.56 -4.79 14.50
C TYR A 587 5.62 -5.56 15.82
N LEU A 588 4.47 -5.87 16.38
CA LEU A 588 4.43 -6.77 17.58
C LEU A 588 4.80 -8.19 17.21
N ASP A 589 4.57 -8.62 15.97
CA ASP A 589 4.68 -10.03 15.67
C ASP A 589 5.85 -10.43 14.75
N ILE A 590 6.50 -9.50 14.06
CA ILE A 590 7.70 -9.78 13.20
C ILE A 590 8.76 -8.69 13.35
N PRO A 591 9.99 -8.97 12.91
CA PRO A 591 11.01 -7.93 12.74
C PRO A 591 10.67 -6.94 11.65
N ASN A 592 11.23 -5.73 11.73
CA ASN A 592 11.09 -4.71 10.65
C ASN A 592 11.88 -5.08 9.44
N GLU A 593 12.97 -5.78 9.67
CA GLU A 593 13.83 -6.19 8.57
C GLU A 593 13.12 -7.25 7.74
N PRO A 594 13.34 -7.21 6.41
CA PRO A 594 12.96 -8.33 5.61
C PRO A 594 13.74 -9.58 5.97
N PHE A 595 13.25 -10.75 5.53
CA PHE A 595 13.96 -11.98 5.82
C PHE A 595 15.34 -11.97 5.16
N TYR A 596 15.41 -11.57 3.87
CA TYR A 596 16.67 -11.35 3.17
C TYR A 596 16.60 -9.94 2.53
N PRO A 597 17.68 -9.19 2.63
CA PRO A 597 17.65 -7.81 2.12
C PRO A 597 18.21 -7.67 0.70
N PHE A 598 17.89 -6.51 0.10
CA PHE A 598 18.42 -6.12 -1.20
C PHE A 598 19.96 -6.23 -1.20
N GLY A 599 20.51 -6.76 -2.26
CA GLY A 599 21.97 -6.81 -2.48
C GLY A 599 22.64 -7.97 -1.76
N TYR A 600 21.85 -8.85 -1.14
CA TYR A 600 22.36 -9.99 -0.37
C TYR A 600 22.48 -11.26 -1.19
N GLY A 601 23.59 -11.95 -1.00
CA GLY A 601 23.83 -13.24 -1.67
C GLY A 601 25.19 -13.78 -1.19
N LYS A 602 25.29 -15.07 -1.07
CA LYS A 602 26.47 -15.75 -0.60
C LYS A 602 27.37 -16.19 -1.75
N SER A 603 28.55 -16.73 -1.40
CA SER A 603 29.56 -17.20 -2.37
C SER A 603 30.33 -18.40 -1.75
N TYR A 604 30.93 -19.25 -2.58
CA TYR A 604 31.82 -20.27 -2.08
C TYR A 604 33.21 -19.62 -1.72
N SER A 605 33.45 -18.37 -2.13
CA SER A 605 34.66 -17.64 -1.85
C SER A 605 34.43 -16.72 -0.67
N GLU A 606 35.49 -16.03 -0.27
CA GLU A 606 35.50 -15.07 0.87
C GLU A 606 36.32 -13.87 0.33
N PHE A 607 35.84 -12.65 0.52
CA PHE A 607 36.43 -11.46 -0.09
C PHE A 607 36.71 -10.47 0.99
N GLU A 608 37.65 -9.56 0.78
CA GLU A 608 37.76 -8.39 1.67
C GLU A 608 37.88 -7.16 0.79
N LEU A 609 37.28 -6.07 1.25
CA LEU A 609 37.21 -4.84 0.53
C LEU A 609 37.87 -3.76 1.36
N LYS A 610 38.46 -2.78 0.68
CA LYS A 610 39.08 -1.65 1.34
C LYS A 610 38.74 -0.45 0.46
N THR A 611 38.15 0.58 1.05
CA THR A 611 37.86 1.80 0.30
C THR A 611 38.99 2.76 0.54
N SER A 612 39.52 3.35 -0.53
CA SER A 612 40.57 4.38 -0.39
C SER A 612 40.02 5.65 0.21
N SER A 613 40.94 6.42 0.79
CA SER A 613 40.63 7.70 1.43
C SER A 613 39.67 8.52 0.56
N LEU A 614 38.54 8.89 1.13
CA LEU A 614 37.57 9.79 0.49
C LEU A 614 37.79 11.20 1.02
N PRO A 615 37.51 12.25 0.21
CA PRO A 615 37.51 13.62 0.79
C PRO A 615 36.45 13.86 1.90
N LYS A 616 36.71 14.83 2.77
CA LYS A 616 35.77 15.20 3.85
C LYS A 616 34.71 16.17 3.32
N GLU A 617 35.06 16.90 2.26
CA GLU A 617 34.22 17.93 1.69
C GLU A 617 34.21 17.80 0.19
N LEU A 618 33.19 18.37 -0.42
CA LEU A 618 32.92 18.34 -1.85
C LEU A 618 32.19 19.62 -2.18
N ASN A 619 32.47 20.23 -3.32
CA ASN A 619 31.62 21.34 -3.80
C ASN A 619 30.28 20.83 -4.37
N LEU A 620 29.26 21.67 -4.39
CA LEU A 620 28.06 21.38 -5.12
C LEU A 620 28.46 21.17 -6.59
N GLY A 621 27.78 20.23 -7.27
CA GLY A 621 28.09 19.93 -8.67
C GLY A 621 29.34 19.08 -8.86
N GLU A 622 30.07 18.80 -7.80
CA GLU A 622 31.24 18.02 -7.94
C GLU A 622 30.91 16.53 -7.83
N SER A 623 31.65 15.72 -8.60
CA SER A 623 31.60 14.27 -8.48
C SER A 623 32.43 13.74 -7.31
N LEU A 624 31.93 12.72 -6.65
CA LEU A 624 32.72 11.96 -5.71
C LEU A 624 33.26 10.68 -6.39
N HIS A 625 34.58 10.50 -6.28
CA HIS A 625 35.29 9.39 -6.88
C HIS A 625 35.64 8.41 -5.82
N VAL A 626 35.26 7.16 -6.02
CA VAL A 626 35.27 6.14 -4.97
C VAL A 626 36.09 4.98 -5.45
N GLU A 627 37.20 4.73 -4.78
CA GLU A 627 38.14 3.69 -5.18
C GLU A 627 38.04 2.55 -4.21
N VAL A 628 37.88 1.35 -4.73
CA VAL A 628 37.74 0.17 -3.88
C VAL A 628 38.66 -0.96 -4.32
N THR A 629 39.42 -1.46 -3.35
CA THR A 629 40.31 -2.59 -3.59
C THR A 629 39.70 -3.82 -3.01
N ILE A 630 39.53 -4.84 -3.82
CA ILE A 630 38.89 -6.06 -3.38
C ILE A 630 39.83 -7.23 -3.57
N LYS A 631 39.87 -8.11 -2.58
CA LYS A 631 40.74 -9.27 -2.66
C LYS A 631 39.97 -10.52 -2.34
N ASN A 632 40.11 -11.53 -3.19
CA ASN A 632 39.66 -12.88 -2.92
C ASN A 632 40.68 -13.56 -1.96
N ILE A 633 40.28 -13.73 -0.69
CA ILE A 633 41.15 -14.30 0.32
C ILE A 633 40.88 -15.77 0.57
N SER A 634 40.16 -16.42 -0.36
CA SER A 634 39.94 -17.87 -0.28
C SER A 634 40.69 -18.58 -1.42
N ASP A 635 40.52 -19.89 -1.46
CA ASP A 635 41.12 -20.71 -2.46
C ASP A 635 40.20 -21.04 -3.60
N ILE A 636 39.05 -20.37 -3.66
CA ILE A 636 38.06 -20.66 -4.70
C ILE A 636 37.86 -19.43 -5.62
N ALA A 637 37.95 -19.56 -6.94
CA ALA A 637 37.70 -18.41 -7.80
C ALA A 637 36.23 -18.01 -7.59
N GLY A 638 35.92 -16.72 -7.69
CA GLY A 638 34.51 -16.31 -7.71
C GLY A 638 34.30 -14.84 -7.99
N LYS A 639 33.03 -14.45 -8.06
CA LYS A 639 32.67 -13.04 -8.26
C LYS A 639 31.90 -12.48 -7.12
N GLU A 640 32.19 -11.21 -6.82
CA GLU A 640 31.54 -10.42 -5.80
C GLU A 640 30.92 -9.18 -6.44
N VAL A 641 29.84 -8.70 -5.85
CA VAL A 641 29.19 -7.47 -6.34
C VAL A 641 29.45 -6.40 -5.34
N ILE A 642 30.38 -5.54 -5.71
CA ILE A 642 30.63 -4.33 -4.96
C ILE A 642 29.48 -3.37 -5.19
N GLN A 643 28.91 -2.86 -4.09
CA GLN A 643 27.77 -1.92 -4.11
C GLN A 643 28.14 -0.64 -3.37
N VAL A 644 27.73 0.49 -3.95
CA VAL A 644 27.91 1.79 -3.29
C VAL A 644 26.57 2.51 -3.19
N TYR A 645 26.24 2.94 -1.96
CA TYR A 645 25.02 3.62 -1.64
C TYR A 645 25.35 5.00 -1.14
N LEU A 646 24.42 5.91 -1.28
CA LEU A 646 24.48 7.24 -0.74
C LEU A 646 23.22 7.48 0.15
N GLN A 647 23.37 8.27 1.22
CA GLN A 647 22.27 8.81 1.98
C GLN A 647 22.39 10.32 2.13
N ASP A 648 21.24 11.00 2.04
CA ASP A 648 21.16 12.42 2.29
C ASP A 648 20.63 12.60 3.68
N VAL A 649 21.48 12.96 4.63
CA VAL A 649 21.12 12.85 6.05
C VAL A 649 20.01 13.79 6.45
N THR A 650 20.06 15.02 5.92
CA THR A 650 19.08 16.06 6.24
C THR A 650 18.68 16.75 4.99
N ALA A 651 17.39 16.81 4.71
CA ALA A 651 17.01 17.41 3.45
C ALA A 651 15.61 18.02 3.58
N SER A 652 15.21 18.81 2.59
CA SER A 652 13.89 19.43 2.58
C SER A 652 12.74 18.45 2.28
N ILE A 653 13.08 17.26 1.81
CA ILE A 653 12.19 16.08 1.73
C ILE A 653 12.91 14.97 2.54
N SER A 654 12.13 14.15 3.26
CA SER A 654 12.69 13.08 4.06
C SER A 654 13.21 12.07 3.05
N ARG A 655 14.53 11.84 3.05
CA ARG A 655 15.21 11.05 2.00
C ARG A 655 15.46 9.61 2.47
N PRO A 656 15.59 8.69 1.55
CA PRO A 656 15.83 7.33 1.99
C PRO A 656 17.10 7.15 2.82
N VAL A 657 17.08 6.12 3.63
CA VAL A 657 18.22 5.77 4.49
C VAL A 657 19.42 5.30 3.67
N LYS A 658 19.14 4.80 2.48
CA LYS A 658 20.19 4.43 1.53
C LYS A 658 19.56 4.40 0.14
N GLU A 659 20.39 4.66 -0.86
CA GLU A 659 20.03 4.46 -2.28
C GLU A 659 21.25 4.00 -2.99
N LEU A 660 21.10 2.98 -3.81
CA LEU A 660 22.17 2.44 -4.60
C LEU A 660 22.53 3.45 -5.70
N LYS A 661 23.82 3.72 -5.87
CA LYS A 661 24.27 4.63 -6.95
C LYS A 661 25.38 4.08 -7.83
N ALA A 662 25.90 2.88 -7.53
CA ALA A 662 26.87 2.27 -8.36
C ALA A 662 27.01 0.84 -7.92
N PHE A 663 27.50 0.03 -8.84
CA PHE A 663 27.75 -1.37 -8.59
C PHE A 663 28.62 -1.89 -9.70
N GLU A 664 29.44 -2.89 -9.36
CA GLU A 664 30.23 -3.61 -10.35
C GLU A 664 30.48 -4.95 -9.82
N LYS A 665 30.34 -5.93 -10.69
CA LYS A 665 30.50 -7.30 -10.33
C LYS A 665 31.94 -7.65 -10.71
N VAL A 666 32.76 -7.96 -9.72
CA VAL A 666 34.23 -8.17 -9.92
C VAL A 666 34.63 -9.63 -9.83
N ALA A 667 35.26 -10.15 -10.87
CA ALA A 667 35.72 -11.56 -10.93
C ALA A 667 37.19 -11.67 -10.47
N LEU A 668 37.42 -12.59 -9.56
CA LEU A 668 38.70 -12.76 -8.93
C LEU A 668 39.03 -14.24 -8.78
N GLN A 669 40.21 -14.62 -9.30
CA GLN A 669 40.84 -15.89 -8.97
C GLN A 669 41.22 -15.97 -7.50
N ALA A 670 41.43 -17.18 -7.02
CA ALA A 670 41.99 -17.37 -5.70
C ALA A 670 43.20 -16.47 -5.49
N GLY A 671 43.14 -15.68 -4.43
CA GLY A 671 44.25 -14.81 -4.04
C GLY A 671 44.33 -13.52 -4.81
N GLU A 672 43.56 -13.39 -5.90
CA GLU A 672 43.68 -12.23 -6.76
C GLU A 672 43.07 -10.99 -6.12
N GLU A 673 43.65 -9.86 -6.49
CA GLU A 673 43.25 -8.56 -6.03
C GLU A 673 43.08 -7.59 -7.20
N LYS A 674 42.03 -6.77 -7.11
CA LYS A 674 41.74 -5.73 -8.10
C LYS A 674 41.33 -4.43 -7.45
N THR A 675 41.46 -3.36 -8.22
CA THR A 675 41.00 -2.05 -7.79
C THR A 675 40.01 -1.57 -8.82
N VAL A 676 38.84 -1.13 -8.36
CA VAL A 676 37.82 -0.56 -9.27
C VAL A 676 37.46 0.78 -8.71
N THR A 677 36.98 1.63 -9.57
CA THR A 677 36.72 3.02 -9.22
C THR A 677 35.29 3.33 -9.69
N PHE A 678 34.60 4.20 -9.00
CA PHE A 678 33.23 4.58 -9.34
C PHE A 678 33.22 6.10 -9.35
N GLU A 679 32.36 6.71 -10.16
CA GLU A 679 32.16 8.15 -10.08
C GLU A 679 30.70 8.43 -9.71
N LEU A 680 30.45 9.03 -8.56
CA LEU A 680 29.10 9.38 -8.20
C LEU A 680 29.03 10.85 -8.60
N THR A 681 28.36 11.14 -9.71
CA THR A 681 28.21 12.50 -10.16
C THR A 681 27.28 13.22 -9.24
N SER A 682 27.21 14.54 -9.41
CA SER A 682 26.33 15.34 -8.57
C SER A 682 24.87 14.99 -8.78
N GLU A 683 24.52 14.41 -9.91
CA GLU A 683 23.21 13.86 -10.03
C GLU A 683 22.90 12.73 -8.97
N ALA A 684 23.87 11.92 -8.59
CA ALA A 684 23.66 10.90 -7.52
C ALA A 684 23.27 11.55 -6.20
N PHE A 685 23.67 12.81 -6.01
CA PHE A 685 23.40 13.54 -4.76
C PHE A 685 22.09 14.35 -4.74
N SER A 686 21.41 14.34 -5.89
CA SER A 686 20.21 15.16 -6.13
C SER A 686 18.88 14.43 -5.98
N PHE A 687 17.83 15.21 -5.89
CA PHE A 687 16.50 14.65 -5.71
C PHE A 687 15.49 15.69 -6.08
N TYR A 688 14.25 15.21 -6.24
CA TYR A 688 13.10 16.07 -6.42
C TYR A 688 12.54 16.70 -5.16
N ASN A 689 12.32 18.00 -5.20
CA ASN A 689 11.81 18.70 -4.02
C ASN A 689 10.31 18.87 -4.02
N HIS A 690 9.75 19.46 -2.96
CA HIS A 690 8.23 19.58 -2.86
C HIS A 690 7.67 20.38 -4.03
N GLN A 691 8.51 21.23 -4.63
CA GLN A 691 8.16 21.96 -5.84
C GLN A 691 8.42 21.20 -7.18
N LEU A 692 8.90 19.93 -7.12
CA LEU A 692 9.14 19.09 -8.31
C LEU A 692 10.38 19.52 -9.16
N GLU A 693 11.19 20.37 -8.56
CA GLU A 693 12.52 20.67 -9.07
C GLU A 693 13.56 19.62 -8.70
N LYS A 694 14.41 19.30 -9.66
CA LYS A 694 15.57 18.45 -9.44
C LYS A 694 16.63 19.34 -8.85
N VAL A 695 16.99 19.08 -7.59
CA VAL A 695 17.85 19.98 -6.80
C VAL A 695 19.05 19.26 -6.20
N GLN A 696 20.08 20.02 -5.87
CA GLN A 696 21.18 19.60 -5.02
C GLN A 696 21.30 20.58 -3.89
N GLU A 697 21.14 20.08 -2.69
CA GLU A 697 21.26 20.88 -1.49
C GLU A 697 22.66 20.67 -0.82
N PRO A 698 23.28 21.76 -0.31
CA PRO A 698 24.41 21.58 0.60
C PRO A 698 24.06 20.82 1.89
N GLY A 699 25.06 20.10 2.41
CA GLY A 699 24.88 19.36 3.63
C GLY A 699 25.59 18.00 3.64
N LEU A 700 25.26 17.19 4.67
CA LEU A 700 25.96 15.93 4.95
C LEU A 700 25.40 14.78 4.15
N HIS A 701 26.28 13.98 3.55
CA HIS A 701 25.89 12.71 2.98
C HIS A 701 26.77 11.65 3.61
N ARG A 702 26.23 10.46 3.70
CA ARG A 702 26.97 9.25 4.05
C ARG A 702 27.05 8.41 2.80
N VAL A 703 28.19 7.75 2.66
CA VAL A 703 28.55 6.88 1.59
C VAL A 703 28.82 5.49 2.20
N PHE A 704 28.15 4.48 1.66
CA PHE A 704 28.24 3.10 2.09
C PHE A 704 28.88 2.29 0.98
N VAL A 705 30.00 1.66 1.29
CA VAL A 705 30.62 0.73 0.39
C VAL A 705 30.59 -0.69 0.97
N GLY A 706 30.14 -1.66 0.19
CA GLY A 706 30.09 -3.04 0.66
C GLY A 706 29.52 -4.02 -0.36
N THR A 707 29.00 -5.14 0.14
CA THR A 707 28.57 -6.28 -0.67
C THR A 707 27.07 -6.66 -0.49
N SER A 708 26.37 -5.86 0.30
CA SER A 708 24.91 -5.84 0.35
C SER A 708 24.47 -4.42 0.83
N SER A 709 23.15 -4.20 0.92
CA SER A 709 22.63 -2.97 1.52
C SER A 709 22.85 -2.92 3.03
N GLU A 710 23.22 -4.06 3.64
CA GLU A 710 23.53 -4.17 5.06
C GLU A 710 25.02 -4.33 5.37
N ASP A 711 25.75 -5.09 4.55
CA ASP A 711 27.21 -5.33 4.73
C ASP A 711 28.09 -4.26 4.08
N VAL A 712 28.27 -3.16 4.79
CA VAL A 712 28.90 -1.95 4.24
C VAL A 712 29.78 -1.28 5.30
N ASP A 713 30.80 -0.56 4.84
CA ASP A 713 31.52 0.39 5.66
C ASP A 713 30.89 1.74 5.33
N VAL A 714 30.83 2.64 6.28
CA VAL A 714 30.18 3.95 6.08
C VAL A 714 31.21 5.10 6.14
N PHE A 715 31.03 6.11 5.30
CA PHE A 715 31.90 7.31 5.31
C PHE A 715 31.05 8.56 5.22
N GLU A 716 31.56 9.71 5.74
CA GLU A 716 30.83 10.98 5.74
C GLU A 716 31.48 12.00 4.84
N VAL A 717 30.63 12.71 4.08
CA VAL A 717 31.06 13.78 3.16
C VAL A 717 30.15 14.97 3.27
N GLU A 718 30.74 16.11 3.61
CA GLU A 718 30.03 17.36 3.75
C GLU A 718 30.07 18.12 2.42
N VAL A 719 28.92 18.14 1.73
CA VAL A 719 28.73 18.95 0.51
C VAL A 719 28.32 20.41 0.76
N GLY A 720 29.07 21.36 0.21
CA GLY A 720 28.65 22.77 0.17
C GLY A 720 29.50 23.69 -0.66
N GLY A 721 29.39 24.99 -0.44
CA GLY A 721 30.29 26.01 -1.03
C GLY A 721 29.77 26.50 -2.38
N TYR A 722 30.68 26.54 -3.37
CA TYR A 722 30.30 26.95 -4.74
C TYR A 722 29.89 25.80 -5.63
N VAL A 723 29.37 26.12 -6.81
CA VAL A 723 28.89 25.06 -7.77
C VAL A 723 29.84 24.89 -8.97
N LEU A 724 30.19 23.65 -9.34
CA LEU A 724 30.87 23.35 -10.66
C LEU A 724 29.91 23.30 -11.86
N MET B 1 -12.58 37.47 29.67
CA MET B 1 -12.28 38.94 29.66
C MET B 1 -12.24 39.48 28.23
N GLU B 2 -12.21 40.81 28.10
CA GLU B 2 -12.27 41.51 26.79
C GLU B 2 -11.04 41.25 25.92
N GLN B 3 -11.27 41.18 24.61
CA GLN B 3 -10.21 40.90 23.62
C GLN B 3 -9.04 41.84 23.77
N GLU B 4 -9.34 43.12 23.91
CA GLU B 4 -8.31 44.13 24.19
C GLU B 4 -7.39 43.72 25.36
N LYS B 5 -7.97 43.20 26.44
CA LYS B 5 -7.16 42.76 27.60
C LYS B 5 -6.29 41.55 27.25
N VAL B 6 -6.77 40.70 26.36
CA VAL B 6 -5.95 39.56 25.91
C VAL B 6 -4.72 40.05 25.14
N GLN B 7 -4.91 40.94 24.20
CA GLN B 7 -3.77 41.55 23.51
C GLN B 7 -2.77 42.21 24.45
N GLU B 8 -3.32 42.99 25.36
CA GLU B 8 -2.55 43.69 26.37
C GLU B 8 -1.53 42.74 27.05
N LEU B 9 -2.01 41.55 27.41
CA LEU B 9 -1.16 40.49 28.04
C LEU B 9 0.03 40.11 27.17
N VAL B 10 -0.23 39.96 25.88
CA VAL B 10 0.82 39.58 24.93
C VAL B 10 1.93 40.64 24.89
N SER B 11 1.54 41.91 24.78
CA SER B 11 2.47 43.03 24.84
C SER B 11 3.23 43.08 26.14
N GLN B 12 2.59 42.71 27.24
CA GLN B 12 3.21 42.80 28.57
C GLN B 12 4.18 41.67 28.85
N MET B 13 4.04 40.56 28.12
CA MET B 13 4.91 39.38 28.32
C MET B 13 6.33 39.65 27.82
N THR B 14 7.32 39.09 28.50
CA THR B 14 8.68 39.10 27.98
C THR B 14 8.82 38.01 26.95
N LEU B 15 9.88 38.09 26.15
CA LEU B 15 10.24 37.05 25.20
C LEU B 15 10.30 35.66 25.85
N ASP B 16 11.02 35.53 26.97
CA ASP B 16 11.12 34.22 27.59
C ASP B 16 9.75 33.71 28.02
N GLU B 17 8.87 34.65 28.40
CA GLU B 17 7.52 34.28 28.84
C GLU B 17 6.68 33.77 27.67
N LYS B 18 6.82 34.44 26.54
CA LYS B 18 6.14 34.05 25.29
C LYS B 18 6.57 32.66 24.78
N ILE B 19 7.87 32.39 24.83
CA ILE B 19 8.46 31.13 24.40
C ILE B 19 7.92 29.96 25.25
N ALA B 20 7.89 30.14 26.56
CA ALA B 20 7.51 29.07 27.45
C ALA B 20 5.98 28.79 27.38
N GLN B 21 5.20 29.82 27.05
CA GLN B 21 3.78 29.69 26.82
C GLN B 21 3.48 28.63 25.74
N CYS B 22 4.44 28.41 24.85
CA CYS B 22 4.33 27.43 23.79
C CYS B 22 4.86 26.02 24.14
N LEU B 23 4.98 25.72 25.45
CA LEU B 23 5.46 24.43 25.90
C LEU B 23 4.40 23.71 26.68
N GLN B 24 4.17 22.41 26.39
CA GLN B 24 3.29 21.56 27.19
C GLN B 24 4.07 20.46 27.94
N LEU B 25 3.77 20.29 29.23
CA LEU B 25 4.50 19.33 30.07
C LEU B 25 3.59 18.44 30.86
N SER B 26 4.10 17.26 31.23
CA SER B 26 3.43 16.32 32.10
C SER B 26 3.26 16.96 33.49
N PRO B 27 2.24 16.56 34.25
CA PRO B 27 1.87 17.25 35.50
C PRO B 27 2.98 17.20 36.56
N PHE B 28 3.66 16.06 36.62
CA PHE B 28 4.73 15.89 37.64
C PHE B 28 6.03 16.62 37.28
N LEU B 29 6.07 17.39 36.20
CA LEU B 29 7.14 18.36 35.97
C LEU B 29 6.82 19.71 36.58
N PHE B 30 5.65 19.86 37.19
CA PHE B 30 5.29 21.09 37.90
C PHE B 30 5.30 20.86 39.40
N LYS B 31 5.62 21.94 40.12
CA LYS B 31 5.39 22.06 41.53
C LYS B 31 3.89 22.02 41.80
N GLY B 32 3.54 21.32 42.88
CA GLY B 32 2.16 21.22 43.30
C GLY B 32 1.48 19.95 42.86
N THR B 33 2.12 19.16 42.00
CA THR B 33 1.53 17.87 41.63
C THR B 33 1.32 16.98 42.87
N ASN B 34 0.38 16.06 42.79
CA ASN B 34 0.17 15.16 43.93
C ASN B 34 0.33 13.70 43.55
N LYS B 35 1.04 13.42 42.47
CA LYS B 35 1.33 12.06 42.02
C LYS B 35 2.62 12.02 41.21
N ASN B 36 3.36 10.91 41.28
CA ASN B 36 4.63 10.68 40.51
C ASN B 36 5.77 11.71 40.78
N ALA B 37 5.66 12.44 41.90
CA ALA B 37 6.57 13.55 42.24
C ALA B 37 8.05 13.17 42.31
N GLU B 38 8.34 11.90 42.55
CA GLU B 38 9.73 11.39 42.54
C GLU B 38 10.35 11.38 41.14
N LEU B 39 9.51 11.42 40.11
CA LEU B 39 9.99 11.50 38.74
C LEU B 39 10.46 12.92 38.36
N THR B 40 10.17 13.90 39.19
CA THR B 40 10.27 15.31 38.85
C THR B 40 11.70 15.85 38.70
N GLY B 41 12.54 15.61 39.69
CA GLY B 41 13.93 16.06 39.65
C GLY B 41 14.78 15.43 38.55
N PRO B 42 14.85 14.10 38.49
CA PRO B 42 15.59 13.48 37.40
C PRO B 42 15.16 14.01 36.02
N LEU B 43 13.85 14.01 35.74
CA LEU B 43 13.34 14.35 34.41
C LEU B 43 13.52 15.84 34.12
N LEU B 44 13.24 16.71 35.08
CA LEU B 44 13.57 18.15 34.90
C LEU B 44 15.02 18.32 34.43
N GLN B 45 15.92 17.48 34.94
CA GLN B 45 17.35 17.63 34.63
C GLN B 45 17.72 17.12 33.24
N GLU B 46 17.13 15.99 32.87
CA GLU B 46 17.24 15.36 31.55
C GLU B 46 16.73 16.26 30.44
N MET B 47 15.59 16.93 30.67
CA MET B 47 15.01 17.90 29.72
C MET B 47 15.67 19.28 29.83
N LYS B 48 16.50 19.42 30.88
CA LYS B 48 17.23 20.62 31.28
C LYS B 48 16.29 21.79 31.42
N LEU B 49 15.24 21.53 32.20
CA LEU B 49 14.19 22.50 32.52
C LEU B 49 14.46 23.16 33.88
N THR B 50 14.15 24.46 33.97
CA THR B 50 14.38 25.29 35.16
C THR B 50 13.02 25.73 35.67
N ASP B 51 12.99 26.43 36.81
CA ASP B 51 11.77 27.04 37.32
C ASP B 51 11.25 28.11 36.36
N ALA B 52 12.14 28.94 35.84
CA ALA B 52 11.72 29.96 34.88
C ALA B 52 10.94 29.32 33.71
N HIS B 53 11.27 28.06 33.37
CA HIS B 53 10.53 27.36 32.30
C HIS B 53 9.16 26.89 32.78
N THR B 54 9.12 26.22 33.92
CA THR B 54 7.90 25.57 34.39
C THR B 54 6.91 26.54 35.01
N GLU B 55 7.40 27.62 35.57
CA GLU B 55 6.54 28.67 36.08
C GLU B 55 5.92 29.53 34.99
N ASN B 56 6.43 29.38 33.78
CA ASN B 56 5.81 30.01 32.62
C ASN B 56 5.26 29.07 31.52
N ALA B 57 5.39 27.76 31.73
CA ALA B 57 4.82 26.78 30.80
C ALA B 57 3.39 27.11 30.45
N GLY B 58 3.01 26.76 29.24
CA GLY B 58 1.69 27.12 28.75
C GLY B 58 0.63 26.09 29.07
N SER B 59 1.00 24.80 29.09
CA SER B 59 -0.03 23.78 29.23
C SER B 59 0.43 22.56 29.99
N VAL B 60 -0.50 21.92 30.69
CA VAL B 60 -0.28 20.58 31.30
C VAL B 60 -0.98 19.48 30.48
N LEU B 61 -0.26 18.37 30.28
CA LEU B 61 -0.68 17.18 29.54
C LEU B 61 -0.89 16.02 30.50
N GLY B 62 -2.13 15.56 30.65
CA GLY B 62 -2.35 14.30 31.37
C GLY B 62 -2.35 14.41 32.88
N SER B 63 -3.00 15.43 33.42
CA SER B 63 -3.25 15.52 34.87
C SER B 63 -3.92 14.21 35.37
N SER B 64 -3.65 13.78 36.60
CA SER B 64 -4.11 12.45 37.04
C SER B 64 -5.46 12.50 37.73
N SER B 65 -5.82 13.69 38.25
CA SER B 65 -7.10 13.93 38.90
C SER B 65 -7.37 15.42 39.10
N ALA B 66 -8.57 15.72 39.58
CA ALA B 66 -8.93 17.09 39.99
C ALA B 66 -7.91 17.67 41.00
N LEU B 67 -7.53 16.90 42.00
CA LEU B 67 -6.56 17.34 43.01
C LEU B 67 -5.19 17.65 42.43
N ASP B 68 -4.78 16.89 41.42
CA ASP B 68 -3.50 17.13 40.72
C ASP B 68 -3.60 18.51 40.06
N MET B 69 -4.64 18.70 39.24
CA MET B 69 -4.93 19.99 38.61
C MET B 69 -4.96 21.16 39.62
N ILE B 70 -5.81 21.05 40.63
CA ILE B 70 -6.02 22.14 41.56
C ILE B 70 -4.69 22.53 42.16
N GLY B 71 -3.96 21.54 42.64
CA GLY B 71 -2.62 21.73 43.26
C GLY B 71 -1.62 22.38 42.33
N ILE B 72 -1.57 21.89 41.09
CA ILE B 72 -0.61 22.37 40.11
C ILE B 72 -0.91 23.85 39.77
N GLN B 73 -2.20 24.14 39.53
CA GLN B 73 -2.68 25.44 39.11
C GLN B 73 -2.53 26.46 40.24
N GLU B 74 -2.73 25.99 41.47
CA GLU B 74 -2.65 26.85 42.64
C GLU B 74 -1.19 27.30 42.86
N ALA B 75 -0.27 26.32 42.91
CA ALA B 75 1.18 26.63 42.96
C ALA B 75 1.65 27.50 41.80
N TYR B 76 1.16 27.21 40.60
CA TYR B 76 1.56 27.96 39.38
C TYR B 76 1.09 29.43 39.41
N LEU B 77 -0.17 29.67 39.78
CA LEU B 77 -0.69 31.02 39.91
C LEU B 77 -0.06 31.79 41.06
N LYS B 78 0.48 31.10 42.06
CA LYS B 78 1.31 31.78 43.10
C LYS B 78 2.46 32.57 42.48
N THR B 79 3.16 31.94 41.55
CA THR B 79 4.44 32.40 41.07
C THR B 79 4.43 33.02 39.67
N ASN B 80 3.37 32.81 38.89
CA ASN B 80 3.29 33.38 37.57
C ASN B 80 3.13 34.89 37.62
N ARG B 81 3.99 35.62 36.93
CA ARG B 81 4.03 37.06 37.03
C ARG B 81 2.76 37.80 36.61
N LEU B 82 2.16 37.44 35.47
CA LEU B 82 0.95 38.14 34.97
C LEU B 82 -0.39 37.47 35.30
N GLY B 83 -0.37 36.33 36.02
CA GLY B 83 -1.64 35.59 36.23
C GLY B 83 -2.24 34.88 35.00
N ILE B 84 -1.41 34.34 34.11
CA ILE B 84 -1.93 33.50 33.00
C ILE B 84 -2.10 32.01 33.47
N PRO B 85 -3.36 31.51 33.59
CA PRO B 85 -3.57 30.14 34.04
C PRO B 85 -3.06 29.08 33.03
N LEU B 86 -2.72 27.92 33.55
CA LEU B 86 -2.39 26.77 32.73
C LEU B 86 -3.68 26.26 32.11
N VAL B 87 -3.54 25.73 30.91
CA VAL B 87 -4.65 24.95 30.32
C VAL B 87 -4.23 23.46 30.46
N PHE B 88 -5.16 22.62 30.91
CA PHE B 88 -5.01 21.19 31.17
C PHE B 88 -5.71 20.35 30.11
N MET B 89 -4.93 19.50 29.42
CA MET B 89 -5.39 18.74 28.26
C MET B 89 -5.27 17.25 28.54
N ALA B 90 -6.18 16.46 27.98
CA ALA B 90 -6.13 15.00 28.22
C ALA B 90 -6.69 14.18 27.09
N ASP B 91 -6.34 12.89 27.11
CA ASP B 91 -6.82 11.90 26.16
C ASP B 91 -8.08 11.29 26.74
N VAL B 92 -9.21 11.88 26.41
CA VAL B 92 -10.51 11.30 26.64
C VAL B 92 -11.06 10.91 25.20
N ILE B 93 -10.88 9.61 24.88
CA ILE B 93 -10.98 9.08 23.55
C ILE B 93 -12.31 8.37 23.37
N HIS B 94 -12.70 7.56 24.34
CA HIS B 94 -14.03 6.95 24.26
C HIS B 94 -14.63 6.78 25.63
N GLY B 95 -14.53 7.88 26.38
CA GLY B 95 -14.94 7.91 27.76
C GLY B 95 -13.85 8.22 28.74
N TYR B 96 -14.28 8.77 29.87
CA TYR B 96 -13.39 9.09 30.98
C TYR B 96 -13.29 7.94 32.04
N LYS B 97 -14.21 7.90 33.02
CA LYS B 97 -14.33 6.75 33.93
C LYS B 97 -15.39 5.76 33.45
N THR B 98 -16.52 6.29 32.99
CA THR B 98 -17.45 5.47 32.26
C THR B 98 -16.90 5.27 30.85
N VAL B 99 -16.47 4.03 30.58
CA VAL B 99 -15.89 3.75 29.31
C VAL B 99 -16.94 3.26 28.28
N PHE B 100 -17.02 3.96 27.19
CA PHE B 100 -17.86 3.60 26.08
C PHE B 100 -17.09 2.72 25.10
N PRO B 101 -17.78 2.19 24.05
CA PRO B 101 -17.09 1.42 23.04
C PRO B 101 -16.02 2.18 22.32
N ILE B 102 -15.01 1.43 21.84
CA ILE B 102 -13.91 2.05 21.09
C ILE B 102 -14.45 2.74 19.86
N PRO B 103 -13.75 3.80 19.35
CA PRO B 103 -14.39 4.54 18.24
C PRO B 103 -14.79 3.72 17.01
N LEU B 104 -14.03 2.65 16.68
CA LEU B 104 -14.29 1.89 15.48
C LEU B 104 -15.66 1.21 15.71
N ALA B 105 -15.94 0.85 16.96
CA ALA B 105 -17.21 0.18 17.30
C ALA B 105 -18.31 1.22 17.18
N LEU B 106 -18.05 2.44 17.64
CA LEU B 106 -18.99 3.54 17.48
C LEU B 106 -19.22 3.84 15.99
N GLY B 107 -18.20 3.69 15.16
CA GLY B 107 -18.43 3.75 13.72
C GLY B 107 -19.55 2.82 13.28
N CYS B 108 -19.48 1.56 13.71
CA CYS B 108 -20.46 0.52 13.34
C CYS B 108 -21.91 0.83 13.78
N SER B 109 -22.08 1.71 14.79
CA SER B 109 -23.42 2.14 15.21
C SER B 109 -24.18 2.83 14.08
N PHE B 110 -23.44 3.50 13.19
CA PHE B 110 -24.04 4.39 12.20
C PHE B 110 -25.04 5.35 12.84
N ASP B 111 -24.77 5.70 14.10
CA ASP B 111 -25.68 6.48 14.90
C ASP B 111 -25.07 7.76 15.47
N ARG B 112 -25.42 8.89 14.85
CA ARG B 112 -24.85 10.18 15.21
C ARG B 112 -25.11 10.49 16.68
N GLU B 113 -26.34 10.22 17.14
CA GLU B 113 -26.75 10.58 18.51
C GLU B 113 -26.02 9.75 19.58
N THR B 114 -25.80 8.48 19.28
CA THR B 114 -24.97 7.64 20.16
C THR B 114 -23.57 8.28 20.41
N VAL B 115 -22.94 8.73 19.33
CA VAL B 115 -21.62 9.33 19.37
C VAL B 115 -21.61 10.65 20.14
N ARG B 116 -22.62 11.48 19.93
CA ARG B 116 -22.74 12.79 20.66
C ARG B 116 -22.89 12.50 22.19
N VAL B 117 -23.64 11.45 22.55
CA VAL B 117 -23.88 11.17 23.95
C VAL B 117 -22.60 10.73 24.67
N MET B 118 -21.89 9.82 24.04
CA MET B 118 -20.57 9.34 24.51
C MET B 118 -19.71 10.55 24.79
N ALA B 119 -19.65 11.47 23.80
CA ALA B 119 -18.84 12.69 23.94
C ALA B 119 -19.36 13.61 25.08
N GLU B 120 -20.67 13.80 25.19
CA GLU B 120 -21.23 14.55 26.32
C GLU B 120 -20.91 14.01 27.69
N VAL B 121 -21.11 12.72 27.90
CA VAL B 121 -20.79 12.08 29.18
C VAL B 121 -19.29 12.12 29.43
N SER B 122 -18.52 11.91 28.39
CA SER B 122 -17.05 11.99 28.52
C SER B 122 -16.63 13.35 29.08
N ALA B 123 -17.21 14.42 28.55
CA ALA B 123 -16.87 15.79 28.98
C ALA B 123 -17.36 16.10 30.36
N LEU B 124 -18.60 15.66 30.67
CA LEU B 124 -19.18 15.79 32.01
C LEU B 124 -18.22 15.26 33.04
N GLU B 125 -17.70 14.04 32.82
CA GLU B 125 -16.78 13.40 33.76
C GLU B 125 -15.36 14.01 33.74
N ALA B 126 -14.87 14.31 32.56
CA ALA B 126 -13.51 14.83 32.42
C ALA B 126 -13.39 16.23 33.00
N THR B 127 -14.41 17.06 32.77
CA THR B 127 -14.44 18.37 33.39
C THR B 127 -14.54 18.26 34.91
N ALA B 128 -15.29 17.28 35.40
CA ALA B 128 -15.35 17.00 36.85
C ALA B 128 -13.99 16.61 37.44
N ASP B 129 -13.08 16.10 36.63
CA ASP B 129 -11.73 15.81 37.12
C ASP B 129 -10.71 16.86 36.68
N GLY B 130 -11.22 18.00 36.22
CA GLY B 130 -10.42 19.19 35.95
C GLY B 130 -9.71 19.29 34.62
N HIS B 131 -10.13 18.52 33.61
CA HIS B 131 -9.58 18.66 32.24
C HIS B 131 -10.38 19.67 31.39
N HIS B 132 -9.66 20.52 30.67
CA HIS B 132 -10.27 21.54 29.79
C HIS B 132 -10.36 21.12 28.30
N VAL B 133 -9.43 20.28 27.88
CA VAL B 133 -9.30 19.88 26.44
C VAL B 133 -9.18 18.37 26.33
N THR B 134 -9.86 17.78 25.35
CA THR B 134 -9.65 16.37 25.06
C THR B 134 -8.99 16.22 23.69
N PHE B 135 -8.07 15.26 23.56
CA PHE B 135 -7.45 14.96 22.27
C PHE B 135 -8.31 13.99 21.46
N SER B 136 -9.49 14.45 21.13
CA SER B 136 -10.52 13.69 20.39
C SER B 136 -11.43 14.72 19.69
N PRO B 137 -11.93 14.40 18.47
CA PRO B 137 -11.94 13.11 17.76
C PRO B 137 -10.72 12.82 16.85
N MET B 138 -10.39 11.54 16.78
CA MET B 138 -9.40 11.06 15.87
C MET B 138 -10.14 10.76 14.56
N LEU B 139 -9.73 11.46 13.51
CA LEU B 139 -10.47 11.42 12.22
C LEU B 139 -9.61 10.94 11.05
N ASP B 140 -8.59 10.16 11.37
CA ASP B 140 -7.73 9.53 10.32
C ASP B 140 -8.50 8.43 9.56
N LEU B 141 -8.70 8.60 8.26
CA LEU B 141 -9.25 7.52 7.41
C LEU B 141 -8.33 6.27 7.44
N VAL B 142 -8.97 5.10 7.56
CA VAL B 142 -8.27 3.83 7.68
C VAL B 142 -8.73 2.84 6.67
N ARG B 143 -7.74 2.32 5.93
CA ARG B 143 -7.91 1.22 5.02
C ARG B 143 -7.08 -0.04 5.33
N ASP B 144 -6.32 0.00 6.42
CA ASP B 144 -5.31 -0.98 6.71
C ASP B 144 -5.41 -1.43 8.17
N PRO B 145 -6.15 -2.51 8.44
CA PRO B 145 -6.30 -3.08 9.77
C PRO B 145 -5.03 -3.66 10.45
N ARG B 146 -3.91 -3.74 9.74
CA ARG B 146 -2.65 -4.05 10.45
C ARG B 146 -2.34 -2.95 11.47
N TRP B 147 -2.69 -1.71 11.14
CA TRP B 147 -2.36 -0.54 11.95
C TRP B 147 -3.17 -0.58 13.26
N GLY B 148 -2.49 -0.54 14.40
CA GLY B 148 -3.20 -0.67 15.72
C GLY B 148 -4.18 0.43 16.01
N ARG B 149 -3.95 1.59 15.36
CA ARG B 149 -4.76 2.77 15.63
C ARG B 149 -6.07 2.82 14.90
N VAL B 150 -6.44 1.79 14.14
CA VAL B 150 -7.80 1.71 13.56
C VAL B 150 -8.90 1.74 14.59
N MET B 151 -8.62 1.22 15.77
CA MET B 151 -9.56 1.28 16.90
C MET B 151 -10.06 2.72 17.20
N GLU B 152 -9.27 3.73 16.87
CA GLU B 152 -9.57 5.15 17.27
C GLU B 152 -10.28 5.89 16.16
N SER B 153 -10.31 5.29 14.98
CA SER B 153 -11.01 5.85 13.84
C SER B 153 -12.40 5.27 13.81
N THR B 154 -13.27 5.93 13.04
CA THR B 154 -14.60 5.37 12.70
C THR B 154 -14.61 4.57 11.37
N GLY B 155 -13.47 4.48 10.72
CA GLY B 155 -13.34 3.52 9.66
C GLY B 155 -12.95 4.00 8.29
N GLU B 156 -13.34 3.24 7.26
CA GLU B 156 -12.91 3.45 5.88
C GLU B 156 -13.68 4.47 5.03
N ASP B 157 -14.77 5.04 5.53
CA ASP B 157 -15.56 5.98 4.73
C ASP B 157 -15.42 7.46 5.22
N PRO B 158 -15.02 8.39 4.33
CA PRO B 158 -14.86 9.78 4.74
C PRO B 158 -16.18 10.44 5.19
N PHE B 159 -17.30 10.08 4.56
CA PHE B 159 -18.59 10.68 4.93
C PHE B 159 -19.05 10.28 6.31
N LEU B 160 -19.05 8.97 6.56
CA LEU B 160 -19.32 8.49 7.91
C LEU B 160 -18.38 9.18 8.92
N ASN B 161 -17.08 9.12 8.67
CA ASN B 161 -16.13 9.69 9.60
C ASN B 161 -16.43 11.20 9.86
N SER B 162 -16.81 11.91 8.80
CA SER B 162 -17.13 13.36 8.90
C SER B 162 -18.32 13.61 9.71
N GLU B 163 -19.33 12.79 9.48
CA GLU B 163 -20.57 12.93 10.21
C GLU B 163 -20.44 12.60 11.69
N LEU B 164 -19.77 11.50 12.00
CA LEU B 164 -19.60 11.14 13.43
C LEU B 164 -18.54 12.04 14.08
N GLY B 165 -17.62 12.55 13.26
CA GLY B 165 -16.63 13.56 13.76
C GLY B 165 -17.32 14.83 14.27
N LYS B 166 -18.30 15.30 13.51
CA LYS B 166 -19.16 16.43 13.92
C LYS B 166 -20.00 16.17 15.15
N ALA B 167 -20.68 15.01 15.17
CA ALA B 167 -21.33 14.55 16.38
C ALA B 167 -20.42 14.55 17.62
N MET B 168 -19.16 14.13 17.49
CA MET B 168 -18.27 14.10 18.68
C MET B 168 -17.91 15.52 19.15
N VAL B 169 -17.56 16.39 18.22
CA VAL B 169 -17.27 17.82 18.54
C VAL B 169 -18.48 18.42 19.27
N ASP B 170 -19.67 18.27 18.72
CA ASP B 170 -20.88 18.82 19.34
C ASP B 170 -21.11 18.24 20.76
N GLY B 171 -20.94 16.94 20.93
CA GLY B 171 -21.07 16.34 22.24
C GLY B 171 -20.08 16.85 23.27
N TYR B 172 -18.80 17.03 22.87
CA TYR B 172 -17.75 17.52 23.82
C TYR B 172 -17.95 19.01 24.09
N GLN B 173 -18.23 19.75 23.04
CA GLN B 173 -18.13 21.22 23.14
C GLN B 173 -19.43 21.91 23.40
N GLY B 174 -20.53 21.36 22.91
CA GLY B 174 -21.80 22.07 22.87
C GLY B 174 -21.63 23.32 22.03
N ASP B 175 -22.25 24.41 22.47
CA ASP B 175 -22.08 25.70 21.80
C ASP B 175 -20.67 26.20 22.10
N ALA B 176 -19.77 26.08 21.13
CA ALA B 176 -18.35 26.43 21.32
C ALA B 176 -18.11 27.85 21.81
N SER B 177 -18.95 28.79 21.42
CA SER B 177 -18.80 30.19 21.86
C SER B 177 -19.17 30.45 23.34
N LYS B 178 -19.59 29.42 24.07
CA LYS B 178 -20.00 29.51 25.47
C LYS B 178 -19.22 28.57 26.38
N LEU B 179 -18.04 28.13 25.93
CA LEU B 179 -17.17 27.29 26.75
C LEU B 179 -16.64 28.00 27.99
N ASN B 180 -16.83 29.32 28.09
CA ASN B 180 -16.56 30.03 29.35
C ASN B 180 -17.69 29.91 30.37
N GLU B 181 -18.89 29.56 29.91
CA GLU B 181 -20.08 29.36 30.76
C GLU B 181 -20.46 27.92 31.00
N ASN B 182 -20.33 27.06 30.00
CA ASN B 182 -20.83 25.71 30.11
C ASN B 182 -19.65 24.85 30.56
N LEU B 183 -19.42 24.83 31.88
CA LEU B 183 -18.23 24.19 32.43
C LEU B 183 -18.28 22.63 32.55
N GLU B 184 -19.34 22.02 32.03
CA GLU B 184 -19.44 20.55 31.85
C GLU B 184 -19.09 20.09 30.41
N GLN B 185 -18.85 21.07 29.53
CA GLN B 185 -18.39 20.86 28.17
C GLN B 185 -16.94 21.27 28.15
N MET B 186 -16.21 20.82 27.12
CA MET B 186 -14.76 21.01 27.03
C MET B 186 -14.37 21.19 25.59
N ALA B 187 -13.18 21.71 25.37
CA ALA B 187 -12.64 21.89 24.03
C ALA B 187 -12.26 20.53 23.44
N ALA B 188 -12.50 20.43 22.13
CA ALA B 188 -12.18 19.26 21.33
C ALA B 188 -10.96 19.63 20.52
N CYS B 189 -10.10 18.63 20.33
CA CYS B 189 -8.89 18.74 19.50
C CYS B 189 -8.89 17.66 18.42
N VAL B 190 -9.09 18.09 17.18
CA VAL B 190 -9.08 17.21 16.01
C VAL B 190 -7.68 16.62 15.79
N LYS B 191 -7.59 15.31 15.53
CA LYS B 191 -6.25 14.70 15.31
C LYS B 191 -6.38 13.57 14.27
N HIS B 192 -5.30 13.16 13.60
CA HIS B 192 -3.95 13.72 13.63
C HIS B 192 -3.75 14.34 12.22
N PHE B 193 -3.54 15.65 12.13
CA PHE B 193 -3.48 16.31 10.81
C PHE B 193 -2.11 16.07 10.14
N ALA B 194 -2.01 15.35 9.02
CA ALA B 194 -3.07 14.63 8.30
C ALA B 194 -2.53 13.30 7.74
N ALA B 195 -3.50 12.40 7.50
CA ALA B 195 -3.40 11.20 6.68
C ALA B 195 -2.59 10.09 7.34
N TYR B 196 -2.54 10.15 8.63
CA TYR B 196 -1.74 9.26 9.48
C TYR B 196 -2.09 7.76 9.31
N GLY B 197 -3.39 7.50 9.14
CA GLY B 197 -3.96 6.19 8.88
C GLY B 197 -3.49 5.44 7.67
N ALA B 198 -2.79 6.12 6.76
CA ALA B 198 -2.33 5.51 5.54
C ALA B 198 -0.91 4.97 5.69
N ALA B 199 -0.43 4.87 6.93
CA ALA B 199 0.88 4.31 7.20
C ALA B 199 1.18 3.08 6.36
N GLU B 200 2.33 3.11 5.66
CA GLU B 200 2.66 2.03 4.76
C GLU B 200 2.84 0.70 5.54
N ALA B 201 2.30 -0.37 4.96
CA ALA B 201 2.37 -1.74 5.55
C ALA B 201 1.75 -1.85 6.94
N GLY B 202 0.84 -0.94 7.27
CA GLY B 202 0.25 -0.83 8.65
C GLY B 202 1.26 -0.68 9.77
N LEU B 203 2.47 -0.30 9.40
CA LEU B 203 3.58 -0.16 10.38
C LEU B 203 3.53 1.18 11.14
N GLU B 204 3.54 1.15 12.46
CA GLU B 204 3.41 2.42 13.22
C GLU B 204 4.44 3.49 12.82
N TYR B 205 3.93 4.71 12.67
CA TYR B 205 4.70 5.95 12.34
C TYR B 205 5.27 5.97 10.92
N ASN B 206 4.97 4.94 10.15
CA ASN B 206 5.65 4.74 8.87
C ASN B 206 5.16 5.72 7.76
N THR B 207 5.97 5.78 6.70
CA THR B 207 5.74 6.56 5.50
C THR B 207 4.29 6.55 5.05
N VAL B 208 3.80 7.74 4.73
CA VAL B 208 2.52 7.95 4.07
C VAL B 208 2.82 8.61 2.74
N ASN B 209 2.19 8.13 1.68
CA ASN B 209 2.27 8.80 0.37
C ASN B 209 1.03 8.57 -0.46
N MET B 210 0.53 9.64 -1.06
CA MET B 210 -0.62 9.62 -1.94
C MET B 210 -0.60 10.93 -2.73
N SER B 211 -1.30 10.99 -3.84
CA SER B 211 -1.39 12.24 -4.58
C SER B 211 -2.14 13.32 -3.78
N THR B 212 -1.79 14.58 -4.06
CA THR B 212 -2.49 15.70 -3.41
C THR B 212 -4.00 15.59 -3.67
N ARG B 213 -4.40 15.24 -4.89
CA ARG B 213 -5.83 15.04 -5.16
C ARG B 213 -6.53 14.01 -4.19
N GLU B 214 -5.88 12.87 -3.94
CA GLU B 214 -6.41 11.84 -3.04
C GLU B 214 -6.43 12.35 -1.58
N LEU B 215 -5.37 13.05 -1.23
CA LEU B 215 -5.35 13.71 0.02
C LEU B 215 -6.66 14.55 0.18
N TYR B 216 -6.93 15.45 -0.77
CA TYR B 216 -8.15 16.26 -0.68
C TYR B 216 -9.45 15.45 -0.77
N GLN B 217 -9.51 14.49 -1.69
CA GLN B 217 -10.73 13.74 -1.97
C GLN B 217 -11.18 12.89 -0.79
N ASN B 218 -10.23 12.17 -0.18
CA ASN B 218 -10.54 11.14 0.84
C ASN B 218 -9.99 11.39 2.29
N TYR B 219 -8.81 11.99 2.42
CA TYR B 219 -8.09 12.00 3.70
C TYR B 219 -8.37 13.31 4.50
N LEU B 220 -8.68 14.39 3.79
CA LEU B 220 -8.95 15.68 4.46
C LEU B 220 -10.40 15.95 4.90
N PRO B 221 -11.40 15.34 4.25
CA PRO B 221 -12.78 15.81 4.50
C PRO B 221 -13.26 15.70 5.93
N ALA B 222 -12.98 14.59 6.62
CA ALA B 222 -13.40 14.54 8.02
C ALA B 222 -12.71 15.61 8.90
N TYR B 223 -11.40 15.89 8.77
CA TYR B 223 -10.81 16.95 9.65
C TYR B 223 -11.55 18.23 9.32
N ASN B 224 -11.75 18.47 8.02
CA ASN B 224 -12.39 19.71 7.57
C ASN B 224 -13.78 19.88 8.18
N ALA B 225 -14.60 18.84 8.15
CA ALA B 225 -15.95 18.89 8.75
C ALA B 225 -15.95 19.20 10.27
N ALA B 226 -15.01 18.60 10.99
CA ALA B 226 -14.91 18.86 12.45
C ALA B 226 -14.39 20.27 12.76
N ILE B 227 -13.45 20.76 11.95
CA ILE B 227 -12.94 22.16 12.01
C ILE B 227 -14.11 23.16 11.75
N GLN B 228 -14.89 22.90 10.72
CA GLN B 228 -16.01 23.77 10.39
C GLN B 228 -17.11 23.72 11.44
N ALA B 229 -17.30 22.57 12.07
CA ALA B 229 -18.25 22.47 13.14
C ALA B 229 -17.77 23.16 14.42
N GLY B 230 -16.53 23.64 14.46
CA GLY B 230 -16.07 24.48 15.56
C GLY B 230 -15.05 23.90 16.51
N ALA B 231 -14.38 22.81 16.12
CA ALA B 231 -13.32 22.22 16.94
C ALA B 231 -12.29 23.28 17.29
N LYS B 232 -11.95 23.36 18.58
CA LYS B 232 -11.08 24.44 19.04
C LYS B 232 -9.63 24.24 18.73
N LEU B 233 -9.13 22.99 18.82
CA LEU B 233 -7.72 22.72 18.54
C LEU B 233 -7.53 21.72 17.39
N VAL B 234 -6.32 21.69 16.85
CA VAL B 234 -5.92 20.66 15.90
C VAL B 234 -4.58 20.15 16.40
N MET B 235 -4.32 18.83 16.27
CA MET B 235 -3.03 18.24 16.56
C MET B 235 -2.33 17.72 15.26
N THR B 236 -1.01 17.91 15.14
CA THR B 236 -0.25 17.46 14.00
C THR B 236 -0.13 15.92 14.01
N ALA B 237 0.22 15.36 12.85
CA ALA B 237 0.50 13.94 12.74
C ALA B 237 2.00 13.60 12.78
N PHE B 238 2.32 12.36 13.17
CA PHE B 238 3.67 11.84 13.16
C PHE B 238 4.35 11.64 11.80
N ASN B 239 3.53 11.42 10.77
CA ASN B 239 3.97 10.97 9.45
C ASN B 239 4.38 12.07 8.55
N VAL B 240 5.14 11.70 7.52
CA VAL B 240 5.33 12.60 6.40
C VAL B 240 4.08 12.75 5.61
N VAL B 241 3.88 13.94 5.04
CA VAL B 241 2.88 14.17 4.04
C VAL B 241 3.62 14.66 2.82
N ASP B 242 3.49 13.94 1.72
CA ASP B 242 4.35 14.08 0.59
C ASP B 242 5.78 14.47 0.92
N GLY B 243 6.41 13.67 1.78
CA GLY B 243 7.80 13.78 2.02
C GLY B 243 8.19 14.71 3.13
N ILE B 244 7.23 15.49 3.66
CA ILE B 244 7.55 16.46 4.73
C ILE B 244 6.77 16.08 5.93
N PRO B 245 7.45 15.81 7.07
CA PRO B 245 6.75 15.56 8.34
C PRO B 245 5.63 16.57 8.59
N ALA B 246 4.42 16.10 8.82
CA ALA B 246 3.33 17.01 9.02
C ALA B 246 3.58 18.21 9.92
N THR B 247 4.34 18.00 10.99
CA THR B 247 4.57 19.02 12.03
C THR B 247 5.29 20.30 11.50
N MET B 248 6.14 20.17 10.49
CA MET B 248 6.83 21.33 9.91
C MET B 248 6.46 21.51 8.42
N ASN B 249 5.29 21.01 8.06
CA ASN B 249 4.82 21.09 6.69
C ASN B 249 4.05 22.38 6.53
N LYS B 250 4.74 23.38 5.98
CA LYS B 250 4.16 24.73 5.90
C LYS B 250 2.98 24.74 4.99
N TRP B 251 3.10 24.11 3.81
CA TRP B 251 1.95 24.03 2.90
C TRP B 251 0.75 23.46 3.63
N LEU B 252 0.91 22.30 4.27
CA LEU B 252 -0.21 21.61 4.96
C LEU B 252 -0.88 22.43 6.04
N ASN B 253 -0.06 23.05 6.90
CA ASN B 253 -0.52 23.68 8.12
C ASN B 253 -0.84 25.16 8.01
N ARG B 254 -0.12 25.88 7.15
CA ARG B 254 -0.44 27.31 6.83
C ARG B 254 -1.40 27.43 5.66
N ASP B 255 -1.05 26.88 4.50
CA ASP B 255 -1.90 27.07 3.31
C ASP B 255 -3.21 26.35 3.41
N VAL B 256 -3.16 25.06 3.74
CA VAL B 256 -4.38 24.23 3.85
C VAL B 256 -5.16 24.48 5.17
N LEU B 257 -4.57 24.20 6.31
CA LEU B 257 -5.30 24.24 7.57
C LEU B 257 -5.71 25.64 7.96
N ARG B 258 -4.75 26.54 7.99
CA ARG B 258 -5.06 27.94 8.35
C ARG B 258 -5.68 28.72 7.18
N GLY B 259 -5.12 28.57 5.99
CA GLY B 259 -5.66 29.24 4.84
C GLY B 259 -7.02 28.70 4.41
N GLU B 260 -7.01 27.58 3.71
CA GLU B 260 -8.25 26.98 3.13
C GLU B 260 -9.29 26.57 4.14
N MET B 261 -8.90 25.86 5.20
CA MET B 261 -9.89 25.45 6.20
C MET B 261 -10.24 26.55 7.25
N GLU B 262 -9.52 27.66 7.17
CA GLU B 262 -9.75 28.87 8.02
C GLU B 262 -9.68 28.60 9.50
N PHE B 263 -8.90 27.59 9.89
CA PHE B 263 -8.63 27.28 11.28
C PHE B 263 -7.74 28.36 11.94
N ASP B 264 -8.27 28.93 13.00
CA ASP B 264 -7.53 30.00 13.70
C ASP B 264 -7.31 29.68 15.16
N GLY B 265 -7.44 28.41 15.55
CA GLY B 265 -7.07 27.96 16.90
C GLY B 265 -5.64 27.47 17.09
N VAL B 266 -5.42 26.86 18.24
CA VAL B 266 -4.10 26.31 18.63
C VAL B 266 -3.78 25.07 17.81
N LEU B 267 -2.59 25.08 17.19
CA LEU B 267 -2.06 23.89 16.56
C LEU B 267 -1.06 23.30 17.54
N ILE B 268 -1.38 22.14 18.07
CA ILE B 268 -0.53 21.45 19.06
C ILE B 268 0.16 20.26 18.40
N SER B 269 1.43 20.05 18.70
CA SER B 269 2.17 18.92 18.14
C SER B 269 1.73 17.62 18.77
N ALA B 270 1.79 16.54 18.00
CA ALA B 270 1.63 15.24 18.64
C ALA B 270 2.84 15.06 19.56
N TRP B 271 2.79 14.06 20.42
CA TRP B 271 3.85 13.89 21.39
C TRP B 271 5.24 13.78 20.74
N GLY B 272 6.08 14.72 21.10
CA GLY B 272 7.46 14.82 20.68
C GLY B 272 7.69 15.10 19.20
N ALA B 273 6.62 15.39 18.45
CA ALA B 273 6.72 15.41 16.98
C ALA B 273 7.61 16.56 16.44
N VAL B 274 7.74 17.63 17.24
CA VAL B 274 8.59 18.77 16.86
C VAL B 274 10.02 18.29 16.83
N ALA B 275 10.48 17.61 17.88
CA ALA B 275 11.86 17.06 17.91
C ALA B 275 12.05 15.95 16.84
N GLU B 276 10.99 15.19 16.54
CA GLU B 276 11.13 14.00 15.70
C GLU B 276 11.33 14.31 14.20
N VAL B 277 11.20 15.57 13.80
CA VAL B 277 11.45 15.96 12.43
C VAL B 277 12.95 15.80 12.11
N ILE B 278 13.77 15.80 13.19
CA ILE B 278 15.18 15.53 13.09
C ILE B 278 15.38 14.07 12.70
N ASN B 279 14.73 13.15 13.37
CA ASN B 279 14.81 11.75 13.02
C ASN B 279 14.36 11.53 11.62
N HIS B 280 13.33 12.27 11.21
CA HIS B 280 12.79 12.14 9.86
C HIS B 280 13.80 12.66 8.84
N GLY B 281 14.81 13.40 9.30
CA GLY B 281 15.83 13.94 8.39
C GLY B 281 15.44 15.21 7.65
N THR B 282 14.53 16.01 8.20
CA THR B 282 14.18 17.26 7.61
C THR B 282 14.50 18.48 8.49
N ALA B 283 15.24 18.21 9.55
CA ALA B 283 15.91 19.25 10.36
C ALA B 283 17.21 18.66 10.84
N ARG B 284 18.27 19.45 10.85
CA ARG B 284 19.62 18.98 11.29
C ARG B 284 19.68 18.84 12.80
N ASN B 285 18.93 19.62 13.52
CA ASN B 285 19.17 19.82 14.94
C ASN B 285 17.98 20.49 15.59
N PRO B 286 17.98 20.63 16.93
CA PRO B 286 16.76 21.26 17.50
C PRO B 286 16.54 22.74 17.12
N LYS B 287 17.61 23.45 16.77
CA LYS B 287 17.44 24.83 16.30
C LYS B 287 16.63 24.83 14.98
N GLU B 288 16.97 23.93 14.08
CA GLU B 288 16.22 23.86 12.80
C GLU B 288 14.77 23.41 13.04
N ALA B 289 14.57 22.40 13.88
CA ALA B 289 13.24 21.87 14.20
C ALA B 289 12.32 22.94 14.70
N ALA B 290 12.84 23.75 15.62
CA ALA B 290 12.07 24.85 16.18
C ALA B 290 11.71 25.86 15.07
N GLN B 291 12.71 26.29 14.33
CA GLN B 291 12.49 27.30 13.33
C GLN B 291 11.37 26.81 12.38
N PHE B 292 11.52 25.59 11.88
CA PHE B 292 10.56 25.05 10.88
C PHE B 292 9.18 24.80 11.47
N SER B 293 9.13 24.37 12.71
CA SER B 293 7.82 24.06 13.26
C SER B 293 7.10 25.37 13.45
N MET B 294 7.83 26.41 13.89
CA MET B 294 7.20 27.69 14.10
C MET B 294 6.79 28.30 12.77
N GLU B 295 7.66 28.27 11.79
CA GLU B 295 7.25 28.68 10.44
C GLU B 295 5.97 28.00 9.99
N ALA B 296 5.78 26.73 10.36
CA ALA B 296 4.62 25.99 9.88
C ALA B 296 3.38 26.32 10.69
N GLY B 297 3.55 26.97 11.84
CA GLY B 297 2.42 27.46 12.64
C GLY B 297 2.01 26.58 13.81
N VAL B 298 2.96 25.79 14.30
CA VAL B 298 2.75 24.95 15.51
C VAL B 298 2.88 25.88 16.72
N ASP B 299 1.81 25.97 17.49
CA ASP B 299 1.74 26.86 18.63
C ASP B 299 2.23 26.27 19.94
N LEU B 300 2.17 24.94 20.04
CA LEU B 300 2.32 24.26 21.31
C LEU B 300 3.11 22.97 21.11
N GLU B 301 4.32 22.94 21.66
CA GLU B 301 5.20 21.80 21.58
C GLU B 301 4.93 20.82 22.74
N MET B 302 4.49 19.60 22.41
CA MET B 302 4.14 18.63 23.46
C MET B 302 5.34 17.80 23.95
N MET B 303 5.81 18.15 25.15
CA MET B 303 6.82 17.38 25.85
C MET B 303 8.20 17.22 25.15
N THR B 304 8.53 18.09 24.19
CA THR B 304 9.92 18.30 23.81
C THR B 304 10.37 19.80 24.01
N THR B 305 11.66 20.10 23.81
CA THR B 305 12.24 21.33 24.30
C THR B 305 12.90 22.16 23.22
N CYS B 306 12.50 21.95 21.96
CA CYS B 306 13.09 22.66 20.87
C CYS B 306 12.78 24.11 20.97
N TYR B 307 11.50 24.42 21.20
CA TYR B 307 11.07 25.81 21.35
C TYR B 307 11.78 26.53 22.50
N ILE B 308 11.70 25.95 23.71
CA ILE B 308 12.20 26.68 24.88
C ILE B 308 13.68 26.97 24.83
N HIS B 309 14.46 26.04 24.28
CA HIS B 309 15.91 26.20 24.20
C HIS B 309 16.40 26.94 22.93
N GLU B 310 15.57 27.12 21.93
CA GLU B 310 16.04 27.66 20.65
C GLU B 310 15.35 28.90 20.10
N LEU B 311 14.11 29.17 20.52
CA LEU B 311 13.37 30.29 19.93
C LEU B 311 14.04 31.63 20.14
N LYS B 312 14.62 31.84 21.33
CA LYS B 312 15.27 33.08 21.70
C LYS B 312 16.35 33.45 20.71
N GLY B 313 17.30 32.54 20.52
CA GLY B 313 18.38 32.73 19.56
C GLY B 313 17.88 32.94 18.13
N LEU B 314 16.85 32.18 17.74
CA LEU B 314 16.31 32.35 16.40
C LEU B 314 15.74 33.74 16.24
N ILE B 315 15.05 34.22 17.27
CA ILE B 315 14.49 35.58 17.25
C ILE B 315 15.56 36.65 17.39
N GLU B 316 16.48 36.42 18.31
CA GLU B 316 17.63 37.31 18.44
C GLU B 316 18.44 37.46 17.15
N GLU B 317 18.78 36.36 16.48
CA GLU B 317 19.54 36.37 15.23
C GLU B 317 18.73 36.81 14.01
N GLY B 318 17.41 37.00 14.12
CA GLY B 318 16.59 37.33 12.94
C GLY B 318 16.30 36.21 11.93
N LYS B 319 16.49 34.96 12.34
CA LYS B 319 16.17 33.85 11.45
C LYS B 319 14.68 33.53 11.49
N LEU B 320 14.02 34.04 12.52
CA LEU B 320 12.60 33.88 12.78
C LEU B 320 11.97 35.21 13.25
N SER B 321 10.81 35.58 12.72
CA SER B 321 10.14 36.77 13.18
C SER B 321 9.49 36.56 14.54
N GLU B 322 9.66 37.52 15.41
CA GLU B 322 8.95 37.53 16.67
C GLU B 322 7.44 37.60 16.47
N ASN B 323 6.99 38.13 15.34
CA ASN B 323 5.56 38.18 15.09
C ASN B 323 4.93 36.81 15.01
N LEU B 324 5.66 35.81 14.52
CA LEU B 324 5.12 34.44 14.49
C LEU B 324 4.93 33.92 15.91
N LEU B 325 5.88 34.21 16.79
CA LEU B 325 5.71 33.87 18.21
C LEU B 325 4.49 34.53 18.84
N ASP B 326 4.28 35.81 18.58
CA ASP B 326 3.19 36.55 19.23
C ASP B 326 1.84 36.02 18.80
N GLU B 327 1.75 35.55 17.57
CA GLU B 327 0.46 35.04 17.12
C GLU B 327 0.18 33.63 17.72
N ALA B 328 1.23 32.83 17.92
CA ALA B 328 1.08 31.56 18.68
C ALA B 328 0.59 31.83 20.13
N VAL B 329 1.23 32.79 20.80
CA VAL B 329 0.91 33.15 22.16
C VAL B 329 -0.53 33.68 22.23
N LEU B 330 -0.91 34.52 21.27
CA LEU B 330 -2.25 35.04 21.23
C LEU B 330 -3.28 33.91 21.06
N ARG B 331 -3.01 32.94 20.18
CA ARG B 331 -3.92 31.77 20.06
C ARG B 331 -4.01 30.99 21.36
N MET B 332 -2.89 30.83 22.05
CA MET B 332 -2.90 30.13 23.34
C MET B 332 -3.79 30.86 24.35
N LEU B 333 -3.60 32.19 24.43
CA LEU B 333 -4.39 33.01 25.36
C LEU B 333 -5.86 33.01 25.02
N ASN B 334 -6.18 33.01 23.71
CA ASN B 334 -7.58 33.02 23.27
C ASN B 334 -8.24 31.74 23.67
N LEU B 335 -7.53 30.61 23.52
CA LEU B 335 -8.06 29.31 23.99
C LEU B 335 -8.38 29.38 25.49
N LYS B 336 -7.46 29.92 26.27
CA LYS B 336 -7.69 30.03 27.71
C LYS B 336 -8.88 30.94 28.03
N ASN B 337 -9.05 31.99 27.25
CA ASN B 337 -10.15 32.92 27.40
C ASN B 337 -11.48 32.30 26.95
N ASP B 338 -11.47 31.55 25.86
CA ASP B 338 -12.63 30.77 25.42
C ASP B 338 -13.12 29.78 26.51
N LEU B 339 -12.20 29.26 27.33
CA LEU B 339 -12.51 28.33 28.43
C LEU B 339 -12.84 29.03 29.78
N GLY B 340 -12.71 30.36 29.80
CA GLY B 340 -13.10 31.18 30.95
C GLY B 340 -12.05 31.17 32.01
N LEU B 341 -10.83 30.73 31.66
CA LEU B 341 -9.75 30.55 32.64
C LEU B 341 -9.29 31.87 33.31
N PHE B 342 -9.46 32.98 32.61
CA PHE B 342 -9.11 34.27 33.21
C PHE B 342 -10.07 34.79 34.28
N GLU B 343 -11.31 34.31 34.32
CA GLU B 343 -12.25 34.60 35.42
C GLU B 343 -12.25 33.48 36.46
N ASP B 344 -12.23 32.22 36.00
CA ASP B 344 -12.19 31.02 36.87
C ASP B 344 -11.13 29.99 36.35
N PRO B 345 -9.89 30.08 36.84
CA PRO B 345 -8.80 29.17 36.44
C PRO B 345 -8.96 27.72 36.88
N TYR B 346 -9.86 27.47 37.84
CA TYR B 346 -10.21 26.09 38.31
C TYR B 346 -11.41 25.48 37.57
N ARG B 347 -11.87 26.23 36.57
CA ARG B 347 -13.00 25.86 35.71
C ARG B 347 -14.11 25.10 36.43
N GLY B 348 -14.69 25.78 37.43
CA GLY B 348 -15.92 25.31 38.12
C GLY B 348 -15.66 24.40 39.31
N LEU B 349 -14.40 24.03 39.53
CA LEU B 349 -14.09 23.00 40.53
C LEU B 349 -13.77 23.53 41.94
N LYS B 350 -13.37 24.79 42.08
CA LYS B 350 -12.63 25.21 43.28
C LYS B 350 -13.45 25.10 44.54
N ASN B 351 -14.71 25.58 44.51
CA ASN B 351 -15.65 25.34 45.61
C ASN B 351 -16.78 24.39 45.26
N ASN B 352 -16.56 23.47 44.32
CA ASN B 352 -17.61 22.57 43.88
C ASN B 352 -17.01 21.20 43.54
N ASP B 353 -17.02 20.31 44.52
CA ASP B 353 -16.57 18.93 44.31
C ASP B 353 -17.60 18.25 43.43
N ARG B 354 -17.20 17.88 42.22
CA ARG B 354 -18.07 17.22 41.28
C ARG B 354 -17.79 15.70 41.16
N THR B 355 -17.11 15.11 42.15
CA THR B 355 -16.94 13.65 42.25
C THR B 355 -18.25 12.95 41.98
N LYS B 356 -19.33 13.56 42.49
CA LYS B 356 -20.73 13.15 42.28
C LYS B 356 -21.06 12.74 40.84
N ASP B 357 -20.53 13.48 39.87
CA ASP B 357 -20.88 13.31 38.45
C ASP B 357 -20.14 12.15 37.75
N ILE B 358 -19.23 11.46 38.43
CA ILE B 358 -18.37 10.47 37.78
C ILE B 358 -18.87 9.05 38.02
N LEU B 359 -19.02 8.29 36.93
CA LEU B 359 -19.43 6.88 36.97
C LEU B 359 -20.81 6.73 37.62
N THR B 360 -21.76 7.58 37.23
CA THR B 360 -23.15 7.45 37.69
C THR B 360 -23.82 6.29 36.99
N ASP B 361 -24.95 5.84 37.55
CA ASP B 361 -25.72 4.76 36.91
C ASP B 361 -26.35 5.20 35.59
N GLU B 362 -26.75 6.47 35.48
CA GLU B 362 -27.32 6.98 34.24
C GLU B 362 -26.28 6.89 33.14
N SER B 363 -25.04 7.26 33.48
CA SER B 363 -23.92 7.22 32.54
C SER B 363 -23.61 5.81 32.08
N ARG B 364 -23.63 4.85 33.01
CA ARG B 364 -23.47 3.42 32.73
C ARG B 364 -24.55 2.89 31.77
N GLY B 365 -25.81 3.30 32.00
CA GLY B 365 -26.91 2.99 31.06
C GLY B 365 -26.65 3.47 29.64
N LYS B 366 -26.10 4.67 29.54
CA LYS B 366 -25.71 5.27 28.24
C LYS B 366 -24.57 4.52 27.53
N ALA B 367 -23.56 4.11 28.29
CA ALA B 367 -22.46 3.26 27.73
C ALA B 367 -22.93 1.87 27.30
N ARG B 368 -23.84 1.30 28.08
CA ARG B 368 -24.51 0.07 27.68
C ARG B 368 -25.29 0.24 26.42
N ALA B 369 -26.07 1.32 26.35
CA ALA B 369 -26.87 1.61 25.15
C ALA B 369 -25.93 1.74 23.94
N ALA B 370 -24.79 2.38 24.17
CA ALA B 370 -23.82 2.60 23.10
C ALA B 370 -23.28 1.24 22.63
N GLY B 371 -22.91 0.41 23.60
CA GLY B 371 -22.49 -0.98 23.33
C GLY B 371 -23.46 -1.71 22.45
N VAL B 372 -24.75 -1.68 22.80
CA VAL B 372 -25.74 -2.43 22.03
C VAL B 372 -26.07 -1.87 20.66
N GLU B 373 -25.79 -0.58 20.44
CA GLU B 373 -25.89 0.04 19.08
C GLU B 373 -24.75 -0.30 18.17
N SER B 374 -23.60 -0.55 18.77
CA SER B 374 -22.31 -0.63 18.07
C SER B 374 -21.91 -2.04 17.67
N ALA B 375 -22.35 -3.03 18.46
CA ALA B 375 -22.03 -4.45 18.13
C ALA B 375 -22.57 -4.80 16.77
N VAL B 376 -21.91 -5.73 16.08
CA VAL B 376 -22.35 -6.16 14.73
C VAL B 376 -22.57 -7.66 14.70
N LEU B 377 -23.76 -8.08 14.30
CA LEU B 377 -24.09 -9.52 14.23
C LEU B 377 -23.69 -9.94 12.83
N LEU B 378 -22.69 -10.79 12.71
CA LEU B 378 -22.13 -11.16 11.43
C LEU B 378 -22.72 -12.45 10.89
N GLU B 379 -22.96 -13.42 11.76
CA GLU B 379 -23.68 -14.66 11.39
C GLU B 379 -24.71 -15.06 12.42
N ASN B 380 -25.74 -15.75 11.95
CA ASN B 380 -26.77 -16.30 12.81
C ASN B 380 -27.49 -17.36 12.01
N LYS B 381 -26.89 -18.53 11.96
CA LYS B 381 -27.48 -19.62 11.20
C LYS B 381 -28.55 -20.35 12.02
N SER B 382 -29.74 -20.44 11.46
CA SER B 382 -30.80 -21.23 12.08
C SER B 382 -31.45 -20.54 13.27
N ARG B 383 -31.50 -19.22 13.27
CA ARG B 383 -32.07 -18.48 14.38
C ARG B 383 -31.55 -19.03 15.70
N LEU B 384 -30.24 -19.35 15.77
CA LEU B 384 -29.61 -19.69 17.04
C LEU B 384 -29.86 -18.58 18.05
N LEU B 385 -29.63 -17.36 17.61
CA LEU B 385 -29.83 -16.17 18.46
C LEU B 385 -31.18 -15.51 18.15
N PRO B 386 -31.83 -14.89 19.15
CA PRO B 386 -31.45 -14.79 20.57
C PRO B 386 -31.62 -16.08 21.34
N LEU B 387 -30.85 -16.26 22.42
CA LEU B 387 -30.96 -17.47 23.24
C LEU B 387 -32.10 -17.24 24.29
N ALA B 388 -32.87 -18.27 24.65
CA ALA B 388 -33.88 -18.16 25.71
C ALA B 388 -33.15 -17.98 27.06
N LYS B 389 -33.76 -17.33 28.02
CA LYS B 389 -33.09 -17.15 29.28
C LYS B 389 -32.93 -18.47 30.03
N GLU B 390 -33.68 -19.48 29.64
CA GLU B 390 -33.50 -20.83 30.21
C GLU B 390 -32.42 -21.67 29.47
N ALA B 391 -31.84 -21.14 28.41
CA ALA B 391 -30.76 -21.84 27.74
C ALA B 391 -29.58 -22.11 28.69
N LYS B 392 -29.13 -23.37 28.71
CA LYS B 392 -28.02 -23.77 29.52
C LYS B 392 -26.74 -23.56 28.70
N ILE B 393 -25.88 -22.69 29.21
CA ILE B 393 -24.72 -22.16 28.49
C ILE B 393 -23.38 -22.65 29.02
N ALA B 394 -22.59 -23.25 28.14
CA ALA B 394 -21.18 -23.42 28.35
C ALA B 394 -20.53 -22.13 27.84
N LEU B 395 -19.89 -21.41 28.75
CA LEU B 395 -19.25 -20.14 28.38
C LEU B 395 -17.78 -20.40 28.42
N VAL B 396 -17.11 -20.44 27.25
CA VAL B 396 -15.68 -20.83 27.21
C VAL B 396 -14.79 -19.94 26.38
N GLY B 397 -13.52 -19.93 26.72
CA GLY B 397 -12.50 -19.18 25.95
C GLY B 397 -11.81 -18.06 26.75
N PRO B 398 -10.92 -17.31 26.11
CA PRO B 398 -10.10 -16.34 26.82
C PRO B 398 -10.85 -15.11 27.25
N LEU B 399 -11.99 -14.83 26.63
CA LEU B 399 -12.81 -13.67 27.02
C LEU B 399 -13.96 -14.03 27.93
N ALA B 400 -14.01 -15.31 28.37
CA ALA B 400 -15.01 -15.77 29.32
C ALA B 400 -15.02 -14.91 30.60
N THR B 401 -13.84 -14.76 31.21
CA THR B 401 -13.66 -14.06 32.45
C THR B 401 -12.67 -12.87 32.38
N SER B 402 -12.01 -12.66 31.24
CA SER B 402 -11.06 -11.58 31.17
C SER B 402 -11.68 -10.22 31.48
N PRO B 403 -10.99 -9.41 32.28
CA PRO B 403 -11.50 -8.07 32.58
C PRO B 403 -11.05 -7.07 31.51
N ASP B 404 -10.28 -7.54 30.54
CA ASP B 404 -9.76 -6.71 29.44
C ASP B 404 -10.79 -6.49 28.33
N ILE B 405 -11.79 -5.69 28.70
CA ILE B 405 -12.89 -5.37 27.80
C ILE B 405 -13.16 -3.88 27.65
N LEU B 406 -12.29 -3.04 28.20
CA LEU B 406 -12.53 -1.59 28.20
C LEU B 406 -11.96 -0.95 26.94
N GLY B 407 -11.04 -1.64 26.26
CA GLY B 407 -10.51 -1.17 25.01
C GLY B 407 -9.18 -0.47 25.17
N GLY B 408 -8.51 -0.28 24.06
CA GLY B 408 -7.32 0.54 24.02
C GLY B 408 -7.66 2.03 24.16
N TRP B 409 -6.63 2.83 24.38
CA TRP B 409 -6.83 4.25 24.65
C TRP B 409 -7.90 4.49 25.77
N ASN B 410 -7.77 3.68 26.82
CA ASN B 410 -8.51 3.88 28.08
C ASN B 410 -7.56 4.37 29.16
N VAL B 411 -7.36 5.68 29.20
CA VAL B 411 -6.37 6.24 30.07
C VAL B 411 -6.87 6.35 31.52
N TYR B 412 -8.17 6.54 31.74
CA TYR B 412 -8.70 6.85 33.07
C TYR B 412 -9.68 5.80 33.63
N GLY B 413 -10.22 4.95 32.78
CA GLY B 413 -11.19 3.96 33.24
C GLY B 413 -10.55 2.76 33.93
N GLU B 414 -11.30 2.12 34.79
CA GLU B 414 -10.67 1.07 35.61
C GLU B 414 -11.37 -0.26 35.45
N GLU B 415 -10.56 -1.31 35.28
CA GLU B 415 -11.11 -2.63 35.00
C GLU B 415 -11.99 -3.16 36.13
N LYS B 416 -11.72 -2.76 37.36
CA LYS B 416 -12.52 -3.26 38.48
C LYS B 416 -13.97 -2.83 38.40
N ASP B 417 -14.26 -1.71 37.71
CA ASP B 417 -15.64 -1.22 37.54
C ASP B 417 -16.29 -1.84 36.32
N GLY B 418 -15.51 -2.58 35.53
CA GLY B 418 -16.05 -3.21 34.30
C GLY B 418 -16.85 -4.48 34.59
N ILE B 419 -17.75 -4.82 33.69
CA ILE B 419 -18.54 -6.03 33.80
C ILE B 419 -18.07 -7.06 32.80
N ASN B 420 -17.47 -8.13 33.27
CA ASN B 420 -16.97 -9.17 32.38
C ASN B 420 -18.10 -10.06 31.81
N VAL B 421 -17.74 -10.93 30.87
CA VAL B 421 -18.76 -11.69 30.16
C VAL B 421 -19.53 -12.64 31.10
N GLU B 422 -18.83 -13.36 31.98
CA GLU B 422 -19.47 -14.27 32.92
C GLU B 422 -20.47 -13.51 33.77
N THR B 423 -19.98 -12.42 34.38
CA THR B 423 -20.86 -11.64 35.26
C THR B 423 -22.13 -11.15 34.53
N GLY B 424 -21.93 -10.63 33.33
CA GLY B 424 -23.06 -10.16 32.53
C GLY B 424 -24.03 -11.32 32.28
N LEU B 425 -23.51 -12.46 31.85
CA LEU B 425 -24.39 -13.58 31.47
C LEU B 425 -25.17 -14.12 32.67
N ARG B 426 -24.52 -14.20 33.82
CA ARG B 426 -25.22 -14.73 34.99
C ARG B 426 -26.29 -13.78 35.56
N GLU B 427 -26.33 -12.52 35.13
CA GLU B 427 -27.47 -11.64 35.46
C GLU B 427 -28.71 -11.98 34.62
N VAL B 428 -28.51 -12.67 33.52
CA VAL B 428 -29.58 -12.90 32.57
C VAL B 428 -29.92 -14.41 32.53
N PHE B 429 -28.91 -15.28 32.58
CA PHE B 429 -29.06 -16.73 32.37
C PHE B 429 -28.86 -17.53 33.64
N GLU B 430 -29.78 -18.43 33.92
CA GLU B 430 -29.78 -19.17 35.19
C GLU B 430 -28.68 -20.23 35.20
N THR B 431 -28.47 -20.90 34.07
CA THR B 431 -27.41 -21.89 33.97
C THR B 431 -26.27 -21.51 33.00
N VAL B 432 -25.11 -21.24 33.60
CA VAL B 432 -23.86 -20.96 32.89
C VAL B 432 -22.73 -21.73 33.55
N GLU B 433 -22.01 -22.51 32.74
CA GLU B 433 -20.85 -23.22 33.20
C GLU B 433 -19.64 -22.66 32.44
N VAL B 434 -18.59 -22.29 33.17
CA VAL B 434 -17.51 -21.49 32.60
C VAL B 434 -16.24 -22.25 32.53
N VAL B 435 -15.58 -22.26 31.38
CA VAL B 435 -14.18 -22.71 31.27
C VAL B 435 -13.35 -21.61 30.59
N SER B 436 -12.49 -20.99 31.38
CA SER B 436 -11.57 -19.95 30.98
C SER B 436 -10.37 -20.61 30.33
N THR B 437 -9.94 -20.08 29.20
CA THR B 437 -8.66 -20.51 28.64
C THR B 437 -7.78 -19.26 28.44
N GLU B 438 -6.51 -19.50 28.11
CA GLU B 438 -5.55 -18.45 27.94
C GLU B 438 -5.68 -17.84 26.56
N TYR B 439 -5.11 -16.64 26.39
CA TYR B 439 -5.19 -15.96 25.10
C TYR B 439 -4.38 -16.65 23.99
N THR B 440 -3.28 -17.29 24.31
CA THR B 440 -2.36 -17.75 23.27
C THR B 440 -2.05 -19.26 23.34
N GLU B 441 -2.80 -19.99 24.18
CA GLU B 441 -2.54 -21.42 24.39
C GLU B 441 -3.86 -22.20 24.37
N LEU B 442 -3.76 -23.48 24.02
CA LEU B 442 -4.86 -24.42 24.12
C LEU B 442 -4.31 -25.75 24.55
N SER B 443 -4.49 -26.07 25.83
CA SER B 443 -3.84 -27.24 26.41
C SER B 443 -4.77 -28.43 26.34
N GLU B 444 -4.21 -29.62 26.50
CA GLU B 444 -5.04 -30.83 26.63
C GLU B 444 -5.99 -30.74 27.82
N GLU B 445 -5.48 -30.25 28.93
CA GLU B 445 -6.33 -30.05 30.12
C GLU B 445 -7.56 -29.13 29.82
N ASP B 446 -7.34 -28.03 29.08
CA ASP B 446 -8.42 -27.15 28.65
C ASP B 446 -9.44 -27.92 27.83
N LYS B 447 -8.96 -28.71 26.89
CA LYS B 447 -9.89 -29.43 26.02
C LYS B 447 -10.79 -30.39 26.81
N VAL B 448 -10.20 -31.04 27.81
CA VAL B 448 -10.98 -31.98 28.65
C VAL B 448 -12.05 -31.18 29.40
N ALA B 449 -11.66 -30.05 29.98
CA ALA B 449 -12.58 -29.20 30.73
C ALA B 449 -13.66 -28.57 29.84
N VAL B 450 -13.28 -28.12 28.65
CA VAL B 450 -14.25 -27.59 27.71
C VAL B 450 -15.22 -28.66 27.32
N LYS B 451 -14.71 -29.83 26.96
CA LYS B 451 -15.58 -30.97 26.56
C LYS B 451 -16.62 -31.32 27.63
N ALA B 452 -16.19 -31.38 28.89
CA ALA B 452 -17.11 -31.71 29.98
C ALA B 452 -18.21 -30.65 30.11
N ALA B 453 -17.84 -29.36 30.00
CA ALA B 453 -18.79 -28.29 30.13
C ALA B 453 -19.81 -28.28 29.00
N VAL B 454 -19.35 -28.47 27.77
CA VAL B 454 -20.25 -28.47 26.58
C VAL B 454 -21.21 -29.68 26.65
N GLN B 455 -20.71 -30.82 27.11
CA GLN B 455 -21.59 -32.00 27.29
C GLN B 455 -22.70 -31.71 28.30
N ASN B 456 -22.39 -31.01 29.39
CA ASN B 456 -23.42 -30.61 30.34
C ASN B 456 -24.50 -29.66 29.84
N MET B 457 -24.17 -28.77 28.92
CA MET B 457 -25.04 -27.63 28.60
C MET B 457 -25.67 -27.82 27.22
N ASP B 458 -26.46 -26.87 26.77
CA ASP B 458 -27.13 -26.97 25.46
C ASP B 458 -26.51 -26.13 24.32
N VAL B 459 -25.86 -25.03 24.67
CA VAL B 459 -25.29 -24.10 23.65
C VAL B 459 -23.94 -23.57 24.12
N VAL B 460 -23.04 -23.32 23.19
CA VAL B 460 -21.72 -22.79 23.55
C VAL B 460 -21.67 -21.30 23.24
N VAL B 461 -21.29 -20.49 24.25
CA VAL B 461 -20.82 -19.14 24.03
C VAL B 461 -19.31 -19.16 24.11
N LEU B 462 -18.69 -19.07 22.93
CA LEU B 462 -17.24 -19.11 22.75
C LEU B 462 -16.74 -17.66 22.70
N ALA B 463 -16.03 -17.24 23.72
CA ALA B 463 -15.62 -15.88 23.85
C ALA B 463 -14.15 -15.75 23.50
N LEU B 464 -13.89 -15.16 22.35
CA LEU B 464 -12.58 -15.06 21.74
C LEU B 464 -12.15 -13.58 21.62
N GLY B 465 -10.86 -13.30 21.64
CA GLY B 465 -10.46 -11.94 21.33
C GLY B 465 -9.01 -11.59 21.56
N GLU B 466 -8.73 -10.28 21.35
CA GLU B 466 -7.42 -9.69 21.50
C GLU B 466 -7.25 -9.05 22.85
N LYS B 467 -6.02 -9.05 23.35
CA LYS B 467 -5.68 -8.17 24.46
C LYS B 467 -5.69 -6.77 23.86
N ASN B 468 -6.09 -5.75 24.62
CA ASN B 468 -6.12 -4.40 24.01
C ASN B 468 -4.73 -3.96 23.59
N GLU B 469 -3.71 -4.46 24.28
CA GLU B 469 -2.32 -4.13 24.00
C GLU B 469 -1.81 -4.64 22.64
N TRP B 470 -2.59 -5.47 21.96
CA TRP B 470 -2.22 -5.87 20.58
C TRP B 470 -2.65 -4.85 19.52
N GLY B 471 -3.30 -3.76 19.95
CA GLY B 471 -3.57 -2.64 19.11
C GLY B 471 -3.39 -1.35 19.86
N GLY B 472 -4.05 -0.29 19.35
CA GLY B 472 -3.75 1.07 19.78
C GLY B 472 -2.42 1.57 19.24
N GLU B 473 -1.87 2.61 19.86
CA GLU B 473 -0.61 3.14 19.34
C GLU B 473 0.55 2.15 19.47
N ALA B 474 1.26 1.95 18.38
CA ALA B 474 2.40 1.09 18.28
C ALA B 474 2.06 -0.36 18.60
N GLY B 475 0.87 -0.74 18.13
CA GLY B 475 0.42 -2.14 18.07
C GLY B 475 0.08 -2.55 16.65
N SER B 476 1.13 -2.62 15.83
CA SER B 476 1.02 -3.06 14.47
C SER B 476 1.19 -4.55 14.40
N LEU B 477 0.25 -5.23 13.72
CA LEU B 477 0.36 -6.67 13.42
C LEU B 477 0.49 -6.81 11.94
N ALA B 478 1.56 -7.46 11.53
CA ALA B 478 1.75 -7.83 10.14
C ALA B 478 0.67 -8.82 9.63
N THR B 479 0.19 -9.72 10.48
CA THR B 479 -0.87 -10.68 10.12
C THR B 479 -2.07 -10.38 11.01
N ILE B 480 -3.21 -10.09 10.42
CA ILE B 480 -4.41 -9.69 11.20
C ILE B 480 -5.22 -10.93 11.61
N ARG B 481 -4.65 -11.72 12.51
CA ARG B 481 -5.29 -12.92 13.01
C ARG B 481 -5.14 -12.98 14.52
N LEU B 482 -6.14 -13.60 15.17
CA LEU B 482 -6.02 -13.97 16.57
C LEU B 482 -4.87 -14.91 16.72
N PRO B 483 -4.40 -15.10 17.94
CA PRO B 483 -3.47 -16.22 18.17
C PRO B 483 -4.04 -17.56 17.70
N GLU B 484 -3.20 -18.36 17.08
CA GLU B 484 -3.65 -19.56 16.45
C GLU B 484 -4.39 -20.51 17.43
N ALA B 485 -4.03 -20.46 18.71
CA ALA B 485 -4.73 -21.25 19.71
C ALA B 485 -6.22 -20.97 19.76
N GLN B 486 -6.63 -19.72 19.49
CA GLN B 486 -8.08 -19.41 19.45
C GLN B 486 -8.79 -20.00 18.22
N TYR B 487 -8.11 -20.00 17.07
CA TYR B 487 -8.66 -20.66 15.90
C TYR B 487 -8.80 -22.20 16.19
N GLN B 488 -7.85 -22.75 16.91
CA GLN B 488 -7.84 -24.22 17.19
C GLN B 488 -8.97 -24.53 18.17
N LEU B 489 -9.24 -23.56 19.06
CA LEU B 489 -10.25 -23.69 20.07
C LEU B 489 -11.60 -23.70 19.41
N ALA B 490 -11.80 -22.80 18.47
CA ALA B 490 -13.03 -22.79 17.71
C ALA B 490 -13.22 -24.05 16.89
N LYS B 491 -12.16 -24.53 16.25
CA LYS B 491 -12.26 -25.83 15.54
C LYS B 491 -12.65 -26.99 16.52
N PHE B 492 -12.06 -27.03 17.71
CA PHE B 492 -12.32 -28.10 18.65
C PHE B 492 -13.80 -28.03 19.13
N VAL B 493 -14.26 -26.83 19.48
CA VAL B 493 -15.60 -26.63 20.02
C VAL B 493 -16.63 -27.03 19.00
N GLN B 494 -16.34 -26.77 17.73
CA GLN B 494 -17.22 -27.20 16.66
C GLN B 494 -17.42 -28.76 16.61
N THR B 495 -16.37 -29.52 16.90
CA THR B 495 -16.52 -31.00 16.85
C THR B 495 -17.48 -31.55 17.94
N LEU B 496 -17.84 -30.75 18.92
CA LEU B 496 -18.61 -31.25 20.05
C LEU B 496 -20.12 -31.36 19.74
N GLY B 497 -20.56 -30.93 18.59
CA GLY B 497 -21.94 -31.21 18.16
C GLY B 497 -23.01 -30.38 18.78
N LYS B 498 -22.65 -29.25 19.42
CA LYS B 498 -23.63 -28.37 20.06
C LYS B 498 -23.58 -27.05 19.36
N PRO B 499 -24.69 -26.30 19.37
CA PRO B 499 -24.70 -25.01 18.67
C PRO B 499 -23.73 -24.00 19.31
N VAL B 500 -23.03 -23.22 18.49
CA VAL B 500 -21.95 -22.39 19.00
C VAL B 500 -22.24 -20.93 18.59
N VAL B 501 -22.29 -20.03 19.56
CA VAL B 501 -22.23 -18.57 19.23
C VAL B 501 -20.82 -18.17 19.58
N ILE B 502 -20.16 -17.40 18.71
CA ILE B 502 -18.87 -16.79 19.01
C ILE B 502 -19.07 -15.32 19.28
N THR B 503 -18.55 -14.88 20.44
CA THR B 503 -18.57 -13.49 20.82
C THR B 503 -17.11 -13.04 20.74
N LEU B 504 -16.83 -12.11 19.82
CA LEU B 504 -15.49 -11.72 19.48
C LEU B 504 -15.29 -10.32 19.95
N PHE B 505 -14.21 -10.15 20.72
CA PHE B 505 -13.80 -8.89 21.27
C PHE B 505 -12.40 -8.53 20.67
N ASN B 506 -12.31 -7.32 20.15
CA ASN B 506 -11.12 -6.92 19.37
C ASN B 506 -11.18 -5.41 19.03
N GLY B 507 -10.03 -4.86 18.60
CA GLY B 507 -9.84 -3.44 18.25
C GLY B 507 -9.57 -3.21 16.78
N ARG B 508 -9.62 -4.28 15.97
CA ARG B 508 -9.40 -4.20 14.49
C ARG B 508 -10.19 -5.26 13.75
N PRO B 509 -10.51 -5.01 12.47
CA PRO B 509 -10.81 -6.15 11.61
C PRO B 509 -9.78 -7.30 11.67
N LEU B 510 -10.28 -8.52 11.66
CA LEU B 510 -9.46 -9.72 11.74
C LEU B 510 -9.90 -10.73 10.66
N GLU B 511 -8.99 -11.66 10.35
CA GLU B 511 -9.37 -12.81 9.48
C GLU B 511 -10.31 -13.72 10.24
N VAL B 512 -11.60 -13.59 10.00
CA VAL B 512 -12.60 -14.36 10.68
C VAL B 512 -13.31 -15.46 9.86
N LYS B 513 -12.84 -15.73 8.64
CA LYS B 513 -13.46 -16.76 7.88
C LYS B 513 -13.51 -18.07 8.70
N GLU B 514 -12.39 -18.41 9.34
CA GLU B 514 -12.31 -19.67 10.06
C GLU B 514 -13.20 -19.66 11.31
N LEU B 515 -13.55 -18.47 11.79
CA LEU B 515 -14.51 -18.42 12.88
C LEU B 515 -15.94 -18.60 12.41
N ALA B 516 -16.29 -17.94 11.31
CA ALA B 516 -17.63 -18.01 10.76
C ALA B 516 -17.91 -19.43 10.31
N GLU B 517 -16.90 -20.08 9.74
CA GLU B 517 -17.12 -21.46 9.30
C GLU B 517 -17.16 -22.48 10.42
N SER B 518 -16.71 -22.11 11.61
CA SER B 518 -16.62 -23.07 12.70
C SER B 518 -17.74 -22.90 13.74
N SER B 519 -18.68 -22.01 13.46
CA SER B 519 -19.76 -21.68 14.38
C SER B 519 -21.07 -21.39 13.66
N ASP B 520 -22.14 -21.31 14.43
CA ASP B 520 -23.47 -21.09 13.87
C ASP B 520 -23.83 -19.62 13.91
N ALA B 521 -23.33 -18.90 14.92
CA ALA B 521 -23.57 -17.46 15.05
C ALA B 521 -22.21 -16.79 15.33
N LEU B 522 -22.07 -15.50 15.00
CA LEU B 522 -20.87 -14.73 15.30
C LEU B 522 -21.25 -13.29 15.57
N LEU B 523 -20.93 -12.81 16.78
CA LEU B 523 -21.23 -11.47 17.19
C LEU B 523 -19.92 -10.72 17.46
N GLU B 524 -19.79 -9.59 16.79
CA GLU B 524 -18.63 -8.72 16.87
C GLU B 524 -18.96 -7.65 17.88
N LEU B 525 -18.34 -7.73 19.06
CA LEU B 525 -18.63 -6.82 20.16
C LEU B 525 -17.60 -5.67 20.21
N TRP B 526 -16.48 -5.84 19.49
CA TRP B 526 -15.35 -4.96 19.55
C TRP B 526 -14.92 -4.88 21.01
N PHE B 527 -14.63 -3.71 21.52
CA PHE B 527 -14.48 -3.53 22.96
C PHE B 527 -15.59 -2.59 23.38
N PRO B 528 -16.60 -3.11 24.09
CA PRO B 528 -17.72 -2.20 24.38
C PRO B 528 -17.53 -1.20 25.50
N GLY B 529 -16.49 -1.39 26.28
CA GLY B 529 -16.30 -0.56 27.49
C GLY B 529 -16.83 -1.14 28.81
N THR B 530 -17.23 -0.23 29.68
CA THR B 530 -17.46 -0.54 31.10
C THR B 530 -18.54 -1.57 31.28
N GLU B 531 -19.55 -1.51 30.40
CA GLU B 531 -20.73 -2.36 30.49
C GLU B 531 -20.68 -3.63 29.59
N ALA B 532 -19.47 -3.99 29.18
CA ALA B 532 -19.25 -5.08 28.24
C ALA B 532 -20.07 -6.34 28.48
N GLY B 533 -20.02 -6.91 29.68
CA GLY B 533 -20.72 -8.16 29.95
C GLY B 533 -22.23 -8.04 29.81
N ARG B 534 -22.79 -6.88 30.13
CA ARG B 534 -24.25 -6.64 29.99
C ARG B 534 -24.59 -6.39 28.51
N VAL B 535 -23.73 -5.64 27.81
CA VAL B 535 -23.92 -5.43 26.37
C VAL B 535 -24.08 -6.82 25.72
N THR B 536 -23.17 -7.75 26.07
CA THR B 536 -23.15 -9.08 25.48
C THR B 536 -24.42 -9.91 25.87
N ALA B 537 -24.76 -9.90 27.15
CA ALA B 537 -25.90 -10.69 27.64
C ALA B 537 -27.22 -10.27 27.02
N ASP B 538 -27.47 -8.94 26.98
CA ASP B 538 -28.66 -8.40 26.38
C ASP B 538 -28.75 -8.69 24.89
N LEU B 539 -27.64 -8.70 24.15
CA LEU B 539 -27.75 -8.96 22.71
C LEU B 539 -28.05 -10.46 22.51
N LEU B 540 -27.34 -11.29 23.27
CA LEU B 540 -27.52 -12.77 23.22
C LEU B 540 -28.96 -13.23 23.58
N SER B 541 -29.57 -12.57 24.54
CA SER B 541 -30.93 -12.93 24.99
C SER B 541 -32.03 -12.18 24.23
N GLY B 542 -31.67 -11.32 23.29
CA GLY B 542 -32.68 -10.57 22.57
C GLY B 542 -33.30 -9.39 23.31
N ALA B 543 -32.83 -9.07 24.52
CA ALA B 543 -33.30 -7.89 25.28
C ALA B 543 -32.93 -6.66 24.50
N SER B 544 -31.76 -6.71 23.85
CA SER B 544 -31.47 -5.83 22.73
C SER B 544 -31.22 -6.64 21.46
N ASN B 545 -31.48 -5.95 20.36
CA ASN B 545 -31.46 -6.52 19.02
C ASN B 545 -30.32 -5.89 18.23
N PRO B 546 -29.32 -6.72 17.80
CA PRO B 546 -28.13 -6.23 17.07
C PRO B 546 -28.52 -5.34 15.90
N SER B 547 -27.85 -4.21 15.78
CA SER B 547 -28.22 -3.17 14.81
C SER B 547 -27.04 -2.47 14.20
N GLY B 548 -25.84 -2.83 14.65
CA GLY B 548 -24.60 -2.29 14.04
C GLY B 548 -24.35 -2.85 12.63
N LYS B 549 -23.59 -2.07 11.85
CA LYS B 549 -23.13 -2.42 10.49
C LYS B 549 -21.64 -2.13 10.43
N LEU B 550 -20.90 -2.88 9.58
CA LEU B 550 -19.45 -2.72 9.60
C LEU B 550 -19.03 -1.35 9.04
N SER B 551 -18.14 -0.66 9.76
CA SER B 551 -17.65 0.60 9.23
C SER B 551 -16.26 0.44 8.54
N MET B 552 -15.80 -0.81 8.51
CA MET B 552 -14.55 -1.16 7.89
C MET B 552 -14.69 -2.57 7.30
N SER B 553 -14.13 -2.80 6.12
CA SER B 553 -14.15 -4.11 5.47
C SER B 553 -13.33 -5.16 6.25
N PHE B 554 -13.85 -6.38 6.28
CA PHE B 554 -13.13 -7.53 6.89
C PHE B 554 -12.52 -8.38 5.79
N PRO B 555 -11.18 -8.30 5.60
CA PRO B 555 -10.45 -8.98 4.50
C PRO B 555 -10.61 -10.51 4.53
N GLN B 556 -10.63 -11.13 3.36
CA GLN B 556 -10.54 -12.57 3.21
C GLN B 556 -9.23 -13.04 3.94
N THR B 557 -8.18 -12.28 3.76
CA THR B 557 -6.85 -12.61 4.31
C THR B 557 -5.95 -11.35 4.39
N THR B 558 -4.86 -11.42 5.14
CA THR B 558 -3.98 -10.23 5.34
C THR B 558 -3.54 -9.60 4.01
N GLY B 559 -3.19 -10.44 3.05
CA GLY B 559 -2.68 -9.97 1.78
C GLY B 559 -3.68 -9.39 0.81
N GLN B 560 -4.95 -9.38 1.20
CA GLN B 560 -5.98 -8.64 0.46
C GLN B 560 -5.89 -7.15 0.75
N ILE B 561 -5.14 -6.75 1.80
CA ILE B 561 -5.14 -5.34 2.25
C ILE B 561 -4.35 -4.42 1.29
N PRO B 562 -4.88 -3.23 0.97
CA PRO B 562 -6.12 -2.69 1.38
C PRO B 562 -7.26 -3.16 0.50
N VAL B 563 -8.37 -3.46 1.17
CA VAL B 563 -9.62 -3.73 0.48
C VAL B 563 -10.69 -2.86 1.15
N TYR B 564 -11.56 -2.26 0.34
CA TYR B 564 -12.50 -1.25 0.86
C TYR B 564 -13.63 -1.04 -0.16
N TYR B 565 -14.83 -0.64 0.30
CA TYR B 565 -16.02 -0.61 -0.59
C TYR B 565 -15.95 0.44 -1.71
N ASN B 566 -15.40 1.58 -1.39
CA ASN B 566 -15.32 2.68 -2.35
C ASN B 566 -14.09 2.59 -3.28
N HIS B 567 -13.99 1.49 -4.01
CA HIS B 567 -12.83 1.25 -4.89
C HIS B 567 -13.08 1.66 -6.32
N LEU B 568 -11.98 1.91 -7.03
CA LEU B 568 -12.03 2.16 -8.48
C LEU B 568 -12.36 0.89 -9.26
N ARG B 569 -12.79 1.06 -10.48
CA ARG B 569 -13.27 -0.06 -11.28
C ARG B 569 -12.16 -0.86 -11.94
N THR B 570 -11.09 -0.16 -12.28
CA THR B 570 -10.01 -0.61 -13.11
C THR B 570 -10.48 -0.77 -14.57
N GLY B 571 -9.49 -0.99 -15.42
CA GLY B 571 -9.71 -1.19 -16.83
C GLY B 571 -10.13 -2.59 -17.18
N ARG B 572 -9.99 -3.57 -16.27
CA ARG B 572 -10.49 -4.91 -16.52
C ARG B 572 -11.26 -5.56 -15.34
N PRO B 573 -12.43 -4.98 -14.96
CA PRO B 573 -13.19 -5.42 -13.83
C PRO B 573 -13.70 -6.86 -13.99
N GLN B 574 -13.74 -7.57 -12.89
CA GLN B 574 -14.45 -8.86 -12.91
C GLN B 574 -15.93 -8.57 -12.93
N THR B 575 -16.65 -9.32 -13.73
CA THR B 575 -18.05 -9.20 -13.83
C THR B 575 -18.62 -10.60 -13.59
N PRO B 576 -19.93 -10.67 -13.28
CA PRO B 576 -20.62 -11.93 -13.43
C PRO B 576 -20.27 -12.62 -14.76
N GLU B 577 -20.25 -11.85 -15.86
CA GLU B 577 -20.02 -12.38 -17.20
C GLU B 577 -18.65 -13.04 -17.36
N ASN B 578 -17.56 -12.32 -17.06
CA ASN B 578 -16.17 -12.82 -17.38
C ASN B 578 -15.50 -13.59 -16.28
N LYS B 579 -16.17 -13.71 -15.14
CA LYS B 579 -15.60 -14.43 -14.01
C LYS B 579 -15.24 -15.81 -14.58
N GLY B 580 -14.02 -16.27 -14.24
CA GLY B 580 -13.43 -17.44 -14.87
C GLY B 580 -12.25 -17.17 -15.77
N GLU B 581 -12.25 -16.04 -16.48
CA GLU B 581 -11.14 -15.72 -17.41
C GLU B 581 -9.88 -15.25 -16.68
N ARG B 582 -8.75 -15.51 -17.34
CA ARG B 582 -7.42 -15.17 -16.83
C ARG B 582 -7.22 -13.63 -16.79
N TYR B 583 -7.48 -12.96 -17.89
CA TYR B 583 -7.09 -11.57 -18.02
C TYR B 583 -8.12 -10.53 -17.50
N VAL B 584 -8.40 -10.63 -16.21
CA VAL B 584 -9.24 -9.71 -15.46
C VAL B 584 -8.59 -9.46 -14.08
N SER B 585 -8.93 -8.35 -13.43
CA SER B 585 -8.42 -8.04 -12.11
C SER B 585 -8.97 -9.04 -11.09
N HIS B 586 -8.13 -9.95 -10.69
CA HIS B 586 -8.49 -10.98 -9.71
C HIS B 586 -7.23 -11.51 -9.06
N TYR B 587 -7.43 -12.18 -7.93
CA TYR B 587 -6.42 -13.01 -7.31
C TYR B 587 -6.58 -14.51 -7.72
N LEU B 588 -5.48 -15.20 -7.90
CA LEU B 588 -5.51 -16.67 -8.15
C LEU B 588 -6.02 -17.40 -6.91
N ASP B 589 -5.81 -16.88 -5.71
CA ASP B 589 -6.04 -17.68 -4.53
C ASP B 589 -7.20 -17.24 -3.61
N ILE B 590 -7.73 -16.03 -3.77
CA ILE B 590 -8.92 -15.55 -2.96
C ILE B 590 -9.89 -14.79 -3.87
N PRO B 591 -11.17 -14.62 -3.45
CA PRO B 591 -12.09 -13.65 -4.06
C PRO B 591 -11.58 -12.18 -3.96
N ASN B 592 -12.04 -11.33 -4.86
CA ASN B 592 -11.80 -9.85 -4.76
C ASN B 592 -12.58 -9.22 -3.64
N GLU B 593 -13.72 -9.80 -3.34
CA GLU B 593 -14.59 -9.27 -2.32
C GLU B 593 -13.93 -9.49 -0.98
N PRO B 594 -14.13 -8.54 -0.06
CA PRO B 594 -13.78 -8.79 1.32
C PRO B 594 -14.65 -9.87 1.88
N PHE B 595 -14.28 -10.41 3.04
CA PHE B 595 -15.11 -11.45 3.68
C PHE B 595 -16.47 -10.89 4.11
N TYR B 596 -16.46 -9.70 4.74
CA TYR B 596 -17.64 -8.92 5.06
C TYR B 596 -17.43 -7.49 4.58
N PRO B 597 -18.44 -6.92 3.94
CA PRO B 597 -18.34 -5.58 3.37
C PRO B 597 -18.82 -4.46 4.25
N PHE B 598 -18.43 -3.24 3.87
CA PHE B 598 -18.86 -2.00 4.50
C PHE B 598 -20.39 -1.95 4.55
N GLY B 599 -20.94 -1.57 5.71
CA GLY B 599 -22.37 -1.36 5.89
C GLY B 599 -23.16 -2.66 6.17
N TYR B 600 -22.46 -3.77 6.33
CA TYR B 600 -23.09 -5.10 6.49
C TYR B 600 -23.29 -5.45 7.94
N GLY B 601 -24.47 -5.98 8.25
CA GLY B 601 -24.79 -6.41 9.61
C GLY B 601 -26.17 -7.01 9.62
N LYS B 602 -26.36 -8.00 10.46
CA LYS B 602 -27.64 -8.67 10.59
C LYS B 602 -28.51 -8.11 11.73
N SER B 603 -29.74 -8.63 11.84
CA SER B 603 -30.73 -8.21 12.84
C SER B 603 -31.62 -9.44 13.19
N TYR B 604 -32.23 -9.42 14.36
CA TYR B 604 -33.25 -10.43 14.65
C TYR B 604 -34.58 -10.10 13.95
N SER B 605 -34.70 -8.89 13.36
CA SER B 605 -35.87 -8.46 12.58
C SER B 605 -35.61 -8.65 11.10
N GLU B 606 -36.64 -8.39 10.31
CA GLU B 606 -36.62 -8.41 8.88
C GLU B 606 -37.33 -7.13 8.44
N PHE B 607 -36.79 -6.47 7.43
CA PHE B 607 -37.22 -5.14 7.00
C PHE B 607 -37.44 -5.16 5.52
N GLU B 608 -38.33 -4.32 5.00
CA GLU B 608 -38.38 -4.10 3.54
C GLU B 608 -38.36 -2.61 3.28
N LEU B 609 -37.70 -2.20 2.19
CA LEU B 609 -37.51 -0.80 1.83
C LEU B 609 -38.07 -0.53 0.44
N LYS B 610 -38.57 0.67 0.23
CA LYS B 610 -39.13 1.09 -1.06
C LYS B 610 -38.73 2.53 -1.22
N THR B 611 -38.12 2.85 -2.34
CA THR B 611 -37.65 4.21 -2.62
C THR B 611 -38.66 4.88 -3.52
N SER B 612 -39.14 6.05 -3.12
CA SER B 612 -40.11 6.78 -3.96
C SER B 612 -39.48 7.24 -5.25
N SER B 613 -40.36 7.49 -6.23
CA SER B 613 -40.01 7.87 -7.58
C SER B 613 -38.97 8.98 -7.59
N LEU B 614 -37.84 8.71 -8.26
CA LEU B 614 -36.75 9.69 -8.40
C LEU B 614 -36.90 10.36 -9.75
N PRO B 615 -36.45 11.62 -9.89
CA PRO B 615 -36.36 12.17 -11.27
C PRO B 615 -35.34 11.46 -12.20
N LYS B 616 -35.55 11.52 -13.49
CA LYS B 616 -34.62 10.94 -14.47
C LYS B 616 -33.45 11.91 -14.73
N GLU B 617 -33.72 13.21 -14.54
CA GLU B 617 -32.79 14.28 -14.83
C GLU B 617 -32.75 15.29 -13.68
N LEU B 618 -31.65 16.04 -13.64
CA LEU B 618 -31.33 16.99 -12.57
C LEU B 618 -30.50 18.06 -13.22
N ASN B 619 -30.67 19.31 -12.83
CA ASN B 619 -29.73 20.36 -13.28
C ASN B 619 -28.42 20.32 -12.48
N LEU B 620 -27.34 20.79 -13.04
CA LEU B 620 -26.12 21.02 -12.25
C LEU B 620 -26.49 21.93 -11.09
N GLY B 621 -25.88 21.68 -9.93
CA GLY B 621 -26.18 22.48 -8.72
C GLY B 621 -27.46 22.09 -7.97
N GLU B 622 -28.25 21.20 -8.54
CA GLU B 622 -29.52 20.88 -7.96
C GLU B 622 -29.33 19.72 -6.98
N SER B 623 -30.08 19.76 -5.89
CA SER B 623 -30.14 18.64 -4.95
C SER B 623 -31.01 17.50 -5.44
N LEU B 624 -30.59 16.27 -5.17
CA LEU B 624 -31.48 15.13 -5.29
C LEU B 624 -32.07 14.75 -3.91
N HIS B 625 -33.41 14.71 -3.87
CA HIS B 625 -34.17 14.43 -2.67
C HIS B 625 -34.63 13.00 -2.75
N VAL B 626 -34.35 12.20 -1.73
CA VAL B 626 -34.50 10.72 -1.80
C VAL B 626 -35.41 10.30 -0.66
N GLU B 627 -36.58 9.79 -1.01
CA GLU B 627 -37.56 9.39 0.00
C GLU B 627 -37.56 7.87 0.09
N VAL B 628 -37.44 7.36 1.32
CA VAL B 628 -37.46 5.90 1.54
C VAL B 628 -38.44 5.46 2.62
N THR B 629 -39.29 4.52 2.26
CA THR B 629 -40.24 3.93 3.17
C THR B 629 -39.73 2.61 3.60
N ILE B 630 -39.58 2.44 4.90
CA ILE B 630 -39.09 1.20 5.47
C ILE B 630 -40.13 0.59 6.40
N LYS B 631 -40.28 -0.72 6.31
CA LYS B 631 -41.23 -1.43 7.17
C LYS B 631 -40.57 -2.60 7.85
N ASN B 632 -40.76 -2.70 9.18
CA ASN B 632 -40.45 -3.90 9.93
C ASN B 632 -41.54 -4.97 9.72
N ILE B 633 -41.23 -6.00 8.94
CA ILE B 633 -42.18 -7.06 8.59
C ILE B 633 -42.04 -8.31 9.46
N SER B 634 -41.34 -8.18 10.58
CA SER B 634 -41.22 -9.26 11.56
C SER B 634 -41.97 -8.90 12.85
N ASP B 635 -41.92 -9.80 13.78
CA ASP B 635 -42.55 -9.62 15.06
C ASP B 635 -41.61 -9.11 16.12
N ILE B 636 -40.41 -8.71 15.71
CA ILE B 636 -39.40 -8.30 16.66
C ILE B 636 -39.10 -6.81 16.47
N ALA B 637 -39.19 -5.99 17.52
CA ALA B 637 -38.78 -4.59 17.37
C ALA B 637 -37.26 -4.61 17.01
N GLY B 638 -36.82 -3.67 16.19
CA GLY B 638 -35.37 -3.48 15.94
C GLY B 638 -35.04 -2.21 15.18
N LYS B 639 -33.76 -2.02 14.92
CA LYS B 639 -33.30 -0.91 14.10
C LYS B 639 -32.54 -1.35 12.87
N GLU B 640 -32.80 -0.66 11.75
CA GLU B 640 -32.08 -0.85 10.47
C GLU B 640 -31.31 0.44 10.14
N VAL B 641 -30.23 0.30 9.42
CA VAL B 641 -29.48 1.46 8.92
C VAL B 641 -29.66 1.60 7.44
N ILE B 642 -30.47 2.59 7.08
CA ILE B 642 -30.70 2.91 5.67
C ILE B 642 -29.49 3.67 5.15
N GLN B 643 -28.93 3.21 4.05
CA GLN B 643 -27.73 3.78 3.45
C GLN B 643 -28.03 4.17 2.02
N VAL B 644 -27.48 5.30 1.64
CA VAL B 644 -27.57 5.78 0.28
C VAL B 644 -26.18 6.08 -0.25
N TYR B 645 -25.89 5.50 -1.42
CA TYR B 645 -24.61 5.69 -2.09
C TYR B 645 -24.85 6.38 -3.42
N LEU B 646 -23.81 7.06 -3.92
CA LEU B 646 -23.79 7.64 -5.27
C LEU B 646 -22.56 7.09 -6.01
N GLN B 647 -22.72 6.87 -7.34
CA GLN B 647 -21.60 6.63 -8.22
C GLN B 647 -21.57 7.62 -9.38
N ASP B 648 -20.37 8.04 -9.79
CA ASP B 648 -20.20 8.87 -10.93
C ASP B 648 -19.67 8.01 -12.06
N VAL B 649 -20.53 7.69 -13.03
CA VAL B 649 -20.25 6.61 -13.97
C VAL B 649 -19.06 6.94 -14.85
N THR B 650 -18.99 8.19 -15.25
CA THR B 650 -17.96 8.64 -16.20
C THR B 650 -17.45 9.98 -15.77
N ALA B 651 -16.16 10.11 -15.64
CA ALA B 651 -15.68 11.38 -15.17
C ALA B 651 -14.30 11.64 -15.68
N SER B 652 -13.82 12.87 -15.52
CA SER B 652 -12.44 13.16 -15.86
C SER B 652 -11.38 12.52 -14.92
N ILE B 653 -11.80 12.02 -13.76
CA ILE B 653 -10.98 11.21 -12.86
C ILE B 653 -11.76 9.90 -12.72
N SER B 654 -11.06 8.78 -12.63
CA SER B 654 -11.75 7.48 -12.45
C SER B 654 -12.35 7.51 -11.05
N ARG B 655 -13.70 7.45 -10.93
CA ARG B 655 -14.40 7.66 -9.65
C ARG B 655 -14.80 6.35 -8.98
N PRO B 656 -14.95 6.35 -7.67
CA PRO B 656 -15.29 5.10 -7.02
C PRO B 656 -16.59 4.49 -7.52
N VAL B 657 -16.68 3.16 -7.39
CA VAL B 657 -17.90 2.43 -7.77
C VAL B 657 -19.10 2.82 -6.89
N LYS B 658 -18.81 3.25 -5.65
CA LYS B 658 -19.83 3.76 -4.73
C LYS B 658 -19.16 4.65 -3.67
N GLU B 659 -19.92 5.61 -3.18
CA GLU B 659 -19.52 6.42 -2.04
C GLU B 659 -20.76 6.64 -1.23
N LEU B 660 -20.65 6.41 0.06
CA LEU B 660 -21.78 6.70 0.97
C LEU B 660 -21.99 8.21 0.98
N LYS B 661 -23.26 8.62 0.84
CA LYS B 661 -23.60 10.04 0.95
C LYS B 661 -24.73 10.36 1.91
N ALA B 662 -25.36 9.36 2.53
CA ALA B 662 -26.35 9.59 3.55
C ALA B 662 -26.65 8.27 4.24
N PHE B 663 -27.15 8.37 5.46
CA PHE B 663 -27.47 7.25 6.28
C PHE B 663 -28.36 7.71 7.43
N GLU B 664 -29.24 6.82 7.87
CA GLU B 664 -30.04 7.08 9.05
C GLU B 664 -30.42 5.77 9.62
N LYS B 665 -30.31 5.65 10.93
CA LYS B 665 -30.61 4.43 11.64
C LYS B 665 -32.05 4.58 12.13
N VAL B 666 -32.91 3.74 11.61
CA VAL B 666 -34.37 3.82 11.84
C VAL B 666 -34.86 2.71 12.81
N ALA B 667 -35.51 3.10 13.90
CA ALA B 667 -36.12 2.20 14.87
C ALA B 667 -37.59 1.96 14.54
N LEU B 668 -37.96 0.69 14.53
CA LEU B 668 -39.28 0.25 14.18
C LEU B 668 -39.75 -0.87 15.11
N GLN B 669 -40.93 -0.68 15.69
CA GLN B 669 -41.70 -1.74 16.32
C GLN B 669 -42.11 -2.79 15.30
N ALA B 670 -42.46 -3.97 15.80
CA ALA B 670 -43.06 -5.00 14.95
C ALA B 670 -44.20 -4.42 14.16
N GLY B 671 -44.13 -4.57 12.85
CA GLY B 671 -45.15 -4.11 11.93
C GLY B 671 -45.06 -2.65 11.57
N GLU B 672 -44.25 -1.88 12.27
CA GLU B 672 -44.24 -0.44 12.10
C GLU B 672 -43.59 -0.05 10.79
N GLU B 673 -44.06 1.07 10.26
CA GLU B 673 -43.58 1.63 9.02
C GLU B 673 -43.29 3.12 9.16
N LYS B 674 -42.18 3.56 8.55
CA LYS B 674 -41.74 4.95 8.59
C LYS B 674 -41.23 5.39 7.25
N THR B 675 -41.25 6.70 7.05
CA THR B 675 -40.71 7.31 5.84
C THR B 675 -39.64 8.29 6.26
N VAL B 676 -38.46 8.18 5.65
CA VAL B 676 -37.37 9.14 5.91
C VAL B 676 -36.95 9.68 4.58
N THR B 677 -36.40 10.88 4.62
CA THR B 677 -36.02 11.59 3.39
C THR B 677 -34.57 12.04 3.52
N PHE B 678 -33.84 12.08 2.42
CA PHE B 678 -32.43 12.48 2.42
C PHE B 678 -32.27 13.59 1.37
N GLU B 679 -31.39 14.54 1.58
CA GLU B 679 -31.04 15.48 0.52
C GLU B 679 -29.56 15.29 0.10
N LEU B 680 -29.33 14.87 -1.13
CA LEU B 680 -27.98 14.75 -1.59
C LEU B 680 -27.81 16.05 -2.34
N THR B 681 -27.07 16.98 -1.75
CA THR B 681 -26.80 18.26 -2.41
C THR B 681 -25.86 18.03 -3.53
N SER B 682 -25.70 19.07 -4.37
CA SER B 682 -24.82 18.98 -5.50
C SER B 682 -23.36 18.78 -5.05
N GLU B 683 -23.02 19.13 -3.81
CA GLU B 683 -21.73 18.76 -3.28
C GLU B 683 -21.54 17.20 -3.22
N ALA B 684 -22.59 16.41 -2.96
CA ALA B 684 -22.48 14.93 -3.01
C ALA B 684 -22.09 14.41 -4.40
N PHE B 685 -22.41 15.19 -5.43
CA PHE B 685 -22.14 14.82 -6.83
C PHE B 685 -20.74 15.29 -7.35
N SER B 686 -20.02 16.02 -6.48
CA SER B 686 -18.77 16.68 -6.83
C SER B 686 -17.51 15.94 -6.40
N PHE B 687 -16.38 16.35 -6.96
CA PHE B 687 -15.13 15.71 -6.65
C PHE B 687 -14.03 16.63 -7.04
N TYR B 688 -12.82 16.30 -6.56
CA TYR B 688 -11.59 16.97 -6.99
C TYR B 688 -11.00 16.49 -8.32
N ASN B 689 -10.67 17.44 -9.19
CA ASN B 689 -10.18 17.05 -10.47
C ASN B 689 -8.64 17.06 -10.50
N HIS B 690 -8.09 16.70 -11.66
CA HIS B 690 -6.66 16.63 -11.89
C HIS B 690 -5.91 17.91 -11.58
N GLN B 691 -6.59 19.05 -11.67
CA GLN B 691 -6.03 20.33 -11.22
C GLN B 691 -6.40 20.75 -9.75
N LEU B 692 -6.95 19.83 -8.98
CA LEU B 692 -7.37 20.10 -7.54
C LEU B 692 -8.53 21.09 -7.36
N GLU B 693 -9.26 21.37 -8.43
CA GLU B 693 -10.57 22.05 -8.32
C GLU B 693 -11.70 21.13 -7.87
N LYS B 694 -12.57 21.66 -7.02
CA LYS B 694 -13.80 20.99 -6.62
C LYS B 694 -14.80 21.29 -7.69
N VAL B 695 -15.20 20.26 -8.41
CA VAL B 695 -15.97 20.39 -9.65
C VAL B 695 -17.23 19.54 -9.64
N GLN B 696 -18.20 19.95 -10.44
CA GLN B 696 -19.38 19.15 -10.76
C GLN B 696 -19.45 19.07 -12.30
N GLU B 697 -19.43 17.85 -12.78
CA GLU B 697 -19.51 17.60 -14.22
C GLU B 697 -20.89 17.03 -14.65
N PRO B 698 -21.39 17.47 -15.82
CA PRO B 698 -22.62 16.83 -16.32
C PRO B 698 -22.39 15.36 -16.69
N GLY B 699 -23.46 14.57 -16.59
CA GLY B 699 -23.41 13.15 -16.93
C GLY B 699 -24.25 12.25 -16.05
N LEU B 700 -24.02 10.92 -16.21
CA LEU B 700 -24.82 9.89 -15.51
C LEU B 700 -24.30 9.57 -14.13
N HIS B 701 -25.19 9.53 -13.14
CA HIS B 701 -24.89 9.00 -11.84
C HIS B 701 -25.86 7.88 -11.56
N ARG B 702 -25.43 6.95 -10.72
CA ARG B 702 -26.30 5.93 -10.17
C ARG B 702 -26.40 6.21 -8.68
N VAL B 703 -27.61 6.02 -8.18
CA VAL B 703 -28.02 6.12 -6.80
C VAL B 703 -28.41 4.72 -6.29
N PHE B 704 -27.83 4.31 -5.16
CA PHE B 704 -28.01 3.04 -4.55
C PHE B 704 -28.68 3.29 -3.20
N VAL B 705 -29.84 2.71 -3.03
CA VAL B 705 -30.51 2.73 -1.72
C VAL B 705 -30.61 1.31 -1.16
N GLY B 706 -30.22 1.13 0.09
CA GLY B 706 -30.32 -0.17 0.75
C GLY B 706 -29.76 -0.20 2.18
N THR B 707 -29.36 -1.40 2.63
CA THR B 707 -28.96 -1.67 4.00
C THR B 707 -27.51 -2.18 4.19
N SER B 708 -26.79 -2.27 3.05
CA SER B 708 -25.33 -2.40 3.03
C SER B 708 -24.82 -1.76 1.74
N SER B 709 -23.50 -1.75 1.54
CA SER B 709 -22.92 -1.37 0.29
C SER B 709 -23.16 -2.40 -0.81
N GLU B 710 -23.63 -3.61 -0.45
CA GLU B 710 -24.00 -4.66 -1.39
C GLU B 710 -25.50 -4.85 -1.60
N ASP B 711 -26.29 -4.73 -0.54
CA ASP B 711 -27.78 -4.90 -0.56
C ASP B 711 -28.51 -3.60 -0.85
N VAL B 712 -28.61 -3.29 -2.13
CA VAL B 712 -29.13 -2.00 -2.56
C VAL B 712 -30.01 -2.19 -3.82
N ASP B 713 -30.95 -1.26 -4.03
CA ASP B 713 -31.63 -1.10 -5.32
C ASP B 713 -30.89 0.03 -6.00
N VAL B 714 -30.82 0.01 -7.33
CA VAL B 714 -30.04 1.01 -8.09
C VAL B 714 -30.94 1.86 -8.99
N PHE B 715 -30.65 3.16 -9.08
CA PHE B 715 -31.42 4.09 -9.88
C PHE B 715 -30.47 4.97 -10.64
N GLU B 716 -30.88 5.42 -11.84
CA GLU B 716 -30.06 6.26 -12.67
C GLU B 716 -30.60 7.67 -12.74
N VAL B 717 -29.69 8.62 -12.66
CA VAL B 717 -30.00 10.07 -12.85
C VAL B 717 -29.00 10.73 -13.75
N GLU B 718 -29.51 11.33 -14.83
CA GLU B 718 -28.73 12.06 -15.78
C GLU B 718 -28.66 13.53 -15.38
N VAL B 719 -27.47 13.95 -14.91
CA VAL B 719 -27.21 15.37 -14.61
C VAL B 719 -26.68 16.17 -15.80
N GLY B 720 -27.34 17.30 -16.10
CA GLY B 720 -26.79 18.28 -17.03
C GLY B 720 -27.51 19.59 -17.10
N GLY B 721 -27.30 20.34 -18.18
CA GLY B 721 -28.10 21.52 -18.51
C GLY B 721 -27.48 22.78 -17.95
N TYR B 722 -28.32 23.63 -17.33
CA TYR B 722 -27.83 24.85 -16.61
C TYR B 722 -27.49 24.62 -15.15
N VAL B 723 -26.90 25.63 -14.52
CA VAL B 723 -26.54 25.52 -13.05
C VAL B 723 -27.46 26.34 -12.12
N LEU B 724 -27.88 25.79 -10.98
CA LEU B 724 -28.49 26.60 -9.87
C LEU B 724 -27.40 27.36 -9.11
C2 BGC C . -1.88 -9.17 -23.50
C3 BGC C . -2.96 -9.14 -22.35
C4 BGC C . -4.23 -9.60 -23.00
C5 BGC C . -4.00 -11.02 -23.67
C6 BGC C . -5.27 -11.47 -24.26
C1 BGC C . -1.82 -10.55 -24.09
O1 BGC C . -1.03 -10.43 -25.28
O2 BGC C . -0.53 -8.88 -23.08
O3 BGC C . -3.16 -7.82 -21.70
O4 BGC C . -5.25 -9.72 -21.99
O5 BGC C . -3.00 -11.00 -24.68
O6 BGC C . -4.89 -12.38 -25.27
C2 BGC C . 0.87 -7.39 -21.90
C3 BGC C . 2.07 -6.54 -22.43
C4 BGC C . 2.49 -7.04 -23.78
C5 BGC C . 1.43 -6.54 -24.72
C6 BGC C . 1.60 -7.17 -26.09
C1 BGC C . -0.21 -7.52 -22.97
O2 BGC C . 0.34 -6.85 -20.68
O3 BGC C . 3.16 -6.50 -21.59
O4 BGC C . 3.66 -6.51 -24.17
O5 BGC C . 0.05 -6.74 -24.17
O6 BGC C . 1.31 -8.52 -25.86
C2 BGC D . 1.97 9.73 23.32
C3 BGC D . 2.94 8.80 22.59
C4 BGC D . 4.19 8.75 23.40
C5 BGC D . 3.85 8.37 24.84
C6 BGC D . 5.07 8.54 25.66
C1 BGC D . 1.75 9.10 24.69
O1 BGC D . 0.82 9.82 25.47
O2 BGC D . 0.70 9.89 22.69
O3 BGC D . 3.34 9.32 21.34
O4 BGC D . 5.04 7.80 22.86
O5 BGC D . 2.88 9.33 25.40
O6 BGC D . 4.72 7.97 26.91
C2 BGC D . -0.71 10.09 20.80
C3 BGC D . -1.75 11.17 20.51
C4 BGC D . -2.15 11.75 21.88
C5 BGC D . -0.95 12.64 22.34
C6 BGC D . -1.02 13.12 23.79
C1 BGC D . 0.52 10.67 21.51
O2 BGC D . -0.29 9.42 19.59
O3 BGC D . -2.84 10.56 19.83
O4 BGC D . -3.40 12.44 21.78
O5 BGC D . 0.30 11.91 22.33
O6 BGC D . -1.22 11.95 24.60
MG MG E . 21.11 17.12 2.58
MG MG F . -19.77 11.92 -14.44
#